data_3WCH
#
_entry.id   3WCH
#
_cell.length_a   85.63
_cell.length_b   153.55
_cell.length_c   90.40
_cell.angle_alpha   90.00
_cell.angle_beta   91.18
_cell.angle_gamma   90.00
#
_symmetry.space_group_name_H-M   'P 1 21 1'
#
loop_
_entity.id
_entity.type
_entity.pdbx_description
1 polymer 'Squalene synthase'
2 non-polymer 'hydrogen [(1R)-2-(3-decyl-1H-imidazol-3-ium-1-yl)-1-hydroxy-1-phosphonoethyl]phosphonate'
3 water water
#
_entity_poly.entity_id   1
_entity_poly.type   'polypeptide(L)'
_entity_poly.pdbx_seq_one_letter_code
;MGSSHHHHHHSSGLVPRGSHMDQDSLSSSLKTCYKYLNQTSRSFAAVIQALDGEMRNAVCIFYLVLRALDTLEDDMTISV
EKKVPLLHNFHSFLYQPDWRFMESKEKDRQVLEDFPTISLEFRNLAEKYQTVIADICRRMGIGMAEFLDKHVTSEQEWDK
YCHYVAGLVGIGLSRLFSASEFEDPLVGEDTERANSMGLFLQKTNIIRDYLEDQQGGREFWPQEVWSRYVKKLGDFALPE
NIDLAVQCLNELITNALHHIPDVITYLSRLRNQSVFNFCAIPQVMAIATLAACYNNQQVFKGAVLIRLGQAVTLMMDATN
MPAVKAIIYQYMEEIYHRIPDSNPSSSKTRQIISTIRTQN
;
_entity_poly.pdbx_strand_id   A,B,C,D,E,F
#
loop_
_chem_comp.id
_chem_comp.type
_chem_comp.name
_chem_comp.formula
8PH non-polymer 'hydrogen [(1R)-2-(3-decyl-1H-imidazol-3-ium-1-yl)-1-hydroxy-1-phosphonoethyl]phosphonate' 'C15 H30 N2 O7 P2'
#
# COMPACT_ATOMS: atom_id res chain seq x y z
N LEU A 26 -8.12 -9.82 32.21
CA LEU A 26 -9.13 -9.41 33.24
C LEU A 26 -10.27 -10.42 33.37
N SER A 27 -11.23 -10.41 32.42
CA SER A 27 -12.35 -11.35 32.48
C SER A 27 -11.84 -12.78 32.70
N SER A 28 -12.28 -13.41 33.78
CA SER A 28 -11.85 -14.76 34.09
C SER A 28 -12.46 -15.80 33.16
N SER A 29 -13.63 -15.51 32.63
CA SER A 29 -14.29 -16.45 31.72
C SER A 29 -13.55 -16.39 30.39
N LEU A 30 -13.00 -15.23 30.08
CA LEU A 30 -12.23 -15.05 28.86
C LEU A 30 -10.86 -15.70 29.06
N LYS A 31 -10.32 -15.56 30.26
CA LYS A 31 -9.04 -16.17 30.56
C LYS A 31 -9.24 -17.68 30.42
N THR A 32 -10.43 -18.14 30.79
CA THR A 32 -10.75 -19.56 30.71
C THR A 32 -10.85 -20.04 29.27
N CYS A 33 -11.34 -19.18 28.39
CA CYS A 33 -11.46 -19.54 26.99
C CYS A 33 -10.08 -19.77 26.39
N TYR A 34 -9.13 -18.89 26.72
CA TYR A 34 -7.77 -19.02 26.22
C TYR A 34 -7.09 -20.24 26.86
N LYS A 35 -7.58 -20.66 28.03
CA LYS A 35 -7.01 -21.85 28.64
C LYS A 35 -7.48 -23.01 27.76
N TYR A 36 -8.77 -23.01 27.40
CA TYR A 36 -9.30 -24.07 26.56
C TYR A 36 -8.71 -24.01 25.15
N LEU A 37 -8.42 -22.81 24.66
CA LEU A 37 -7.86 -22.68 23.33
C LEU A 37 -6.52 -23.39 23.26
N ASN A 38 -5.70 -23.16 24.27
CA ASN A 38 -4.38 -23.78 24.33
C ASN A 38 -4.50 -25.27 24.63
N GLN A 39 -5.58 -25.66 25.30
CA GLN A 39 -5.81 -27.06 25.62
C GLN A 39 -6.25 -27.87 24.41
N THR A 40 -7.10 -27.26 23.58
CA THR A 40 -7.66 -27.92 22.40
C THR A 40 -6.94 -27.64 21.09
N SER A 41 -5.95 -26.76 21.12
CA SER A 41 -5.19 -26.43 19.92
C SER A 41 -3.70 -26.28 20.19
N ARG A 42 -3.04 -27.38 20.48
CA ARG A 42 -1.61 -27.38 20.76
C ARG A 42 -0.80 -26.60 19.74
N SER A 43 -1.10 -26.83 18.46
CA SER A 43 -0.34 -26.22 17.39
C SER A 43 -0.77 -24.89 16.76
N PHE A 44 -1.95 -24.39 17.07
CA PHE A 44 -2.37 -23.14 16.44
C PHE A 44 -2.83 -22.03 17.38
N ALA A 45 -2.81 -22.27 18.68
CA ALA A 45 -3.26 -21.25 19.63
C ALA A 45 -2.39 -20.00 19.55
N ALA A 46 -1.10 -20.21 19.36
CA ALA A 46 -0.15 -19.10 19.29
C ALA A 46 -0.47 -18.16 18.14
N VAL A 47 -0.75 -18.71 16.96
CA VAL A 47 -1.06 -17.88 15.79
C VAL A 47 -2.37 -17.13 15.97
N ILE A 48 -3.36 -17.81 16.53
CA ILE A 48 -4.65 -17.18 16.78
C ILE A 48 -4.45 -16.02 17.75
N GLN A 49 -3.67 -16.23 18.80
CA GLN A 49 -3.43 -15.17 19.78
C GLN A 49 -2.61 -14.03 19.20
N ALA A 50 -2.06 -14.22 18.01
CA ALA A 50 -1.25 -13.19 17.38
C ALA A 50 -2.07 -12.30 16.46
N LEU A 51 -3.35 -12.63 16.27
CA LEU A 51 -4.21 -11.83 15.41
C LEU A 51 -4.44 -10.45 16.02
N ASP A 52 -4.56 -9.45 15.15
CA ASP A 52 -4.77 -8.06 15.58
C ASP A 52 -6.14 -7.78 16.17
N GLY A 53 -6.19 -6.75 17.00
CA GLY A 53 -7.41 -6.31 17.63
C GLY A 53 -8.53 -7.29 17.93
N GLU A 54 -9.73 -6.96 17.47
CA GLU A 54 -10.93 -7.77 17.70
C GLU A 54 -10.93 -9.18 17.14
N MET A 55 -10.18 -9.45 16.07
CA MET A 55 -10.16 -10.78 15.46
C MET A 55 -9.64 -11.85 16.43
N ARG A 56 -8.79 -11.43 17.36
CA ARG A 56 -8.21 -12.34 18.33
C ARG A 56 -9.28 -13.09 19.13
N ASN A 57 -10.12 -12.36 19.85
CA ASN A 57 -11.18 -13.01 20.63
C ASN A 57 -12.21 -13.64 19.71
N ALA A 58 -12.53 -12.97 18.60
CA ALA A 58 -13.51 -13.53 17.67
C ALA A 58 -13.09 -14.93 17.22
N VAL A 59 -11.87 -15.06 16.70
CA VAL A 59 -11.38 -16.35 16.24
C VAL A 59 -11.17 -17.35 17.38
N CYS A 60 -10.84 -16.86 18.57
CA CYS A 60 -10.65 -17.75 19.69
C CYS A 60 -11.98 -18.44 20.00
N ILE A 61 -13.03 -17.64 20.10
CA ILE A 61 -14.35 -18.14 20.39
C ILE A 61 -14.83 -19.04 19.26
N PHE A 62 -14.65 -18.59 18.03
CA PHE A 62 -15.08 -19.38 16.89
C PHE A 62 -14.41 -20.76 16.94
N TYR A 63 -13.16 -20.81 17.40
CA TYR A 63 -12.45 -22.08 17.47
C TYR A 63 -13.06 -22.97 18.54
N LEU A 64 -13.24 -22.41 19.73
CA LEU A 64 -13.83 -23.19 20.80
C LEU A 64 -15.22 -23.70 20.40
N VAL A 65 -16.01 -22.85 19.78
CA VAL A 65 -17.35 -23.22 19.33
C VAL A 65 -17.27 -24.34 18.30
N LEU A 66 -16.34 -24.22 17.35
CA LEU A 66 -16.17 -25.25 16.32
C LEU A 66 -15.62 -26.52 16.93
N ARG A 67 -14.81 -26.37 17.98
CA ARG A 67 -14.22 -27.52 18.65
C ARG A 67 -15.33 -28.32 19.33
N ALA A 68 -16.25 -27.61 19.96
CA ALA A 68 -17.35 -28.28 20.64
C ALA A 68 -18.22 -29.04 19.66
N LEU A 69 -18.65 -28.35 18.61
CA LEU A 69 -19.49 -28.95 17.58
C LEU A 69 -18.80 -30.19 16.97
N ASP A 70 -17.49 -30.09 16.71
CA ASP A 70 -16.73 -31.20 16.12
C ASP A 70 -16.74 -32.40 17.06
N THR A 71 -16.54 -32.13 18.35
CA THR A 71 -16.54 -33.19 19.34
C THR A 71 -17.87 -33.94 19.38
N LEU A 72 -18.98 -33.23 19.19
CA LEU A 72 -20.28 -33.89 19.22
C LEU A 72 -20.38 -34.83 18.01
N GLU A 73 -19.97 -34.36 16.84
CA GLU A 73 -20.02 -35.20 15.64
C GLU A 73 -19.15 -36.44 15.82
N ASP A 74 -17.94 -36.25 16.33
CA ASP A 74 -17.00 -37.35 16.55
C ASP A 74 -17.43 -38.44 17.53
N ASP A 75 -18.12 -38.05 18.60
CA ASP A 75 -18.52 -39.02 19.63
C ASP A 75 -19.49 -40.13 19.22
N MET A 76 -18.96 -41.36 19.14
CA MET A 76 -19.76 -42.52 18.76
C MET A 76 -20.58 -43.15 19.89
N THR A 77 -20.45 -42.64 21.11
CA THR A 77 -21.24 -43.16 22.22
C THR A 77 -22.57 -42.40 22.21
N ILE A 78 -22.70 -41.49 21.26
CA ILE A 78 -23.91 -40.71 21.11
C ILE A 78 -24.62 -41.27 19.89
N SER A 79 -25.80 -41.83 20.09
CA SER A 79 -26.55 -42.42 18.99
C SER A 79 -26.94 -41.37 17.95
N VAL A 80 -27.12 -41.80 16.71
CA VAL A 80 -27.49 -40.92 15.61
C VAL A 80 -28.75 -40.09 15.92
N GLU A 81 -29.79 -40.74 16.46
CA GLU A 81 -31.04 -40.04 16.76
C GLU A 81 -30.90 -39.00 17.85
N LYS A 82 -29.88 -39.09 18.67
CA LYS A 82 -29.68 -38.11 19.72
C LYS A 82 -28.73 -37.05 19.20
N LYS A 83 -27.87 -37.44 18.27
CA LYS A 83 -26.87 -36.52 17.71
C LYS A 83 -27.43 -35.56 16.67
N VAL A 84 -28.33 -36.04 15.82
CA VAL A 84 -28.91 -35.19 14.80
C VAL A 84 -29.50 -33.90 15.39
N PRO A 85 -30.23 -33.98 16.51
CA PRO A 85 -30.80 -32.77 17.11
C PRO A 85 -29.73 -31.82 17.63
N LEU A 86 -28.75 -32.36 18.31
CA LEU A 86 -27.66 -31.55 18.87
C LEU A 86 -26.92 -30.78 17.78
N LEU A 87 -26.74 -31.41 16.61
CA LEU A 87 -26.05 -30.80 15.49
C LEU A 87 -26.92 -29.74 14.84
N HIS A 88 -28.20 -30.05 14.67
CA HIS A 88 -29.14 -29.12 14.06
C HIS A 88 -29.38 -27.88 14.92
N ASN A 89 -29.41 -28.06 16.23
CA ASN A 89 -29.69 -26.94 17.13
C ASN A 89 -28.49 -26.42 17.88
N PHE A 90 -27.29 -26.82 17.46
CA PHE A 90 -26.10 -26.36 18.15
C PHE A 90 -26.03 -24.85 18.07
N HIS A 91 -26.38 -24.30 16.92
CA HIS A 91 -26.34 -22.85 16.73
C HIS A 91 -27.17 -22.05 17.73
N SER A 92 -28.31 -22.59 18.17
CA SER A 92 -29.17 -21.89 19.14
C SER A 92 -28.64 -21.97 20.57
N PHE A 93 -27.94 -23.06 20.91
CA PHE A 93 -27.37 -23.25 22.25
C PHE A 93 -26.47 -22.06 22.58
N LEU A 94 -25.87 -21.46 21.55
CA LEU A 94 -25.00 -20.31 21.76
C LEU A 94 -25.75 -19.19 22.47
N TYR A 95 -27.07 -19.22 22.40
CA TYR A 95 -27.88 -18.19 23.03
C TYR A 95 -28.64 -18.65 24.26
N GLN A 96 -28.30 -19.86 24.72
CA GLN A 96 -28.90 -20.46 25.90
C GLN A 96 -27.82 -20.45 26.97
N PRO A 97 -27.77 -19.37 27.76
CA PRO A 97 -26.80 -19.20 28.84
C PRO A 97 -26.43 -20.43 29.64
N ASP A 98 -27.38 -21.34 29.84
CA ASP A 98 -27.11 -22.51 30.67
C ASP A 98 -26.80 -23.82 29.97
N TRP A 99 -26.90 -23.88 28.65
CA TRP A 99 -26.62 -25.11 27.93
C TRP A 99 -25.19 -25.63 28.06
N ARG A 100 -25.08 -26.93 28.30
CA ARG A 100 -23.81 -27.64 28.39
C ARG A 100 -24.08 -29.10 28.04
N PHE A 101 -23.06 -29.94 28.04
CA PHE A 101 -23.27 -31.35 27.68
C PHE A 101 -22.31 -32.21 28.47
N MET A 102 -22.85 -33.03 29.35
CA MET A 102 -22.02 -33.87 30.21
C MET A 102 -21.76 -35.30 29.82
N GLU A 103 -22.32 -35.78 28.70
CA GLU A 103 -22.14 -37.19 28.33
C GLU A 103 -21.01 -37.52 27.38
N SER A 104 -20.32 -36.52 26.87
CA SER A 104 -19.24 -36.82 25.96
C SER A 104 -18.12 -37.53 26.71
N LYS A 105 -17.44 -38.43 26.01
CA LYS A 105 -16.31 -39.16 26.59
C LYS A 105 -15.14 -38.99 25.62
N GLU A 106 -15.19 -37.90 24.88
CA GLU A 106 -14.15 -37.53 23.91
C GLU A 106 -13.05 -36.74 24.64
N LYS A 107 -11.86 -36.69 24.04
CA LYS A 107 -10.73 -36.00 24.64
C LYS A 107 -10.94 -34.52 24.90
N ASP A 108 -11.71 -33.84 24.05
CA ASP A 108 -11.97 -32.42 24.23
C ASP A 108 -13.34 -32.13 24.85
N ARG A 109 -13.85 -33.08 25.64
CA ARG A 109 -15.15 -32.95 26.27
C ARG A 109 -15.35 -31.73 27.15
N GLN A 110 -14.27 -31.15 27.66
CA GLN A 110 -14.39 -30.00 28.54
C GLN A 110 -15.00 -28.74 27.94
N VAL A 111 -14.87 -28.55 26.63
CA VAL A 111 -15.45 -27.37 26.00
C VAL A 111 -16.97 -27.52 25.97
N LEU A 112 -17.42 -28.77 25.99
CA LEU A 112 -18.84 -29.07 26.00
C LEU A 112 -19.36 -28.99 27.44
N GLU A 113 -18.57 -29.51 28.37
CA GLU A 113 -18.96 -29.50 29.78
C GLU A 113 -18.98 -28.10 30.38
N ASP A 114 -18.16 -27.20 29.86
CA ASP A 114 -18.13 -25.84 30.37
C ASP A 114 -18.50 -24.87 29.25
N PHE A 115 -19.45 -25.29 28.43
CA PHE A 115 -19.90 -24.47 27.31
C PHE A 115 -20.46 -23.11 27.75
N PRO A 116 -21.06 -23.03 28.96
CA PRO A 116 -21.61 -21.75 29.41
C PRO A 116 -20.54 -20.64 29.46
N THR A 117 -19.31 -21.02 29.73
CA THR A 117 -18.23 -20.04 29.78
C THR A 117 -17.94 -19.57 28.36
N ILE A 118 -17.94 -20.52 27.43
CA ILE A 118 -17.69 -20.23 26.03
C ILE A 118 -18.82 -19.41 25.42
N SER A 119 -20.05 -19.84 25.63
CA SER A 119 -21.19 -19.10 25.07
C SER A 119 -21.28 -17.72 25.68
N LEU A 120 -20.86 -17.61 26.94
CA LEU A 120 -20.89 -16.34 27.64
C LEU A 120 -19.99 -15.33 26.90
N GLU A 121 -18.77 -15.74 26.58
CA GLU A 121 -17.85 -14.88 25.86
C GLU A 121 -18.27 -14.70 24.40
N PHE A 122 -19.06 -15.63 23.88
CA PHE A 122 -19.53 -15.53 22.51
C PHE A 122 -20.54 -14.37 22.44
N ARG A 123 -21.38 -14.26 23.46
CA ARG A 123 -22.40 -13.22 23.49
C ARG A 123 -21.81 -11.84 23.82
N ASN A 124 -20.51 -11.81 24.10
CA ASN A 124 -19.82 -10.56 24.38
C ASN A 124 -19.18 -10.03 23.09
N LEU A 125 -19.01 -10.91 22.11
CA LEU A 125 -18.41 -10.50 20.85
C LEU A 125 -19.34 -9.48 20.21
N ALA A 126 -18.79 -8.56 19.42
CA ALA A 126 -19.62 -7.57 18.74
C ALA A 126 -20.62 -8.37 17.89
N GLU A 127 -21.81 -7.83 17.70
CA GLU A 127 -22.85 -8.47 16.91
C GLU A 127 -22.42 -8.95 15.53
N LYS A 128 -21.65 -8.15 14.81
CA LYS A 128 -21.21 -8.53 13.47
C LYS A 128 -20.49 -9.88 13.43
N TYR A 129 -19.80 -10.24 14.52
CA TYR A 129 -19.09 -11.51 14.60
C TYR A 129 -20.07 -12.60 15.00
N GLN A 130 -20.91 -12.32 16.00
CA GLN A 130 -21.91 -13.28 16.44
C GLN A 130 -22.72 -13.81 15.25
N THR A 131 -23.33 -12.90 14.49
CA THR A 131 -24.15 -13.27 13.35
C THR A 131 -23.45 -14.25 12.43
N VAL A 132 -22.19 -13.96 12.09
CA VAL A 132 -21.42 -14.83 11.22
C VAL A 132 -21.21 -16.22 11.84
N ILE A 133 -20.76 -16.25 13.09
CA ILE A 133 -20.50 -17.51 13.76
C ILE A 133 -21.73 -18.40 13.96
N ALA A 134 -22.84 -17.82 14.38
CA ALA A 134 -24.05 -18.61 14.56
C ALA A 134 -24.50 -19.14 13.19
N ASP A 135 -24.37 -18.29 12.18
CA ASP A 135 -24.75 -18.65 10.82
C ASP A 135 -23.98 -19.88 10.34
N ILE A 136 -22.67 -19.88 10.58
CA ILE A 136 -21.83 -21.01 10.16
C ILE A 136 -22.20 -22.27 10.94
N CYS A 137 -22.43 -22.13 12.23
CA CYS A 137 -22.79 -23.28 13.06
C CYS A 137 -24.11 -23.93 12.61
N ARG A 138 -25.07 -23.11 12.22
CA ARG A 138 -26.35 -23.61 11.76
C ARG A 138 -26.21 -24.47 10.51
N ARG A 139 -25.42 -24.01 9.55
CA ARG A 139 -25.22 -24.75 8.31
C ARG A 139 -24.28 -25.96 8.50
N MET A 140 -23.23 -25.79 9.29
CA MET A 140 -22.31 -26.88 9.54
C MET A 140 -23.07 -28.02 10.20
N GLY A 141 -23.95 -27.69 11.15
CA GLY A 141 -24.72 -28.70 11.84
C GLY A 141 -25.56 -29.55 10.89
N ILE A 142 -26.30 -28.89 10.02
CA ILE A 142 -27.14 -29.57 9.05
C ILE A 142 -26.28 -30.49 8.18
N GLY A 143 -25.18 -29.97 7.68
CA GLY A 143 -24.29 -30.76 6.84
C GLY A 143 -23.68 -31.94 7.57
N MET A 144 -23.25 -31.71 8.81
CA MET A 144 -22.66 -32.80 9.58
C MET A 144 -23.68 -33.90 9.79
N ALA A 145 -24.91 -33.52 10.16
CA ALA A 145 -25.96 -34.49 10.42
C ALA A 145 -26.32 -35.27 9.16
N GLU A 146 -26.28 -34.58 8.02
CA GLU A 146 -26.57 -35.22 6.75
C GLU A 146 -25.63 -36.40 6.44
N PHE A 147 -24.39 -36.34 6.92
CA PHE A 147 -23.41 -37.40 6.66
C PHE A 147 -23.24 -38.45 7.77
N LEU A 148 -23.99 -38.33 8.86
CA LEU A 148 -23.86 -39.31 9.94
C LEU A 148 -24.21 -40.71 9.45
N ASP A 149 -25.22 -40.81 8.61
CA ASP A 149 -25.66 -42.10 8.10
C ASP A 149 -24.81 -42.64 6.95
N LYS A 150 -24.69 -41.86 5.88
CA LYS A 150 -23.97 -42.26 4.69
C LYS A 150 -22.46 -42.08 4.72
N HIS A 151 -21.78 -42.85 3.88
CA HIS A 151 -20.33 -42.76 3.72
C HIS A 151 -20.18 -41.86 2.49
N VAL A 152 -19.00 -41.31 2.27
CA VAL A 152 -18.80 -40.46 1.11
C VAL A 152 -18.71 -41.35 -0.14
N THR A 153 -19.55 -41.07 -1.13
CA THR A 153 -19.57 -41.86 -2.35
C THR A 153 -18.78 -41.23 -3.50
N SER A 154 -19.40 -40.30 -4.22
CA SER A 154 -18.73 -39.66 -5.35
C SER A 154 -17.72 -38.60 -4.90
N GLU A 155 -16.87 -38.16 -5.82
CA GLU A 155 -15.89 -37.12 -5.49
C GLU A 155 -16.65 -35.84 -5.22
N GLN A 156 -17.81 -35.68 -5.86
CA GLN A 156 -18.61 -34.49 -5.64
C GLN A 156 -19.09 -34.49 -4.19
N GLU A 157 -19.37 -35.68 -3.68
CA GLU A 157 -19.81 -35.84 -2.30
C GLU A 157 -18.67 -35.52 -1.34
N TRP A 158 -17.45 -35.86 -1.74
CA TRP A 158 -16.27 -35.60 -0.92
C TRP A 158 -16.14 -34.10 -0.69
N ASP A 159 -16.38 -33.32 -1.74
CA ASP A 159 -16.32 -31.87 -1.64
C ASP A 159 -17.42 -31.33 -0.75
N LYS A 160 -18.59 -31.95 -0.81
CA LYS A 160 -19.72 -31.49 -0.02
C LYS A 160 -19.38 -31.66 1.45
N TYR A 161 -18.97 -32.87 1.83
CA TYR A 161 -18.61 -33.14 3.21
C TYR A 161 -17.53 -32.17 3.65
N CYS A 162 -16.45 -32.08 2.88
CA CYS A 162 -15.36 -31.18 3.21
C CYS A 162 -15.88 -29.75 3.29
N HIS A 163 -16.86 -29.44 2.46
CA HIS A 163 -17.44 -28.11 2.46
C HIS A 163 -18.11 -27.84 3.80
N TYR A 164 -18.78 -28.86 4.33
CA TYR A 164 -19.50 -28.76 5.60
C TYR A 164 -18.63 -28.65 6.84
N VAL A 165 -17.53 -29.40 6.87
CA VAL A 165 -16.67 -29.37 8.05
C VAL A 165 -15.44 -28.46 8.00
N ALA A 166 -15.08 -27.99 6.81
CA ALA A 166 -13.89 -27.15 6.64
C ALA A 166 -14.09 -25.90 5.75
N GLY A 167 -14.66 -26.09 4.56
CA GLY A 167 -14.90 -24.95 3.68
C GLY A 167 -15.71 -23.84 4.36
N LEU A 168 -16.74 -24.21 5.13
CA LEU A 168 -17.56 -23.20 5.81
C LEU A 168 -16.71 -22.45 6.81
N VAL A 169 -15.81 -23.17 7.47
CA VAL A 169 -14.91 -22.55 8.43
C VAL A 169 -14.13 -21.46 7.69
N GLY A 170 -13.55 -21.81 6.55
CA GLY A 170 -12.81 -20.84 5.78
C GLY A 170 -13.69 -19.65 5.42
N ILE A 171 -14.93 -19.94 5.07
CA ILE A 171 -15.89 -18.90 4.72
C ILE A 171 -16.19 -18.06 5.95
N GLY A 172 -16.32 -18.73 7.10
CA GLY A 172 -16.60 -18.02 8.33
C GLY A 172 -15.48 -17.07 8.69
N LEU A 173 -14.26 -17.60 8.73
CA LEU A 173 -13.11 -16.77 9.06
C LEU A 173 -13.00 -15.56 8.11
N SER A 174 -13.16 -15.81 6.82
CA SER A 174 -13.07 -14.74 5.84
C SER A 174 -14.08 -13.61 6.10
N ARG A 175 -15.26 -13.96 6.60
CA ARG A 175 -16.26 -12.95 6.90
C ARG A 175 -15.91 -12.24 8.19
N LEU A 176 -15.21 -12.94 9.08
CA LEU A 176 -14.76 -12.29 10.31
C LEU A 176 -13.70 -11.27 9.93
N PHE A 177 -12.74 -11.66 9.10
CA PHE A 177 -11.68 -10.75 8.67
C PHE A 177 -12.26 -9.47 8.07
N SER A 178 -13.16 -9.63 7.12
CA SER A 178 -13.78 -8.48 6.47
C SER A 178 -14.62 -7.66 7.45
N ALA A 179 -15.38 -8.33 8.31
CA ALA A 179 -16.22 -7.60 9.25
C ALA A 179 -15.39 -6.70 10.16
N SER A 180 -14.23 -7.18 10.57
CA SER A 180 -13.32 -6.43 11.45
C SER A 180 -12.68 -5.24 10.75
N GLU A 181 -12.75 -5.21 9.42
CA GLU A 181 -12.15 -4.14 8.62
C GLU A 181 -10.64 -4.34 8.42
N PHE A 182 -10.08 -5.37 9.05
CA PHE A 182 -8.66 -5.64 8.90
C PHE A 182 -8.38 -6.18 7.52
N GLU A 183 -9.40 -6.80 6.91
CA GLU A 183 -9.28 -7.31 5.57
C GLU A 183 -10.38 -6.67 4.74
N ASP A 184 -10.09 -6.46 3.46
CA ASP A 184 -11.01 -5.87 2.49
C ASP A 184 -12.31 -6.68 2.42
N PRO A 185 -13.43 -6.03 2.08
CA PRO A 185 -14.71 -6.73 1.98
C PRO A 185 -14.67 -7.89 0.98
N LEU A 186 -13.78 -7.80 0.00
CA LEU A 186 -13.67 -8.84 -1.02
C LEU A 186 -13.26 -10.19 -0.45
N VAL A 187 -12.49 -10.19 0.63
CA VAL A 187 -12.06 -11.45 1.23
C VAL A 187 -13.27 -12.26 1.64
N GLY A 188 -14.15 -11.65 2.45
CA GLY A 188 -15.35 -12.35 2.90
C GLY A 188 -16.39 -12.59 1.82
N GLU A 189 -16.37 -11.81 0.74
CA GLU A 189 -17.37 -12.01 -0.30
C GLU A 189 -17.01 -13.17 -1.22
N ASP A 190 -15.72 -13.47 -1.35
CA ASP A 190 -15.29 -14.57 -2.20
C ASP A 190 -15.35 -15.88 -1.43
N THR A 191 -16.54 -16.46 -1.40
CA THR A 191 -16.76 -17.69 -0.69
C THR A 191 -16.21 -18.88 -1.46
N GLU A 192 -16.14 -18.76 -2.78
CA GLU A 192 -15.62 -19.86 -3.58
C GLU A 192 -14.19 -20.17 -3.15
N ARG A 193 -13.36 -19.13 -3.12
CA ARG A 193 -11.96 -19.28 -2.73
C ARG A 193 -11.83 -19.66 -1.28
N ALA A 194 -12.61 -18.99 -0.43
CA ALA A 194 -12.55 -19.27 0.98
C ALA A 194 -12.87 -20.75 1.17
N ASN A 195 -13.87 -21.23 0.46
CA ASN A 195 -14.26 -22.62 0.56
C ASN A 195 -13.12 -23.55 0.18
N SER A 196 -12.37 -23.17 -0.85
CA SER A 196 -11.25 -24.00 -1.29
C SER A 196 -10.17 -24.10 -0.22
N MET A 197 -9.96 -23.03 0.54
CA MET A 197 -8.95 -23.05 1.59
C MET A 197 -9.24 -24.20 2.54
N GLY A 198 -10.51 -24.36 2.88
CA GLY A 198 -10.92 -25.41 3.80
C GLY A 198 -10.85 -26.78 3.16
N LEU A 199 -11.25 -26.89 1.89
CA LEU A 199 -11.20 -28.18 1.22
C LEU A 199 -9.80 -28.74 1.10
N PHE A 200 -8.85 -27.89 0.75
CA PHE A 200 -7.50 -28.35 0.61
C PHE A 200 -6.98 -28.91 1.92
N LEU A 201 -7.32 -28.23 3.02
CA LEU A 201 -6.90 -28.65 4.34
C LEU A 201 -7.53 -29.97 4.77
N GLN A 202 -8.84 -30.10 4.58
CA GLN A 202 -9.53 -31.32 5.00
C GLN A 202 -9.13 -32.57 4.21
N LYS A 203 -9.01 -32.42 2.89
CA LYS A 203 -8.62 -33.54 2.04
C LYS A 203 -7.21 -34.03 2.37
N THR A 204 -6.33 -33.11 2.74
CA THR A 204 -4.98 -33.49 3.10
C THR A 204 -5.03 -34.35 4.36
N ASN A 205 -5.75 -33.86 5.36
CA ASN A 205 -5.86 -34.60 6.61
C ASN A 205 -6.60 -35.92 6.43
N ILE A 206 -7.69 -35.91 5.68
CA ILE A 206 -8.44 -37.14 5.44
C ILE A 206 -7.52 -38.18 4.81
N ILE A 207 -6.72 -37.74 3.84
CA ILE A 207 -5.78 -38.62 3.16
C ILE A 207 -4.71 -39.13 4.12
N ARG A 208 -4.09 -38.21 4.86
CA ARG A 208 -3.04 -38.56 5.81
C ARG A 208 -3.48 -39.50 6.91
N ASP A 209 -4.69 -39.25 7.45
CA ASP A 209 -5.21 -40.04 8.55
C ASP A 209 -5.93 -41.32 8.16
N TYR A 210 -5.66 -41.84 6.96
CA TYR A 210 -6.35 -43.06 6.53
C TYR A 210 -6.32 -44.17 7.57
N LEU A 211 -5.10 -44.61 7.91
CA LEU A 211 -4.96 -45.67 8.87
C LEU A 211 -5.65 -45.35 10.18
N GLU A 212 -5.33 -44.19 10.75
CA GLU A 212 -5.90 -43.78 12.02
C GLU A 212 -7.44 -43.79 11.99
N ASP A 213 -8.03 -43.40 10.88
CA ASP A 213 -9.48 -43.38 10.78
C ASP A 213 -10.05 -44.77 10.61
N GLN A 214 -9.27 -45.69 10.07
CA GLN A 214 -9.72 -47.07 9.89
C GLN A 214 -9.83 -47.73 11.26
N GLN A 215 -8.74 -47.66 12.01
CA GLN A 215 -8.69 -48.24 13.34
C GLN A 215 -9.68 -47.53 14.27
N GLY A 216 -10.22 -46.41 13.80
CA GLY A 216 -11.20 -45.68 14.60
C GLY A 216 -12.62 -45.95 14.13
N GLY A 217 -12.76 -46.74 13.07
CA GLY A 217 -14.08 -47.04 12.57
C GLY A 217 -14.69 -45.89 11.80
N ARG A 218 -13.83 -45.11 11.15
CA ARG A 218 -14.25 -43.96 10.34
C ARG A 218 -13.82 -44.20 8.89
N GLU A 219 -14.70 -43.81 7.96
CA GLU A 219 -14.41 -43.96 6.54
C GLU A 219 -14.73 -42.66 5.81
N PHE A 220 -13.69 -41.95 5.40
CA PHE A 220 -13.87 -40.67 4.71
C PHE A 220 -13.49 -40.66 3.23
N TRP A 221 -12.57 -41.53 2.84
CA TRP A 221 -12.15 -41.60 1.44
C TRP A 221 -13.36 -41.90 0.55
N PRO A 222 -13.52 -41.16 -0.56
CA PRO A 222 -14.64 -41.38 -1.48
C PRO A 222 -14.74 -42.78 -2.08
N GLN A 223 -15.87 -43.43 -1.84
CA GLN A 223 -16.10 -44.79 -2.32
C GLN A 223 -16.04 -44.94 -3.84
N GLU A 224 -16.53 -43.92 -4.55
CA GLU A 224 -16.54 -43.96 -6.01
C GLU A 224 -15.12 -44.12 -6.54
N VAL A 225 -14.16 -43.73 -5.70
CA VAL A 225 -12.74 -43.82 -6.06
C VAL A 225 -12.07 -45.12 -5.59
N TRP A 226 -11.97 -45.32 -4.28
CA TRP A 226 -11.30 -46.52 -3.76
C TRP A 226 -11.95 -47.85 -4.12
N SER A 227 -13.22 -47.83 -4.50
CA SER A 227 -13.90 -49.06 -4.85
C SER A 227 -13.43 -49.55 -6.20
N ARG A 228 -12.58 -48.78 -6.85
CA ARG A 228 -12.05 -49.17 -8.14
C ARG A 228 -10.73 -49.89 -7.93
N TYR A 229 -10.20 -49.80 -6.73
CA TYR A 229 -8.94 -50.44 -6.41
C TYR A 229 -9.12 -51.72 -5.58
N VAL A 230 -10.01 -51.69 -4.59
CA VAL A 230 -10.28 -52.85 -3.74
C VAL A 230 -11.76 -53.01 -3.47
N LYS A 231 -12.13 -54.07 -2.76
CA LYS A 231 -13.53 -54.34 -2.45
C LYS A 231 -14.08 -53.53 -1.29
N LYS A 232 -13.27 -53.33 -0.27
CA LYS A 232 -13.68 -52.55 0.89
C LYS A 232 -12.52 -51.68 1.35
N LEU A 233 -12.84 -50.42 1.64
CA LEU A 233 -11.85 -49.44 2.07
C LEU A 233 -10.80 -49.96 3.04
N GLY A 234 -11.19 -50.86 3.93
CA GLY A 234 -10.23 -51.38 4.91
C GLY A 234 -9.12 -52.24 4.30
N ASP A 235 -9.37 -52.76 3.10
CA ASP A 235 -8.39 -53.62 2.46
C ASP A 235 -7.02 -52.95 2.34
N PHE A 236 -7.00 -51.62 2.24
CA PHE A 236 -5.73 -50.91 2.09
C PHE A 236 -4.79 -51.13 3.28
N ALA A 237 -5.31 -51.71 4.34
CA ALA A 237 -4.45 -51.91 5.50
C ALA A 237 -3.66 -53.20 5.40
N LEU A 238 -4.21 -54.13 4.61
CA LEU A 238 -3.62 -55.44 4.42
C LEU A 238 -2.42 -55.30 3.49
N PRO A 239 -1.23 -55.70 3.96
CA PRO A 239 0.02 -55.63 3.19
C PRO A 239 0.01 -56.16 1.76
N GLU A 240 -0.95 -56.99 1.41
CA GLU A 240 -0.99 -57.54 0.05
C GLU A 240 -1.53 -56.54 -0.97
N ASN A 241 -2.30 -55.57 -0.49
CA ASN A 241 -2.89 -54.56 -1.37
C ASN A 241 -2.06 -53.28 -1.44
N ILE A 242 -1.05 -53.19 -0.58
CA ILE A 242 -0.17 -52.02 -0.52
C ILE A 242 -0.04 -51.25 -1.84
N ASP A 243 0.19 -51.97 -2.93
CA ASP A 243 0.35 -51.32 -4.24
C ASP A 243 -0.91 -50.62 -4.74
N LEU A 244 -2.05 -51.28 -4.59
CA LEU A 244 -3.32 -50.69 -5.03
C LEU A 244 -3.67 -49.51 -4.13
N ALA A 245 -3.22 -49.59 -2.87
CA ALA A 245 -3.49 -48.54 -1.90
C ALA A 245 -2.75 -47.27 -2.32
N VAL A 246 -1.46 -47.40 -2.63
CA VAL A 246 -0.64 -46.27 -3.06
C VAL A 246 -1.19 -45.63 -4.32
N GLN A 247 -1.82 -46.45 -5.17
CA GLN A 247 -2.40 -45.94 -6.40
C GLN A 247 -3.59 -45.03 -6.06
N CYS A 248 -4.48 -45.52 -5.21
CA CYS A 248 -5.64 -44.75 -4.79
C CYS A 248 -5.13 -43.49 -4.07
N LEU A 249 -4.15 -43.67 -3.20
CA LEU A 249 -3.56 -42.57 -2.47
C LEU A 249 -3.14 -41.48 -3.45
N ASN A 250 -2.47 -41.87 -4.53
CA ASN A 250 -2.02 -40.90 -5.54
C ASN A 250 -3.18 -40.24 -6.27
N GLU A 251 -4.26 -40.98 -6.46
CA GLU A 251 -5.42 -40.41 -7.14
C GLU A 251 -6.02 -39.32 -6.26
N LEU A 252 -6.13 -39.59 -4.96
CA LEU A 252 -6.72 -38.65 -4.02
C LEU A 252 -5.86 -37.40 -3.81
N ILE A 253 -4.55 -37.59 -3.79
CA ILE A 253 -3.62 -36.49 -3.63
C ILE A 253 -3.71 -35.61 -4.86
N THR A 254 -3.77 -36.25 -6.03
CA THR A 254 -3.86 -35.52 -7.30
C THR A 254 -5.11 -34.67 -7.29
N ASN A 255 -6.15 -35.20 -6.67
CA ASN A 255 -7.43 -34.51 -6.56
C ASN A 255 -7.30 -33.25 -5.71
N ALA A 256 -6.68 -33.38 -4.54
CA ALA A 256 -6.48 -32.26 -3.63
C ALA A 256 -5.63 -31.12 -4.18
N LEU A 257 -4.65 -31.46 -5.01
CA LEU A 257 -3.78 -30.45 -5.60
C LEU A 257 -4.55 -29.40 -6.40
N HIS A 258 -5.72 -29.80 -6.92
CA HIS A 258 -6.54 -28.88 -7.71
C HIS A 258 -7.01 -27.62 -7.00
N HIS A 259 -6.98 -27.63 -5.66
CA HIS A 259 -7.40 -26.45 -4.91
C HIS A 259 -6.29 -25.43 -4.76
N ILE A 260 -5.04 -25.84 -4.99
CA ILE A 260 -3.91 -24.92 -4.83
C ILE A 260 -4.06 -23.56 -5.52
N PRO A 261 -4.47 -23.52 -6.79
CA PRO A 261 -4.64 -22.22 -7.46
C PRO A 261 -5.50 -21.26 -6.61
N ASP A 262 -6.64 -21.74 -6.12
CA ASP A 262 -7.53 -20.94 -5.28
C ASP A 262 -6.84 -20.53 -3.98
N VAL A 263 -6.11 -21.45 -3.36
CA VAL A 263 -5.40 -21.16 -2.12
C VAL A 263 -4.48 -19.99 -2.37
N ILE A 264 -3.72 -20.08 -3.46
CA ILE A 264 -2.78 -19.03 -3.82
C ILE A 264 -3.50 -17.71 -4.02
N THR A 265 -4.59 -17.73 -4.79
CA THR A 265 -5.36 -16.52 -5.05
C THR A 265 -5.92 -15.94 -3.76
N TYR A 266 -6.44 -16.81 -2.90
CA TYR A 266 -6.99 -16.33 -1.65
C TYR A 266 -5.93 -15.59 -0.85
N LEU A 267 -4.80 -16.24 -0.58
CA LEU A 267 -3.71 -15.66 0.21
C LEU A 267 -3.19 -14.36 -0.39
N SER A 268 -3.17 -14.30 -1.71
CA SER A 268 -2.68 -13.11 -2.38
C SER A 268 -3.57 -11.90 -2.15
N ARG A 269 -4.81 -12.13 -1.73
CA ARG A 269 -5.72 -11.02 -1.50
C ARG A 269 -5.54 -10.40 -0.11
N LEU A 270 -5.00 -11.18 0.83
CA LEU A 270 -4.79 -10.74 2.22
C LEU A 270 -3.83 -9.56 2.32
N ARG A 271 -4.18 -8.61 3.18
CA ARG A 271 -3.34 -7.44 3.35
C ARG A 271 -2.84 -7.24 4.78
N ASN A 272 -3.41 -7.97 5.73
CA ASN A 272 -3.01 -7.84 7.13
C ASN A 272 -2.03 -8.97 7.49
N GLN A 273 -0.91 -8.58 8.11
CA GLN A 273 0.11 -9.54 8.47
C GLN A 273 -0.35 -10.67 9.39
N SER A 274 -0.98 -10.35 10.52
CA SER A 274 -1.45 -11.38 11.45
C SER A 274 -2.44 -12.31 10.77
N VAL A 275 -3.25 -11.75 9.88
CA VAL A 275 -4.22 -12.57 9.15
C VAL A 275 -3.49 -13.45 8.13
N PHE A 276 -2.49 -12.88 7.46
CA PHE A 276 -1.74 -13.63 6.46
C PHE A 276 -1.04 -14.85 7.08
N ASN A 277 -0.35 -14.62 8.20
CA ASN A 277 0.36 -15.66 8.91
C ASN A 277 -0.60 -16.76 9.33
N PHE A 278 -1.76 -16.35 9.83
CA PHE A 278 -2.79 -17.27 10.30
C PHE A 278 -3.34 -18.13 9.16
N CYS A 279 -3.48 -17.54 7.97
CA CYS A 279 -4.01 -18.26 6.82
C CYS A 279 -2.99 -19.06 6.02
N ALA A 280 -1.78 -18.54 5.88
CA ALA A 280 -0.75 -19.21 5.09
C ALA A 280 -0.09 -20.43 5.73
N ILE A 281 0.21 -20.37 7.02
CA ILE A 281 0.86 -21.48 7.70
C ILE A 281 0.18 -22.84 7.55
N PRO A 282 -1.12 -22.92 7.87
CA PRO A 282 -1.82 -24.21 7.74
C PRO A 282 -1.73 -24.77 6.31
N GLN A 283 -1.86 -23.90 5.32
CA GLN A 283 -1.80 -24.34 3.93
C GLN A 283 -0.41 -24.87 3.59
N VAL A 284 0.62 -24.13 3.98
CA VAL A 284 1.98 -24.56 3.70
C VAL A 284 2.22 -25.90 4.35
N MET A 285 1.79 -26.03 5.60
CA MET A 285 1.94 -27.29 6.32
C MET A 285 1.22 -28.39 5.56
N ALA A 286 0.05 -28.07 5.02
CA ALA A 286 -0.75 -29.04 4.27
C ALA A 286 -0.05 -29.51 3.00
N ILE A 287 0.61 -28.59 2.29
CA ILE A 287 1.33 -28.93 1.06
C ILE A 287 2.47 -29.86 1.46
N ALA A 288 3.18 -29.47 2.51
CA ALA A 288 4.29 -30.25 2.99
C ALA A 288 3.82 -31.67 3.28
N THR A 289 2.63 -31.78 3.87
CA THR A 289 2.07 -33.09 4.20
C THR A 289 1.74 -33.89 2.96
N LEU A 290 1.05 -33.28 2.00
CA LEU A 290 0.73 -33.99 0.78
C LEU A 290 2.00 -34.43 0.06
N ALA A 291 3.02 -33.58 0.09
CA ALA A 291 4.28 -33.92 -0.56
C ALA A 291 4.92 -35.13 0.09
N ALA A 292 4.83 -35.22 1.42
CA ALA A 292 5.42 -36.33 2.13
C ALA A 292 4.65 -37.63 1.92
N CYS A 293 3.33 -37.52 1.77
CA CYS A 293 2.48 -38.68 1.57
C CYS A 293 2.48 -39.26 0.16
N TYR A 294 2.76 -38.43 -0.83
CA TYR A 294 2.72 -38.89 -2.21
C TYR A 294 3.50 -40.18 -2.49
N ASN A 295 2.85 -41.12 -3.16
CA ASN A 295 3.47 -42.39 -3.50
C ASN A 295 4.24 -42.96 -2.30
N ASN A 296 3.71 -42.73 -1.10
CA ASN A 296 4.34 -43.19 0.13
C ASN A 296 3.57 -44.33 0.82
N GLN A 297 4.17 -45.52 0.84
CA GLN A 297 3.55 -46.69 1.46
C GLN A 297 3.26 -46.46 2.94
N GLN A 298 4.18 -45.77 3.62
CA GLN A 298 4.07 -45.48 5.04
C GLN A 298 2.70 -44.94 5.44
N VAL A 299 1.98 -44.36 4.48
CA VAL A 299 0.66 -43.83 4.76
C VAL A 299 -0.26 -44.94 5.25
N PHE A 300 0.00 -46.15 4.79
CA PHE A 300 -0.82 -47.30 5.15
C PHE A 300 -0.27 -48.19 6.25
N LYS A 301 0.74 -47.71 6.98
CA LYS A 301 1.33 -48.50 8.06
C LYS A 301 1.57 -47.66 9.32
N GLY A 302 1.10 -46.41 9.28
CA GLY A 302 1.26 -45.51 10.41
C GLY A 302 1.13 -44.05 10.02
N ALA A 303 1.82 -43.17 10.75
CA ALA A 303 1.80 -41.73 10.48
C ALA A 303 2.99 -41.34 9.61
N VAL A 304 2.84 -40.31 8.80
CA VAL A 304 3.94 -39.91 7.94
C VAL A 304 4.73 -38.73 8.47
N LEU A 305 6.05 -38.88 8.46
CA LEU A 305 6.98 -37.86 8.93
C LEU A 305 7.16 -36.75 7.90
N ILE A 306 7.00 -35.50 8.32
CA ILE A 306 7.16 -34.36 7.43
C ILE A 306 8.65 -33.99 7.46
N ARG A 307 9.30 -33.97 6.29
CA ARG A 307 10.73 -33.67 6.19
C ARG A 307 11.12 -32.21 5.87
N LEU A 308 12.40 -31.90 6.11
CA LEU A 308 13.02 -30.58 5.87
C LEU A 308 12.65 -29.95 4.53
N GLY A 309 13.51 -30.11 3.53
CA GLY A 309 13.26 -29.53 2.22
C GLY A 309 14.36 -28.53 1.92
N GLN A 310 14.80 -28.51 0.66
CA GLN A 310 15.94 -27.71 0.18
C GLN A 310 16.43 -26.47 0.92
N ALA A 311 17.50 -25.86 0.38
CA ALA A 311 18.11 -24.69 1.00
C ALA A 311 17.43 -23.37 0.66
N VAL A 312 16.56 -23.38 -0.35
CA VAL A 312 15.85 -22.18 -0.75
C VAL A 312 14.62 -21.96 0.14
N THR A 313 14.34 -22.94 1.00
CA THR A 313 13.23 -22.86 1.95
C THR A 313 13.82 -22.62 3.33
N LEU A 314 15.14 -22.46 3.38
CA LEU A 314 15.88 -22.18 4.61
C LEU A 314 16.19 -20.69 4.53
N MET A 315 15.98 -20.13 3.33
CA MET A 315 16.22 -18.73 3.05
C MET A 315 14.98 -17.87 3.22
N MET A 316 13.84 -18.51 3.42
CA MET A 316 12.59 -17.79 3.59
C MET A 316 11.59 -18.57 4.44
N ASP A 317 10.56 -17.88 4.91
CA ASP A 317 9.53 -18.53 5.71
C ASP A 317 8.15 -18.13 5.17
N ALA A 318 7.10 -18.65 5.77
CA ALA A 318 5.74 -18.39 5.31
C ALA A 318 5.08 -17.08 5.72
N THR A 319 5.82 -15.97 5.71
CA THR A 319 5.21 -14.71 6.10
C THR A 319 4.98 -13.68 5.02
N ASN A 320 5.37 -13.97 3.79
CA ASN A 320 5.11 -13.03 2.69
C ASN A 320 4.64 -13.86 1.49
N MET A 321 3.74 -13.30 0.69
CA MET A 321 3.18 -14.03 -0.44
C MET A 321 4.18 -14.65 -1.39
N PRO A 322 5.20 -13.89 -1.82
CA PRO A 322 6.19 -14.46 -2.74
C PRO A 322 6.86 -15.68 -2.12
N ALA A 323 7.27 -15.57 -0.88
CA ALA A 323 7.93 -16.68 -0.19
C ALA A 323 7.02 -17.90 -0.12
N VAL A 324 5.73 -17.69 0.13
CA VAL A 324 4.80 -18.80 0.22
C VAL A 324 4.64 -19.52 -1.11
N LYS A 325 4.56 -18.76 -2.21
CA LYS A 325 4.46 -19.36 -3.53
C LYS A 325 5.66 -20.27 -3.78
N ALA A 326 6.85 -19.74 -3.52
CA ALA A 326 8.11 -20.48 -3.71
C ALA A 326 8.12 -21.78 -2.92
N ILE A 327 7.67 -21.74 -1.67
CA ILE A 327 7.62 -22.94 -0.85
C ILE A 327 6.63 -23.93 -1.46
N ILE A 328 5.47 -23.42 -1.89
CA ILE A 328 4.47 -24.26 -2.50
C ILE A 328 4.96 -24.87 -3.82
N TYR A 329 5.67 -24.07 -4.62
CA TYR A 329 6.19 -24.58 -5.89
C TYR A 329 7.25 -25.66 -5.64
N GLN A 330 8.15 -25.40 -4.70
CA GLN A 330 9.20 -26.36 -4.38
C GLN A 330 8.56 -27.70 -4.05
N TYR A 331 7.61 -27.70 -3.13
CA TYR A 331 6.93 -28.93 -2.76
C TYR A 331 6.22 -29.60 -3.94
N MET A 332 5.74 -28.79 -4.89
CA MET A 332 5.06 -29.33 -6.05
C MET A 332 6.06 -30.14 -6.85
N GLU A 333 7.26 -29.61 -6.97
CA GLU A 333 8.29 -30.31 -7.73
C GLU A 333 8.71 -31.57 -7.02
N GLU A 334 8.69 -31.54 -5.69
CA GLU A 334 9.07 -32.72 -4.93
C GLU A 334 8.14 -33.87 -5.31
N ILE A 335 6.88 -33.54 -5.55
CA ILE A 335 5.91 -34.56 -5.92
C ILE A 335 6.11 -34.94 -7.38
N TYR A 336 6.36 -33.95 -8.22
CA TYR A 336 6.58 -34.17 -9.64
C TYR A 336 7.67 -35.20 -9.92
N HIS A 337 8.86 -34.97 -9.36
CA HIS A 337 9.99 -35.88 -9.59
C HIS A 337 9.75 -37.30 -9.10
N ARG A 338 8.73 -37.50 -8.27
CA ARG A 338 8.45 -38.84 -7.75
C ARG A 338 7.28 -39.57 -8.41
N ILE A 339 6.70 -38.97 -9.45
CA ILE A 339 5.58 -39.60 -10.13
C ILE A 339 6.06 -40.80 -10.93
N PRO A 340 5.58 -42.00 -10.59
CA PRO A 340 5.97 -43.23 -11.30
C PRO A 340 5.21 -43.25 -12.62
N ASP A 341 5.94 -43.38 -13.72
CA ASP A 341 5.32 -43.42 -15.01
C ASP A 341 4.16 -44.42 -15.06
N SER A 342 4.29 -45.53 -14.35
CA SER A 342 3.25 -46.56 -14.38
C SER A 342 2.03 -46.24 -13.53
N ASN A 343 2.10 -45.19 -12.75
CA ASN A 343 0.98 -44.81 -11.89
C ASN A 343 -0.21 -44.49 -12.78
N PRO A 344 -1.37 -45.07 -12.47
CA PRO A 344 -2.56 -44.80 -13.28
C PRO A 344 -3.02 -43.35 -13.29
N SER A 345 -2.37 -42.51 -12.49
CA SER A 345 -2.76 -41.10 -12.44
C SER A 345 -1.62 -40.16 -12.80
N SER A 346 -0.46 -40.74 -13.13
CA SER A 346 0.73 -39.94 -13.46
C SER A 346 0.44 -38.76 -14.37
N SER A 347 -0.31 -39.00 -15.43
CA SER A 347 -0.64 -37.93 -16.36
C SER A 347 -1.39 -36.81 -15.67
N LYS A 348 -2.51 -37.14 -15.03
CA LYS A 348 -3.32 -36.13 -14.36
C LYS A 348 -2.53 -35.37 -13.31
N THR A 349 -1.60 -36.05 -12.65
CA THR A 349 -0.77 -35.45 -11.63
C THR A 349 0.19 -34.43 -12.25
N ARG A 350 0.87 -34.80 -13.33
CA ARG A 350 1.80 -33.86 -13.96
C ARG A 350 1.01 -32.68 -14.50
N GLN A 351 -0.15 -32.99 -15.06
CA GLN A 351 -1.02 -31.97 -15.63
C GLN A 351 -1.39 -30.89 -14.62
N ILE A 352 -1.96 -31.28 -13.49
CA ILE A 352 -2.35 -30.29 -12.49
C ILE A 352 -1.15 -29.53 -11.93
N ILE A 353 0.00 -30.20 -11.79
CA ILE A 353 1.19 -29.53 -11.28
C ILE A 353 1.70 -28.55 -12.34
N SER A 354 1.54 -28.95 -13.61
CA SER A 354 1.98 -28.13 -14.71
C SER A 354 1.19 -26.83 -14.69
N THR A 355 -0.13 -26.93 -14.58
CA THR A 355 -0.99 -25.76 -14.55
C THR A 355 -0.62 -24.79 -13.42
N ILE A 356 -0.39 -25.34 -12.24
CA ILE A 356 -0.03 -24.52 -11.09
C ILE A 356 1.28 -23.77 -11.36
N ARG A 357 2.26 -24.47 -11.92
CA ARG A 357 3.56 -23.87 -12.24
C ARG A 357 3.43 -22.69 -13.19
N THR A 358 2.64 -22.89 -14.24
CA THR A 358 2.48 -21.91 -15.29
C THR A 358 1.58 -20.70 -15.04
N GLN A 359 0.51 -20.85 -14.27
CA GLN A 359 -0.38 -19.73 -14.03
C GLN A 359 0.37 -18.60 -13.34
N LEU B 26 -3.12 -21.31 -20.07
CA LEU B 26 -3.85 -21.63 -21.30
C LEU B 26 -2.95 -22.30 -22.34
N SER B 27 -1.98 -21.54 -22.83
CA SER B 27 -1.03 -22.01 -23.83
C SER B 27 -0.31 -23.25 -23.33
N SER B 28 -0.26 -24.30 -24.15
CA SER B 28 0.41 -25.52 -23.74
C SER B 28 1.91 -25.35 -23.94
N SER B 29 2.30 -24.41 -24.79
CA SER B 29 3.72 -24.15 -25.02
C SER B 29 4.34 -23.41 -23.84
N LEU B 30 3.54 -22.57 -23.18
CA LEU B 30 4.03 -21.85 -22.02
C LEU B 30 4.25 -22.86 -20.88
N LYS B 31 3.38 -23.88 -20.83
CA LYS B 31 3.50 -24.92 -19.82
C LYS B 31 4.79 -25.69 -20.06
N THR B 32 5.04 -26.01 -21.33
CA THR B 32 6.24 -26.71 -21.70
C THR B 32 7.43 -25.88 -21.25
N CYS B 33 7.35 -24.57 -21.49
CA CYS B 33 8.44 -23.70 -21.09
C CYS B 33 8.74 -23.82 -19.60
N TYR B 34 7.73 -23.82 -18.76
CA TYR B 34 7.99 -23.94 -17.33
C TYR B 34 8.50 -25.33 -17.02
N LYS B 35 8.13 -26.31 -17.84
CA LYS B 35 8.65 -27.64 -17.58
C LYS B 35 10.17 -27.57 -17.77
N TYR B 36 10.60 -26.91 -18.84
CA TYR B 36 12.02 -26.76 -19.12
C TYR B 36 12.69 -25.92 -18.04
N LEU B 37 11.97 -24.92 -17.53
CA LEU B 37 12.51 -24.06 -16.49
C LEU B 37 12.86 -24.91 -15.26
N ASN B 38 11.92 -25.76 -14.84
CA ASN B 38 12.16 -26.62 -13.69
C ASN B 38 13.26 -27.65 -13.96
N GLN B 39 13.34 -28.13 -15.20
CA GLN B 39 14.36 -29.10 -15.58
C GLN B 39 15.75 -28.48 -15.53
N THR B 40 15.87 -27.27 -16.07
CA THR B 40 17.15 -26.58 -16.11
C THR B 40 17.51 -25.73 -14.89
N SER B 41 16.51 -25.37 -14.09
CA SER B 41 16.76 -24.54 -12.92
C SER B 41 16.24 -25.19 -11.66
N ARG B 42 16.60 -26.45 -11.47
CA ARG B 42 16.17 -27.23 -10.31
C ARG B 42 15.87 -26.36 -9.08
N SER B 43 16.89 -25.70 -8.55
CA SER B 43 16.71 -24.84 -7.38
C SER B 43 15.82 -23.61 -7.61
N PHE B 44 16.33 -22.67 -8.38
CA PHE B 44 15.66 -21.40 -8.67
C PHE B 44 14.30 -21.28 -9.40
N ALA B 45 13.80 -22.32 -10.07
CA ALA B 45 12.51 -22.16 -10.77
C ALA B 45 11.39 -21.64 -9.87
N ALA B 46 11.39 -22.09 -8.62
CA ALA B 46 10.38 -21.69 -7.65
C ALA B 46 10.39 -20.20 -7.34
N VAL B 47 11.57 -19.62 -7.29
CA VAL B 47 11.67 -18.19 -6.99
C VAL B 47 11.22 -17.39 -8.20
N ILE B 48 11.58 -17.86 -9.39
CA ILE B 48 11.22 -17.18 -10.64
C ILE B 48 9.70 -17.20 -10.82
N GLN B 49 9.11 -18.38 -10.64
CA GLN B 49 7.68 -18.55 -10.77
C GLN B 49 6.90 -17.71 -9.76
N ALA B 50 7.60 -17.23 -8.73
CA ALA B 50 6.96 -16.42 -7.71
C ALA B 50 6.93 -14.93 -8.05
N LEU B 51 7.62 -14.56 -9.13
CA LEU B 51 7.64 -13.15 -9.56
C LEU B 51 6.25 -12.65 -9.93
N ASP B 52 5.96 -11.39 -9.61
CA ASP B 52 4.66 -10.80 -9.90
C ASP B 52 4.36 -10.53 -11.36
N GLY B 53 3.08 -10.57 -11.69
CA GLY B 53 2.59 -10.28 -13.02
C GLY B 53 3.36 -10.72 -14.25
N GLU B 54 3.65 -9.78 -15.13
CA GLU B 54 4.36 -10.13 -16.36
C GLU B 54 5.86 -10.40 -16.24
N MET B 55 6.44 -10.11 -15.09
CA MET B 55 7.86 -10.37 -14.91
C MET B 55 8.08 -11.89 -14.94
N ARG B 56 7.08 -12.63 -14.44
CA ARG B 56 7.08 -14.08 -14.40
C ARG B 56 7.49 -14.73 -15.72
N ASN B 57 6.65 -14.65 -16.74
CA ASN B 57 6.98 -15.24 -18.04
C ASN B 57 8.21 -14.56 -18.62
N ALA B 58 8.28 -13.24 -18.47
CA ALA B 58 9.41 -12.48 -18.97
C ALA B 58 10.74 -13.07 -18.55
N VAL B 59 10.90 -13.30 -17.25
CA VAL B 59 12.15 -13.84 -16.74
C VAL B 59 12.28 -15.33 -17.06
N CYS B 60 11.16 -16.04 -17.04
CA CYS B 60 11.19 -17.46 -17.35
C CYS B 60 11.76 -17.66 -18.76
N ILE B 61 11.19 -16.95 -19.72
CA ILE B 61 11.66 -17.05 -21.09
C ILE B 61 13.11 -16.58 -21.22
N PHE B 62 13.42 -15.47 -20.57
CA PHE B 62 14.77 -14.92 -20.62
C PHE B 62 15.76 -15.96 -20.10
N TYR B 63 15.37 -16.63 -19.03
CA TYR B 63 16.24 -17.65 -18.45
C TYR B 63 16.48 -18.77 -19.46
N LEU B 64 15.42 -19.21 -20.13
CA LEU B 64 15.49 -20.29 -21.10
C LEU B 64 16.31 -19.96 -22.34
N VAL B 65 16.12 -18.77 -22.91
CA VAL B 65 16.90 -18.40 -24.09
C VAL B 65 18.37 -18.27 -23.70
N LEU B 66 18.63 -17.84 -22.45
CA LEU B 66 20.00 -17.73 -21.97
C LEU B 66 20.59 -19.12 -21.79
N ARG B 67 19.78 -20.04 -21.30
CA ARG B 67 20.26 -21.40 -21.11
C ARG B 67 20.65 -21.98 -22.47
N ALA B 68 19.85 -21.72 -23.50
CA ALA B 68 20.13 -22.24 -24.83
C ALA B 68 21.44 -21.65 -25.34
N LEU B 69 21.58 -20.34 -25.21
CA LEU B 69 22.79 -19.67 -25.65
C LEU B 69 23.99 -20.23 -24.88
N ASP B 70 23.78 -20.56 -23.60
CA ASP B 70 24.84 -21.09 -22.76
C ASP B 70 25.23 -22.49 -23.20
N THR B 71 24.23 -23.28 -23.60
CA THR B 71 24.49 -24.64 -24.03
C THR B 71 25.31 -24.62 -25.32
N LEU B 72 25.00 -23.70 -26.22
CA LEU B 72 25.75 -23.62 -27.47
C LEU B 72 27.21 -23.29 -27.20
N GLU B 73 27.43 -22.38 -26.24
CA GLU B 73 28.79 -21.97 -25.90
C GLU B 73 29.60 -23.10 -25.27
N ASP B 74 28.99 -23.81 -24.34
CA ASP B 74 29.68 -24.90 -23.65
C ASP B 74 29.98 -26.10 -24.53
N ASP B 75 29.05 -26.44 -25.40
CA ASP B 75 29.19 -27.60 -26.28
C ASP B 75 30.53 -27.63 -27.03
N MET B 76 31.37 -28.59 -26.67
CA MET B 76 32.69 -28.71 -27.28
C MET B 76 32.75 -29.56 -28.53
N THR B 77 31.66 -30.24 -28.86
CA THR B 77 31.62 -31.06 -30.07
C THR B 77 31.36 -30.14 -31.26
N ILE B 78 31.09 -28.86 -30.97
CA ILE B 78 30.84 -27.87 -32.02
C ILE B 78 32.13 -27.09 -32.23
N SER B 79 32.68 -27.18 -33.43
CA SER B 79 33.91 -26.50 -33.76
C SER B 79 33.73 -24.99 -33.62
N VAL B 80 34.83 -24.28 -33.40
CA VAL B 80 34.77 -22.83 -33.23
C VAL B 80 34.24 -22.10 -34.45
N GLU B 81 34.70 -22.51 -35.64
CA GLU B 81 34.25 -21.84 -36.87
C GLU B 81 32.75 -21.99 -37.07
N LYS B 82 32.20 -23.11 -36.65
CA LYS B 82 30.78 -23.37 -36.79
C LYS B 82 29.99 -22.67 -35.68
N LYS B 83 30.59 -22.62 -34.48
CA LYS B 83 29.94 -22.02 -33.32
C LYS B 83 29.78 -20.52 -33.33
N VAL B 84 30.79 -19.79 -33.80
CA VAL B 84 30.73 -18.33 -33.81
C VAL B 84 29.48 -17.76 -34.49
N PRO B 85 29.15 -18.23 -35.70
CA PRO B 85 27.96 -17.72 -36.39
C PRO B 85 26.67 -17.99 -35.60
N LEU B 86 26.62 -19.10 -34.89
CA LEU B 86 25.42 -19.40 -34.10
C LEU B 86 25.30 -18.44 -32.91
N LEU B 87 26.43 -18.06 -32.31
CA LEU B 87 26.41 -17.15 -31.18
C LEU B 87 26.02 -15.75 -31.65
N HIS B 88 26.67 -15.30 -32.72
CA HIS B 88 26.42 -13.98 -33.28
C HIS B 88 24.97 -13.78 -33.75
N ASN B 89 24.34 -14.84 -34.21
CA ASN B 89 23.00 -14.74 -34.73
C ASN B 89 21.90 -15.28 -33.83
N PHE B 90 22.28 -15.78 -32.67
CA PHE B 90 21.32 -16.33 -31.73
C PHE B 90 20.18 -15.35 -31.46
N HIS B 91 20.53 -14.08 -31.22
CA HIS B 91 19.52 -13.07 -30.93
C HIS B 91 18.50 -12.94 -32.05
N SER B 92 18.89 -13.28 -33.27
CA SER B 92 17.97 -13.20 -34.40
C SER B 92 17.15 -14.47 -34.57
N PHE B 93 17.67 -15.59 -34.10
CA PHE B 93 16.95 -16.86 -34.21
C PHE B 93 15.65 -16.74 -33.43
N LEU B 94 15.62 -15.77 -32.52
CA LEU B 94 14.45 -15.52 -31.70
C LEU B 94 13.24 -15.17 -32.57
N TYR B 95 13.51 -14.74 -33.79
CA TYR B 95 12.46 -14.37 -34.73
C TYR B 95 12.34 -15.34 -35.91
N GLN B 96 12.99 -16.51 -35.80
CA GLN B 96 12.93 -17.55 -36.82
C GLN B 96 12.10 -18.69 -36.18
N PRO B 97 10.78 -18.64 -36.34
CA PRO B 97 9.81 -19.61 -35.80
C PRO B 97 10.23 -21.07 -35.82
N ASP B 98 10.93 -21.49 -36.87
CA ASP B 98 11.32 -22.88 -36.99
C ASP B 98 12.76 -23.25 -36.60
N TRP B 99 13.58 -22.27 -36.23
CA TRP B 99 14.97 -22.58 -35.87
C TRP B 99 15.08 -23.43 -34.61
N ARG B 100 15.91 -24.46 -34.71
CA ARG B 100 16.17 -25.37 -33.61
C ARG B 100 17.54 -25.95 -33.88
N PHE B 101 18.20 -26.45 -32.84
CA PHE B 101 19.52 -27.05 -33.00
C PHE B 101 19.43 -28.51 -32.55
N MET B 102 19.79 -29.43 -33.44
CA MET B 102 19.67 -30.84 -33.13
C MET B 102 20.98 -31.61 -32.96
N GLU B 103 22.10 -30.91 -32.93
CA GLU B 103 23.39 -31.61 -32.84
C GLU B 103 24.16 -31.45 -31.54
N SER B 104 23.54 -30.80 -30.56
CA SER B 104 24.22 -30.61 -29.28
C SER B 104 24.20 -31.90 -28.48
N LYS B 105 25.23 -32.12 -27.69
CA LYS B 105 25.30 -33.32 -26.86
C LYS B 105 25.29 -32.97 -25.39
N GLU B 106 25.03 -31.70 -25.07
CA GLU B 106 24.99 -31.26 -23.68
C GLU B 106 23.72 -31.71 -22.97
N LYS B 107 23.70 -31.59 -21.65
CA LYS B 107 22.54 -32.03 -20.88
C LYS B 107 21.25 -31.24 -21.10
N ASP B 108 21.34 -29.92 -21.25
CA ASP B 108 20.15 -29.09 -21.44
C ASP B 108 19.81 -28.85 -22.91
N ARG B 109 20.18 -29.78 -23.78
CA ARG B 109 19.93 -29.61 -25.22
C ARG B 109 18.47 -29.60 -25.64
N GLN B 110 17.57 -30.01 -24.75
CA GLN B 110 16.16 -30.03 -25.06
C GLN B 110 15.70 -28.63 -25.43
N VAL B 111 16.27 -27.62 -24.77
CA VAL B 111 15.90 -26.24 -25.03
C VAL B 111 16.33 -25.77 -26.42
N LEU B 112 17.37 -26.40 -26.96
CA LEU B 112 17.83 -26.05 -28.30
C LEU B 112 17.05 -26.88 -29.31
N GLU B 113 16.74 -28.10 -28.94
CA GLU B 113 16.01 -29.00 -29.82
C GLU B 113 14.54 -28.61 -29.97
N ASP B 114 13.94 -28.05 -28.92
CA ASP B 114 12.55 -27.63 -28.99
C ASP B 114 12.48 -26.12 -28.84
N PHE B 115 13.48 -25.45 -29.39
CA PHE B 115 13.54 -24.00 -29.31
C PHE B 115 12.33 -23.28 -29.92
N PRO B 116 11.75 -23.83 -31.00
CA PRO B 116 10.58 -23.17 -31.59
C PRO B 116 9.51 -22.89 -30.54
N THR B 117 9.38 -23.79 -29.57
CA THR B 117 8.41 -23.66 -28.49
C THR B 117 8.79 -22.49 -27.58
N ILE B 118 10.08 -22.34 -27.32
CA ILE B 118 10.54 -21.27 -26.45
C ILE B 118 10.51 -19.90 -27.15
N SER B 119 10.91 -19.86 -28.41
CA SER B 119 10.93 -18.60 -29.16
C SER B 119 9.49 -18.15 -29.43
N LEU B 120 8.58 -19.11 -29.47
CA LEU B 120 7.18 -18.79 -29.70
C LEU B 120 6.71 -17.92 -28.53
N GLU B 121 6.99 -18.40 -27.32
CA GLU B 121 6.59 -17.68 -26.12
C GLU B 121 7.37 -16.37 -25.96
N PHE B 122 8.60 -16.35 -26.44
CA PHE B 122 9.40 -15.14 -26.41
C PHE B 122 8.66 -14.09 -27.24
N ARG B 123 8.20 -14.50 -28.41
CA ARG B 123 7.47 -13.61 -29.31
C ARG B 123 6.08 -13.20 -28.79
N ASN B 124 5.62 -13.85 -27.73
CA ASN B 124 4.32 -13.48 -27.16
C ASN B 124 4.48 -12.43 -26.06
N LEU B 125 5.73 -12.20 -25.63
CA LEU B 125 6.00 -11.20 -24.60
C LEU B 125 5.75 -9.81 -25.18
N ALA B 126 5.50 -8.83 -24.31
CA ALA B 126 5.29 -7.47 -24.81
C ALA B 126 6.57 -7.06 -25.53
N GLU B 127 6.41 -6.28 -26.59
CA GLU B 127 7.54 -5.84 -27.38
C GLU B 127 8.67 -5.20 -26.56
N LYS B 128 8.31 -4.39 -25.56
CA LYS B 128 9.34 -3.73 -24.76
C LYS B 128 10.24 -4.71 -24.03
N TYR B 129 9.77 -5.94 -23.82
CA TYR B 129 10.58 -6.94 -23.15
C TYR B 129 11.41 -7.69 -24.19
N GLN B 130 10.81 -7.93 -25.35
CA GLN B 130 11.50 -8.63 -26.42
C GLN B 130 12.76 -7.84 -26.75
N THR B 131 12.62 -6.53 -26.85
CA THR B 131 13.74 -5.67 -27.16
C THR B 131 14.89 -5.81 -26.15
N VAL B 132 14.55 -5.84 -24.87
CA VAL B 132 15.56 -5.97 -23.83
C VAL B 132 16.28 -7.33 -23.91
N ILE B 133 15.50 -8.40 -23.96
CA ILE B 133 16.08 -9.73 -24.03
C ILE B 133 16.93 -9.97 -25.28
N ALA B 134 16.47 -9.47 -26.42
CA ALA B 134 17.19 -9.63 -27.68
C ALA B 134 18.50 -8.84 -27.66
N ASP B 135 18.45 -7.61 -27.16
CA ASP B 135 19.64 -6.77 -27.09
C ASP B 135 20.74 -7.44 -26.26
N ILE B 136 20.33 -8.02 -25.13
CA ILE B 136 21.29 -8.69 -24.27
C ILE B 136 21.84 -9.94 -24.96
N CYS B 137 20.97 -10.67 -25.64
CA CYS B 137 21.40 -11.87 -26.37
C CYS B 137 22.43 -11.55 -27.44
N ARG B 138 22.19 -10.49 -28.18
CA ARG B 138 23.12 -10.07 -29.23
C ARG B 138 24.51 -9.78 -28.65
N ARG B 139 24.55 -8.92 -27.62
CA ARG B 139 25.82 -8.56 -27.00
C ARG B 139 26.51 -9.75 -26.35
N MET B 140 25.75 -10.59 -25.67
CA MET B 140 26.33 -11.75 -25.01
C MET B 140 27.01 -12.63 -26.07
N GLY B 141 26.35 -12.76 -27.23
CA GLY B 141 26.88 -13.56 -28.30
C GLY B 141 28.23 -13.06 -28.80
N ILE B 142 28.31 -11.76 -29.03
CA ILE B 142 29.55 -11.16 -29.49
C ILE B 142 30.67 -11.49 -28.49
N GLY B 143 30.44 -11.14 -27.23
CA GLY B 143 31.42 -11.41 -26.20
C GLY B 143 31.76 -12.89 -26.04
N MET B 144 30.75 -13.76 -26.12
CA MET B 144 31.03 -15.18 -25.98
C MET B 144 31.91 -15.63 -27.14
N ALA B 145 31.70 -15.05 -28.31
CA ALA B 145 32.50 -15.39 -29.49
C ALA B 145 33.94 -14.97 -29.25
N GLU B 146 34.11 -13.71 -28.83
CA GLU B 146 35.42 -13.15 -28.52
C GLU B 146 36.28 -14.10 -27.69
N PHE B 147 35.68 -14.74 -26.69
CA PHE B 147 36.43 -15.61 -25.79
C PHE B 147 36.50 -17.10 -26.12
N LEU B 148 36.10 -17.48 -27.32
CA LEU B 148 36.15 -18.89 -27.72
C LEU B 148 37.59 -19.35 -27.97
N ASP B 149 38.47 -18.43 -28.37
CA ASP B 149 39.85 -18.80 -28.64
C ASP B 149 40.82 -18.42 -27.52
N LYS B 150 40.69 -17.21 -26.99
CA LYS B 150 41.58 -16.75 -25.92
C LYS B 150 41.09 -17.18 -24.54
N HIS B 151 42.03 -17.34 -23.61
CA HIS B 151 41.71 -17.70 -22.23
C HIS B 151 41.71 -16.36 -21.51
N VAL B 152 41.25 -16.32 -20.26
CA VAL B 152 41.22 -15.06 -19.52
C VAL B 152 42.61 -14.73 -19.00
N THR B 153 43.15 -13.60 -19.42
CA THR B 153 44.48 -13.19 -18.99
C THR B 153 44.48 -12.27 -17.77
N SER B 154 44.30 -10.97 -18.00
CA SER B 154 44.31 -9.99 -16.92
C SER B 154 43.05 -10.02 -16.08
N GLU B 155 43.07 -9.25 -15.00
CA GLU B 155 41.92 -9.15 -14.11
C GLU B 155 40.89 -8.30 -14.81
N GLN B 156 41.38 -7.37 -15.64
CA GLN B 156 40.52 -6.47 -16.39
C GLN B 156 39.73 -7.27 -17.42
N GLU B 157 40.35 -8.32 -17.97
CA GLU B 157 39.71 -9.19 -18.95
C GLU B 157 38.70 -10.08 -18.25
N TRP B 158 39.00 -10.46 -17.01
CA TRP B 158 38.12 -11.31 -16.20
C TRP B 158 36.78 -10.60 -15.97
N ASP B 159 36.82 -9.28 -15.86
CA ASP B 159 35.61 -8.48 -15.65
C ASP B 159 34.81 -8.49 -16.94
N LYS B 160 35.52 -8.35 -18.05
CA LYS B 160 34.90 -8.33 -19.37
C LYS B 160 34.18 -9.65 -19.65
N TYR B 161 34.87 -10.77 -19.42
CA TYR B 161 34.26 -12.08 -19.64
C TYR B 161 33.05 -12.25 -18.74
N CYS B 162 33.19 -11.83 -17.49
CA CYS B 162 32.09 -11.95 -16.54
C CYS B 162 30.95 -11.02 -16.94
N HIS B 163 31.30 -9.89 -17.53
CA HIS B 163 30.30 -8.94 -17.99
C HIS B 163 29.42 -9.60 -19.04
N TYR B 164 30.06 -10.21 -20.04
CA TYR B 164 29.35 -10.86 -21.13
C TYR B 164 28.43 -12.02 -20.76
N VAL B 165 28.87 -12.89 -19.87
CA VAL B 165 28.07 -14.05 -19.50
C VAL B 165 27.20 -13.91 -18.26
N ALA B 166 27.37 -12.82 -17.53
CA ALA B 166 26.57 -12.64 -16.32
C ALA B 166 26.23 -11.18 -16.06
N GLY B 167 27.20 -10.30 -16.25
CA GLY B 167 26.96 -8.88 -16.04
C GLY B 167 25.81 -8.37 -16.89
N LEU B 168 25.72 -8.88 -18.11
CA LEU B 168 24.66 -8.47 -19.01
C LEU B 168 23.32 -9.03 -18.60
N VAL B 169 23.33 -10.14 -17.88
CA VAL B 169 22.07 -10.73 -17.42
C VAL B 169 21.49 -9.80 -16.35
N GLY B 170 22.35 -9.28 -15.48
CA GLY B 170 21.92 -8.38 -14.44
C GLY B 170 21.36 -7.10 -15.03
N ILE B 171 21.96 -6.65 -16.13
CA ILE B 171 21.52 -5.44 -16.80
C ILE B 171 20.20 -5.73 -17.51
N GLY B 172 20.10 -6.94 -18.06
CA GLY B 172 18.90 -7.34 -18.76
C GLY B 172 17.74 -7.42 -17.80
N LEU B 173 17.90 -8.19 -16.74
CA LEU B 173 16.87 -8.33 -15.72
C LEU B 173 16.44 -7.00 -15.11
N SER B 174 17.39 -6.09 -14.91
CA SER B 174 17.08 -4.79 -14.30
C SER B 174 16.21 -3.90 -15.17
N ARG B 175 16.35 -4.04 -16.48
CA ARG B 175 15.56 -3.24 -17.39
C ARG B 175 14.20 -3.85 -17.60
N LEU B 176 14.07 -5.13 -17.31
CA LEU B 176 12.77 -5.78 -17.43
C LEU B 176 12.00 -5.27 -16.20
N PHE B 177 12.69 -5.21 -15.07
CA PHE B 177 12.08 -4.75 -13.82
C PHE B 177 11.56 -3.33 -13.98
N SER B 178 12.41 -2.45 -14.50
CA SER B 178 12.05 -1.06 -14.70
C SER B 178 10.96 -0.92 -15.75
N ALA B 179 11.13 -1.61 -16.87
CA ALA B 179 10.14 -1.55 -17.95
C ALA B 179 8.78 -2.06 -17.49
N SER B 180 8.78 -3.04 -16.58
CA SER B 180 7.54 -3.62 -16.06
C SER B 180 6.90 -2.66 -15.03
N GLU B 181 7.70 -1.73 -14.53
CA GLU B 181 7.24 -0.75 -13.55
C GLU B 181 7.12 -1.27 -12.12
N PHE B 182 7.48 -2.52 -11.90
CA PHE B 182 7.43 -3.07 -10.55
C PHE B 182 8.57 -2.45 -9.73
N GLU B 183 9.60 -1.97 -10.42
CA GLU B 183 10.74 -1.34 -9.80
C GLU B 183 10.97 0.03 -10.42
N ASP B 184 11.63 0.91 -9.67
CA ASP B 184 11.91 2.28 -10.10
C ASP B 184 12.76 2.34 -11.37
N PRO B 185 12.59 3.40 -12.17
CA PRO B 185 13.37 3.54 -13.40
C PRO B 185 14.87 3.51 -13.13
N LEU B 186 15.26 3.87 -11.91
CA LEU B 186 16.67 3.90 -11.54
C LEU B 186 17.35 2.55 -11.62
N VAL B 187 16.63 1.51 -11.22
CA VAL B 187 17.16 0.16 -11.24
C VAL B 187 17.70 -0.19 -12.63
N GLY B 188 16.91 0.08 -13.66
CA GLY B 188 17.31 -0.23 -15.02
C GLY B 188 18.39 0.71 -15.54
N GLU B 189 18.39 1.93 -15.05
CA GLU B 189 19.36 2.92 -15.48
C GLU B 189 20.77 2.76 -14.92
N ASP B 190 20.90 2.25 -13.69
CA ASP B 190 22.22 2.07 -13.10
C ASP B 190 22.81 0.74 -13.56
N THR B 191 23.39 0.76 -14.75
CA THR B 191 23.98 -0.44 -15.32
C THR B 191 25.21 -0.93 -14.57
N GLU B 192 25.93 -0.03 -13.91
CA GLU B 192 27.11 -0.44 -13.16
C GLU B 192 26.76 -1.35 -12.00
N ARG B 193 25.74 -0.99 -11.24
CA ARG B 193 25.32 -1.80 -10.11
C ARG B 193 24.71 -3.10 -10.59
N ALA B 194 23.97 -3.04 -11.70
CA ALA B 194 23.35 -4.24 -12.24
C ALA B 194 24.45 -5.19 -12.67
N ASN B 195 25.46 -4.65 -13.34
CA ASN B 195 26.59 -5.42 -13.81
C ASN B 195 27.31 -6.04 -12.62
N SER B 196 27.40 -5.30 -11.52
CA SER B 196 28.08 -5.82 -10.34
C SER B 196 27.38 -7.05 -9.75
N MET B 197 26.04 -7.05 -9.77
CA MET B 197 25.28 -8.18 -9.27
C MET B 197 25.74 -9.42 -10.05
N GLY B 198 25.76 -9.32 -11.37
CA GLY B 198 26.20 -10.45 -12.18
C GLY B 198 27.64 -10.86 -11.94
N LEU B 199 28.53 -9.87 -11.85
CA LEU B 199 29.95 -10.13 -11.65
C LEU B 199 30.21 -10.88 -10.35
N PHE B 200 29.47 -10.53 -9.30
CA PHE B 200 29.66 -11.18 -8.03
C PHE B 200 29.30 -12.67 -8.06
N LEU B 201 28.26 -13.02 -8.79
CA LEU B 201 27.88 -14.43 -8.88
C LEU B 201 28.85 -15.19 -9.75
N GLN B 202 29.14 -14.66 -10.92
CA GLN B 202 30.05 -15.33 -11.86
C GLN B 202 31.39 -15.65 -11.21
N LYS B 203 32.01 -14.63 -10.61
CA LYS B 203 33.30 -14.85 -9.96
C LYS B 203 33.19 -15.88 -8.87
N THR B 204 32.11 -15.85 -8.10
CA THR B 204 31.95 -16.82 -7.02
C THR B 204 31.87 -18.21 -7.61
N ASN B 205 31.12 -18.37 -8.70
CA ASN B 205 31.00 -19.68 -9.33
C ASN B 205 32.34 -20.14 -9.91
N ILE B 206 32.99 -19.27 -10.68
CA ILE B 206 34.27 -19.61 -11.27
C ILE B 206 35.23 -20.09 -10.19
N ILE B 207 35.37 -19.30 -9.13
CA ILE B 207 36.23 -19.65 -8.02
C ILE B 207 35.89 -21.01 -7.44
N ARG B 208 34.62 -21.25 -7.24
CA ARG B 208 34.14 -22.51 -6.66
C ARG B 208 34.30 -23.72 -7.59
N ASP B 209 34.09 -23.50 -8.89
CA ASP B 209 34.18 -24.58 -9.87
C ASP B 209 35.58 -24.89 -10.43
N TYR B 210 36.63 -24.42 -9.79
CA TYR B 210 37.98 -24.68 -10.29
C TYR B 210 38.23 -26.12 -10.71
N LEU B 211 38.12 -27.05 -9.75
CA LEU B 211 38.37 -28.45 -10.04
C LEU B 211 37.47 -29.03 -11.14
N GLU B 212 36.18 -28.75 -11.05
CA GLU B 212 35.20 -29.23 -12.02
C GLU B 212 35.44 -28.66 -13.41
N ASP B 213 36.01 -27.45 -13.47
CA ASP B 213 36.31 -26.86 -14.77
C ASP B 213 37.61 -27.43 -15.29
N GLN B 214 38.47 -27.86 -14.36
CA GLN B 214 39.77 -28.43 -14.69
C GLN B 214 39.61 -29.79 -15.36
N GLN B 215 38.82 -30.64 -14.72
CA GLN B 215 38.54 -31.98 -15.23
C GLN B 215 37.64 -31.93 -16.45
N GLY B 216 37.29 -30.72 -16.88
CA GLY B 216 36.45 -30.56 -18.05
C GLY B 216 37.21 -29.81 -19.12
N GLY B 217 38.47 -29.53 -18.84
CA GLY B 217 39.31 -28.82 -19.78
C GLY B 217 38.86 -27.39 -20.06
N ARG B 218 38.48 -26.69 -19.00
CA ARG B 218 38.04 -25.30 -19.11
C ARG B 218 38.85 -24.45 -18.14
N GLU B 219 39.43 -23.37 -18.63
CA GLU B 219 40.22 -22.49 -17.79
C GLU B 219 39.58 -21.11 -17.72
N PHE B 220 39.21 -20.70 -16.51
CA PHE B 220 38.56 -19.42 -16.32
C PHE B 220 39.26 -18.43 -15.39
N TRP B 221 40.05 -18.93 -14.45
CA TRP B 221 40.77 -18.05 -13.54
C TRP B 221 41.70 -17.15 -14.32
N PRO B 222 41.78 -15.86 -13.93
CA PRO B 222 42.65 -14.90 -14.62
C PRO B 222 44.12 -15.37 -14.66
N GLN B 223 44.68 -15.44 -15.85
CA GLN B 223 46.06 -15.91 -16.02
C GLN B 223 47.08 -15.08 -15.27
N GLU B 224 46.92 -13.76 -15.31
CA GLU B 224 47.85 -12.88 -14.62
C GLU B 224 47.82 -13.05 -13.09
N VAL B 225 46.96 -13.93 -12.59
CA VAL B 225 46.89 -14.15 -11.16
C VAL B 225 47.50 -15.50 -10.81
N TRP B 226 47.02 -16.55 -11.44
CA TRP B 226 47.53 -17.88 -11.16
C TRP B 226 48.94 -18.10 -11.68
N SER B 227 49.34 -17.33 -12.69
CA SER B 227 50.67 -17.48 -13.26
C SER B 227 51.73 -16.82 -12.39
N ARG B 228 51.38 -16.55 -11.14
CA ARG B 228 52.30 -15.94 -10.19
C ARG B 228 52.52 -16.95 -9.08
N TYR B 229 51.79 -18.05 -9.17
CA TYR B 229 51.86 -19.12 -8.19
C TYR B 229 52.40 -20.41 -8.82
N VAL B 230 52.02 -20.65 -10.07
CA VAL B 230 52.47 -21.85 -10.77
C VAL B 230 52.59 -21.58 -12.26
N LYS B 231 53.23 -22.52 -12.97
CA LYS B 231 53.43 -22.40 -14.40
C LYS B 231 52.15 -22.65 -15.21
N LYS B 232 51.31 -23.54 -14.73
CA LYS B 232 50.05 -23.89 -15.41
C LYS B 232 48.90 -24.08 -14.44
N LEU B 233 47.80 -23.37 -14.69
CA LEU B 233 46.59 -23.42 -13.86
C LEU B 233 46.29 -24.79 -13.27
N GLY B 234 46.35 -25.82 -14.11
CA GLY B 234 46.06 -27.16 -13.62
C GLY B 234 46.97 -27.64 -12.51
N ASP B 235 48.06 -26.93 -12.24
CA ASP B 235 48.99 -27.32 -11.21
C ASP B 235 48.42 -27.26 -9.78
N PHE B 236 47.40 -26.43 -9.57
CA PHE B 236 46.80 -26.32 -8.26
C PHE B 236 46.13 -27.62 -7.87
N ALA B 237 45.91 -28.48 -8.86
CA ALA B 237 45.27 -29.75 -8.61
C ALA B 237 46.24 -30.73 -7.97
N LEU B 238 47.53 -30.40 -8.02
CA LEU B 238 48.57 -31.27 -7.48
C LEU B 238 48.93 -30.94 -6.03
N PRO B 239 48.60 -31.88 -5.14
CA PRO B 239 48.80 -31.84 -3.70
C PRO B 239 50.03 -31.14 -3.20
N GLU B 240 51.06 -31.02 -4.02
CA GLU B 240 52.30 -30.39 -3.59
C GLU B 240 52.20 -28.88 -3.74
N ASN B 241 51.10 -28.43 -4.35
CA ASN B 241 50.90 -27.02 -4.58
C ASN B 241 49.71 -26.43 -3.83
N ILE B 242 48.98 -27.29 -3.13
CA ILE B 242 47.80 -26.87 -2.38
C ILE B 242 47.99 -25.50 -1.72
N ASP B 243 49.11 -25.32 -1.03
CA ASP B 243 49.38 -24.06 -0.34
C ASP B 243 49.43 -22.87 -1.29
N LEU B 244 50.06 -23.04 -2.45
CA LEU B 244 50.14 -21.96 -3.42
C LEU B 244 48.75 -21.73 -4.00
N ALA B 245 47.97 -22.81 -4.06
CA ALA B 245 46.61 -22.76 -4.60
C ALA B 245 45.67 -21.99 -3.67
N VAL B 246 45.72 -22.32 -2.38
CA VAL B 246 44.89 -21.66 -1.38
C VAL B 246 45.22 -20.18 -1.30
N GLN B 247 46.40 -19.82 -1.78
CA GLN B 247 46.80 -18.42 -1.77
C GLN B 247 46.18 -17.71 -2.95
N CYS B 248 46.32 -18.30 -4.13
CA CYS B 248 45.74 -17.72 -5.34
C CYS B 248 44.23 -17.66 -5.14
N LEU B 249 43.69 -18.73 -4.55
CA LEU B 249 42.27 -18.81 -4.26
C LEU B 249 41.86 -17.58 -3.45
N ASN B 250 42.61 -17.31 -2.37
CA ASN B 250 42.29 -16.18 -1.52
C ASN B 250 42.47 -14.84 -2.21
N GLU B 251 43.29 -14.79 -3.25
CA GLU B 251 43.49 -13.52 -3.95
C GLU B 251 42.29 -13.24 -4.85
N LEU B 252 41.66 -14.31 -5.34
CA LEU B 252 40.51 -14.16 -6.22
C LEU B 252 39.25 -13.82 -5.42
N ILE B 253 39.10 -14.45 -4.26
CA ILE B 253 37.95 -14.18 -3.41
C ILE B 253 38.04 -12.73 -2.98
N THR B 254 39.26 -12.26 -2.72
CA THR B 254 39.47 -10.87 -2.31
C THR B 254 39.00 -9.97 -3.45
N ASN B 255 39.26 -10.41 -4.67
CA ASN B 255 38.87 -9.68 -5.86
C ASN B 255 37.34 -9.56 -5.87
N ALA B 256 36.68 -10.69 -5.74
CA ALA B 256 35.23 -10.78 -5.74
C ALA B 256 34.56 -9.89 -4.68
N LEU B 257 35.14 -9.85 -3.49
CA LEU B 257 34.58 -9.06 -2.40
C LEU B 257 34.41 -7.58 -2.71
N HIS B 258 35.05 -7.11 -3.77
CA HIS B 258 34.94 -5.70 -4.14
C HIS B 258 33.61 -5.30 -4.73
N HIS B 259 32.75 -6.28 -5.02
CA HIS B 259 31.43 -6.01 -5.61
C HIS B 259 30.31 -5.84 -4.57
N ILE B 260 30.53 -6.35 -3.36
CA ILE B 260 29.52 -6.28 -2.32
C ILE B 260 28.93 -4.89 -2.07
N PRO B 261 29.75 -3.83 -2.08
CA PRO B 261 29.15 -2.52 -1.86
C PRO B 261 28.09 -2.22 -2.92
N ASP B 262 28.33 -2.66 -4.15
CA ASP B 262 27.38 -2.44 -5.24
C ASP B 262 26.18 -3.37 -5.13
N VAL B 263 26.40 -4.58 -4.68
CA VAL B 263 25.33 -5.54 -4.53
C VAL B 263 24.34 -4.98 -3.51
N ILE B 264 24.87 -4.45 -2.41
CA ILE B 264 24.06 -3.87 -1.35
C ILE B 264 23.30 -2.63 -1.83
N THR B 265 23.97 -1.79 -2.60
CA THR B 265 23.33 -0.58 -3.11
C THR B 265 22.19 -0.99 -4.04
N TYR B 266 22.45 -1.98 -4.90
CA TYR B 266 21.46 -2.45 -5.85
C TYR B 266 20.21 -2.98 -5.15
N LEU B 267 20.43 -3.87 -4.19
CA LEU B 267 19.35 -4.47 -3.44
C LEU B 267 18.56 -3.44 -2.62
N SER B 268 19.25 -2.44 -2.10
CA SER B 268 18.58 -1.43 -1.28
C SER B 268 17.59 -0.57 -2.05
N ARG B 269 17.60 -0.62 -3.38
CA ARG B 269 16.68 0.18 -4.20
C ARG B 269 15.41 -0.58 -4.59
N LEU B 270 15.45 -1.91 -4.45
CA LEU B 270 14.28 -2.71 -4.81
C LEU B 270 13.13 -2.40 -3.87
N ARG B 271 11.91 -2.40 -4.40
CA ARG B 271 10.73 -2.15 -3.57
C ARG B 271 9.71 -3.28 -3.66
N ASN B 272 9.73 -4.02 -4.77
CA ASN B 272 8.81 -5.13 -4.98
C ASN B 272 9.36 -6.38 -4.29
N GLN B 273 8.53 -6.98 -3.45
CA GLN B 273 8.92 -8.16 -2.70
C GLN B 273 9.33 -9.39 -3.52
N SER B 274 8.57 -9.70 -4.58
CA SER B 274 8.89 -10.88 -5.39
C SER B 274 10.23 -10.70 -6.10
N VAL B 275 10.54 -9.47 -6.48
CA VAL B 275 11.79 -9.15 -7.15
C VAL B 275 12.93 -9.13 -6.16
N PHE B 276 12.64 -8.77 -4.91
CA PHE B 276 13.67 -8.72 -3.88
C PHE B 276 14.19 -10.11 -3.53
N ASN B 277 13.28 -11.05 -3.33
CA ASN B 277 13.68 -12.42 -3.00
C ASN B 277 14.49 -12.93 -4.19
N PHE B 278 14.04 -12.59 -5.38
CA PHE B 278 14.69 -13.03 -6.61
C PHE B 278 16.13 -12.55 -6.72
N CYS B 279 16.38 -11.28 -6.39
CA CYS B 279 17.72 -10.74 -6.49
C CYS B 279 18.62 -11.02 -5.30
N ALA B 280 18.05 -10.97 -4.10
CA ALA B 280 18.78 -11.17 -2.86
C ALA B 280 19.23 -12.59 -2.54
N ILE B 281 18.37 -13.58 -2.80
CA ILE B 281 18.71 -14.94 -2.49
C ILE B 281 20.02 -15.45 -3.13
N PRO B 282 20.20 -15.22 -4.44
CA PRO B 282 21.43 -15.68 -5.09
C PRO B 282 22.68 -14.96 -4.58
N GLN B 283 22.55 -13.66 -4.28
CA GLN B 283 23.69 -12.90 -3.78
C GLN B 283 24.12 -13.41 -2.41
N VAL B 284 23.14 -13.82 -1.61
CA VAL B 284 23.42 -14.33 -0.28
C VAL B 284 24.06 -15.70 -0.40
N MET B 285 23.54 -16.50 -1.33
CA MET B 285 24.10 -17.82 -1.54
C MET B 285 25.55 -17.68 -1.99
N ALA B 286 25.82 -16.65 -2.79
CA ALA B 286 27.17 -16.43 -3.29
C ALA B 286 28.14 -16.02 -2.19
N ILE B 287 27.72 -15.11 -1.31
CA ILE B 287 28.58 -14.68 -0.23
C ILE B 287 28.87 -15.82 0.74
N ALA B 288 27.85 -16.66 0.97
CA ALA B 288 28.01 -17.78 1.87
C ALA B 288 29.02 -18.78 1.27
N THR B 289 28.98 -18.91 -0.06
CA THR B 289 29.87 -19.81 -0.78
C THR B 289 31.32 -19.32 -0.73
N LEU B 290 31.53 -18.01 -0.85
CA LEU B 290 32.89 -17.49 -0.79
C LEU B 290 33.41 -17.67 0.63
N ALA B 291 32.52 -17.52 1.59
CA ALA B 291 32.90 -17.69 2.99
C ALA B 291 33.46 -19.08 3.19
N ALA B 292 32.70 -20.06 2.71
CA ALA B 292 33.09 -21.45 2.84
C ALA B 292 34.40 -21.76 2.11
N CYS B 293 34.60 -21.13 0.95
CA CYS B 293 35.78 -21.37 0.15
C CYS B 293 37.05 -20.65 0.61
N TYR B 294 36.91 -19.52 1.29
CA TYR B 294 38.07 -18.76 1.74
C TYR B 294 39.08 -19.61 2.51
N ASN B 295 40.35 -19.51 2.11
CA ASN B 295 41.44 -20.23 2.76
C ASN B 295 41.05 -21.69 2.97
N ASN B 296 40.33 -22.25 2.01
CA ASN B 296 39.89 -23.65 2.11
C ASN B 296 40.51 -24.56 1.03
N GLN B 297 41.34 -25.52 1.45
CA GLN B 297 41.99 -26.44 0.52
C GLN B 297 41.00 -27.36 -0.19
N GLN B 298 39.89 -27.66 0.46
CA GLN B 298 38.88 -28.54 -0.12
C GLN B 298 38.39 -28.08 -1.50
N VAL B 299 38.56 -26.79 -1.80
CA VAL B 299 38.15 -26.25 -3.08
C VAL B 299 38.86 -27.01 -4.20
N PHE B 300 40.09 -27.42 -3.90
CA PHE B 300 40.92 -28.13 -4.86
C PHE B 300 40.88 -29.65 -4.80
N LYS B 301 40.11 -30.20 -3.85
CA LYS B 301 39.99 -31.64 -3.75
C LYS B 301 38.61 -32.08 -4.24
N GLY B 302 37.62 -31.20 -4.10
CA GLY B 302 36.27 -31.54 -4.56
C GLY B 302 35.26 -30.41 -4.42
N ALA B 303 34.02 -30.78 -4.10
CA ALA B 303 32.92 -29.82 -3.93
C ALA B 303 32.81 -29.39 -2.48
N VAL B 304 32.70 -28.08 -2.28
CA VAL B 304 32.58 -27.52 -0.94
C VAL B 304 31.13 -27.47 -0.47
N LEU B 305 30.85 -27.92 0.74
CA LEU B 305 29.49 -27.87 1.27
C LEU B 305 29.21 -26.55 1.97
N ILE B 306 28.10 -25.91 1.63
CA ILE B 306 27.76 -24.61 2.20
C ILE B 306 27.42 -24.70 3.71
N ARG B 307 28.25 -24.05 4.53
CA ARG B 307 28.15 -24.02 5.99
C ARG B 307 26.86 -23.50 6.68
N LEU B 308 26.55 -24.07 7.84
CA LEU B 308 25.39 -23.68 8.66
C LEU B 308 25.21 -22.16 8.91
N GLY B 309 25.68 -21.66 10.05
CA GLY B 309 25.56 -20.24 10.34
C GLY B 309 25.38 -19.94 11.82
N GLN B 310 25.50 -18.67 12.23
CA GLN B 310 25.34 -18.36 13.64
C GLN B 310 23.87 -18.37 14.05
N ALA B 311 23.58 -18.03 15.31
CA ALA B 311 22.21 -18.00 15.82
C ALA B 311 21.45 -16.75 15.38
N VAL B 312 22.17 -15.74 14.90
CA VAL B 312 21.53 -14.51 14.46
C VAL B 312 21.36 -14.51 12.94
N THR B 313 21.25 -15.72 12.40
CA THR B 313 21.03 -15.93 10.97
C THR B 313 19.99 -17.04 10.87
N LEU B 314 19.65 -17.60 12.03
CA LEU B 314 18.63 -18.65 12.11
C LEU B 314 17.34 -17.92 12.45
N MET B 315 17.49 -16.66 12.84
CA MET B 315 16.36 -15.83 13.22
C MET B 315 15.79 -15.08 12.02
N MET B 316 16.61 -14.86 11.01
CA MET B 316 16.16 -14.14 9.83
C MET B 316 16.44 -14.84 8.52
N ASP B 317 15.79 -14.34 7.47
CA ASP B 317 15.92 -14.88 6.13
C ASP B 317 16.21 -13.72 5.18
N ALA B 318 16.43 -14.03 3.91
CA ALA B 318 16.75 -13.00 2.93
C ALA B 318 15.56 -12.30 2.29
N THR B 319 14.58 -11.91 3.10
CA THR B 319 13.39 -11.26 2.55
C THR B 319 13.23 -9.75 2.83
N ASN B 320 14.07 -9.19 3.69
CA ASN B 320 14.02 -7.74 3.97
C ASN B 320 15.46 -7.22 3.94
N MET B 321 15.65 -5.99 3.47
CA MET B 321 16.98 -5.39 3.34
C MET B 321 17.89 -5.45 4.57
N PRO B 322 17.45 -4.97 5.74
CA PRO B 322 18.31 -5.01 6.92
C PRO B 322 18.77 -6.42 7.28
N ALA B 323 17.93 -7.41 7.06
CA ALA B 323 18.30 -8.78 7.38
C ALA B 323 19.40 -9.27 6.45
N VAL B 324 19.29 -8.91 5.17
CA VAL B 324 20.26 -9.31 4.18
C VAL B 324 21.60 -8.64 4.44
N LYS B 325 21.58 -7.38 4.87
CA LYS B 325 22.83 -6.70 5.19
C LYS B 325 23.46 -7.43 6.36
N ALA B 326 22.64 -7.70 7.38
CA ALA B 326 23.12 -8.41 8.56
C ALA B 326 23.79 -9.71 8.12
N ILE B 327 23.14 -10.43 7.23
CA ILE B 327 23.67 -11.69 6.74
C ILE B 327 25.01 -11.50 6.04
N ILE B 328 25.04 -10.60 5.05
CA ILE B 328 26.25 -10.32 4.30
C ILE B 328 27.40 -10.02 5.27
N TYR B 329 27.12 -9.17 6.26
CA TYR B 329 28.13 -8.80 7.25
C TYR B 329 28.60 -9.99 8.08
N GLN B 330 27.68 -10.87 8.46
CA GLN B 330 28.05 -12.01 9.27
C GLN B 330 29.05 -12.89 8.53
N TYR B 331 28.84 -13.05 7.22
CA TYR B 331 29.74 -13.84 6.41
C TYR B 331 31.04 -13.07 6.20
N MET B 332 30.95 -11.75 6.23
CA MET B 332 32.13 -10.93 6.06
C MET B 332 33.09 -11.32 7.18
N GLU B 333 32.58 -11.23 8.40
CA GLU B 333 33.35 -11.53 9.60
C GLU B 333 33.88 -12.95 9.63
N GLU B 334 33.12 -13.89 9.09
CA GLU B 334 33.58 -15.28 9.09
C GLU B 334 34.85 -15.41 8.26
N ILE B 335 34.96 -14.61 7.21
CA ILE B 335 36.14 -14.63 6.37
C ILE B 335 37.24 -13.89 7.11
N TYR B 336 36.91 -12.67 7.55
CA TYR B 336 37.86 -11.83 8.27
C TYR B 336 38.56 -12.57 9.40
N HIS B 337 37.77 -13.27 10.19
CA HIS B 337 38.30 -14.03 11.32
C HIS B 337 39.46 -14.91 10.87
N ARG B 338 39.22 -15.69 9.82
CA ARG B 338 40.19 -16.63 9.28
C ARG B 338 41.33 -16.12 8.40
N ILE B 339 41.43 -14.81 8.18
CA ILE B 339 42.51 -14.29 7.34
C ILE B 339 43.87 -14.52 8.01
N PRO B 340 44.68 -15.44 7.46
CA PRO B 340 46.00 -15.70 8.05
C PRO B 340 46.94 -14.55 7.72
N ASP B 341 47.56 -13.99 8.74
CA ASP B 341 48.48 -12.88 8.54
C ASP B 341 49.53 -13.32 7.51
N SER B 342 49.77 -14.62 7.45
CA SER B 342 50.73 -15.19 6.51
C SER B 342 50.39 -14.73 5.08
N ASN B 343 49.21 -15.09 4.63
CA ASN B 343 48.73 -14.83 3.27
C ASN B 343 49.21 -13.53 2.66
N PRO B 344 49.63 -13.57 1.39
CA PRO B 344 50.13 -12.42 0.61
C PRO B 344 49.08 -11.38 0.32
N SER B 345 47.83 -11.73 0.59
CA SER B 345 46.70 -10.88 0.33
C SER B 345 46.05 -10.36 1.61
N SER B 346 46.37 -11.00 2.74
CA SER B 346 45.83 -10.63 4.04
C SER B 346 45.51 -9.14 4.20
N SER B 347 46.44 -8.27 3.82
CA SER B 347 46.23 -6.84 3.94
C SER B 347 45.08 -6.32 3.07
N LYS B 348 45.01 -6.81 1.84
CA LYS B 348 43.97 -6.38 0.91
C LYS B 348 42.61 -6.97 1.25
N THR B 349 42.61 -8.21 1.74
CA THR B 349 41.38 -8.88 2.13
C THR B 349 40.72 -8.07 3.25
N ARG B 350 41.48 -7.83 4.32
CA ARG B 350 41.00 -7.06 5.47
C ARG B 350 40.55 -5.65 5.10
N GLN B 351 41.30 -5.02 4.21
CA GLN B 351 41.00 -3.66 3.78
C GLN B 351 39.68 -3.51 3.04
N ILE B 352 39.36 -4.48 2.17
CA ILE B 352 38.11 -4.39 1.42
C ILE B 352 36.92 -4.69 2.31
N ILE B 353 37.11 -5.60 3.26
CA ILE B 353 36.05 -5.97 4.18
C ILE B 353 35.81 -4.77 5.09
N SER B 354 36.87 -4.31 5.75
CA SER B 354 36.79 -3.15 6.64
C SER B 354 36.02 -2.02 5.94
N THR B 355 36.27 -1.85 4.65
CA THR B 355 35.62 -0.81 3.86
C THR B 355 34.13 -1.09 3.67
N ILE B 356 33.79 -2.37 3.54
CA ILE B 356 32.39 -2.76 3.35
C ILE B 356 31.62 -2.56 4.66
N ARG B 357 32.32 -2.70 5.78
CA ARG B 357 31.73 -2.55 7.11
C ARG B 357 31.45 -1.10 7.48
N THR B 358 32.24 -0.18 6.92
CA THR B 358 32.12 1.24 7.24
C THR B 358 31.26 2.08 6.30
N GLN B 359 30.57 1.45 5.35
CA GLN B 359 29.73 2.23 4.43
C GLN B 359 28.27 2.22 4.86
N LEU C 26 35.42 6.13 5.05
CA LEU C 26 36.48 7.13 4.99
C LEU C 26 37.40 7.09 6.21
N SER C 27 36.94 7.68 7.32
CA SER C 27 37.70 7.75 8.57
C SER C 27 38.31 6.41 9.01
N SER C 28 39.60 6.46 9.30
CA SER C 28 40.33 5.27 9.74
C SER C 28 40.00 4.92 11.18
N SER C 29 39.57 5.92 11.96
CA SER C 29 39.21 5.68 13.35
C SER C 29 37.83 5.06 13.38
N LEU C 30 36.99 5.38 12.40
CA LEU C 30 35.67 4.79 12.34
C LEU C 30 35.85 3.37 11.83
N LYS C 31 36.82 3.20 10.93
CA LYS C 31 37.09 1.87 10.40
C LYS C 31 37.58 1.00 11.55
N THR C 32 38.39 1.59 12.43
CA THR C 32 38.92 0.86 13.58
C THR C 32 37.80 0.51 14.56
N CYS C 33 36.90 1.47 14.81
CA CYS C 33 35.80 1.22 15.72
C CYS C 33 34.98 0.00 15.25
N TYR C 34 34.77 -0.12 13.94
CA TYR C 34 34.04 -1.26 13.41
C TYR C 34 34.85 -2.54 13.45
N LYS C 35 36.17 -2.40 13.50
CA LYS C 35 37.02 -3.58 13.59
C LYS C 35 36.78 -4.17 14.98
N TYR C 36 36.69 -3.30 15.98
CA TYR C 36 36.48 -3.77 17.36
C TYR C 36 35.07 -4.32 17.58
N LEU C 37 34.10 -3.71 16.92
CA LEU C 37 32.72 -4.16 17.06
C LEU C 37 32.61 -5.63 16.66
N ASN C 38 33.22 -5.98 15.53
CA ASN C 38 33.19 -7.35 15.02
C ASN C 38 34.07 -8.27 15.87
N GLN C 39 35.05 -7.69 16.55
CA GLN C 39 35.97 -8.43 17.39
C GLN C 39 35.34 -8.74 18.74
N THR C 40 34.64 -7.76 19.28
CA THR C 40 34.03 -7.89 20.60
C THR C 40 32.58 -8.33 20.59
N SER C 41 31.92 -8.23 19.45
CA SER C 41 30.51 -8.61 19.37
C SER C 41 30.26 -9.78 18.44
N ARG C 42 30.27 -10.97 19.02
CA ARG C 42 30.06 -12.20 18.28
C ARG C 42 28.82 -12.17 17.39
N SER C 43 27.68 -11.79 17.97
CA SER C 43 26.43 -11.75 17.22
C SER C 43 25.97 -10.34 16.83
N PHE C 44 25.55 -9.56 17.82
CA PHE C 44 25.07 -8.18 17.65
C PHE C 44 25.76 -7.38 16.55
N ALA C 45 27.05 -7.58 16.37
CA ALA C 45 27.82 -6.85 15.37
C ALA C 45 27.12 -6.69 14.03
N ALA C 46 26.68 -7.80 13.44
CA ALA C 46 26.00 -7.78 12.16
C ALA C 46 24.72 -6.94 12.18
N VAL C 47 23.84 -7.20 13.15
CA VAL C 47 22.57 -6.46 13.23
C VAL C 47 22.78 -4.98 13.48
N ILE C 48 23.81 -4.64 14.25
CA ILE C 48 24.10 -3.24 14.53
C ILE C 48 24.52 -2.54 13.24
N GLN C 49 25.36 -3.21 12.46
CA GLN C 49 25.82 -2.67 11.20
C GLN C 49 24.70 -2.54 10.19
N ALA C 50 23.60 -3.26 10.45
CA ALA C 50 22.43 -3.24 9.58
C ALA C 50 21.49 -2.05 9.89
N LEU C 51 21.69 -1.40 11.04
CA LEU C 51 20.84 -0.28 11.42
C LEU C 51 20.86 0.86 10.41
N ASP C 52 19.76 1.60 10.33
CA ASP C 52 19.64 2.70 9.38
C ASP C 52 20.36 3.97 9.82
N GLY C 53 20.68 4.79 8.83
CA GLY C 53 21.34 6.06 9.03
C GLY C 53 22.24 6.25 10.24
N GLU C 54 21.96 7.32 10.98
CA GLU C 54 22.73 7.69 12.16
C GLU C 54 22.77 6.70 13.32
N MET C 55 21.77 5.82 13.42
CA MET C 55 21.74 4.84 14.50
C MET C 55 22.93 3.88 14.41
N ARG C 56 23.39 3.66 13.19
CA ARG C 56 24.52 2.75 12.93
C ARG C 56 25.73 3.12 13.79
N ASN C 57 26.36 4.25 13.47
CA ASN C 57 27.52 4.71 14.21
C ASN C 57 27.21 4.95 15.68
N ALA C 58 26.03 5.51 15.95
CA ALA C 58 25.66 5.81 17.33
C ALA C 58 25.64 4.57 18.22
N VAL C 59 25.08 3.48 17.69
CA VAL C 59 25.00 2.24 18.45
C VAL C 59 26.33 1.51 18.48
N CYS C 60 27.12 1.67 17.42
CA CYS C 60 28.43 1.03 17.35
C CYS C 60 29.33 1.56 18.48
N ILE C 61 29.38 2.88 18.62
CA ILE C 61 30.18 3.53 19.65
C ILE C 61 29.60 3.19 21.02
N PHE C 62 28.27 3.26 21.14
CA PHE C 62 27.62 2.96 22.41
C PHE C 62 27.99 1.55 22.86
N TYR C 63 28.08 0.63 21.91
CA TYR C 63 28.43 -0.74 22.21
C TYR C 63 29.87 -0.83 22.68
N LEU C 64 30.78 -0.15 21.98
CA LEU C 64 32.18 -0.13 22.33
C LEU C 64 32.47 0.49 23.71
N VAL C 65 31.86 1.65 23.99
CA VAL C 65 32.07 2.30 25.27
C VAL C 65 31.54 1.41 26.40
N LEU C 66 30.41 0.75 26.18
CA LEU C 66 29.86 -0.15 27.19
C LEU C 66 30.71 -1.41 27.29
N ARG C 67 31.36 -1.75 26.18
CA ARG C 67 32.21 -2.92 26.13
C ARG C 67 33.43 -2.66 27.01
N ALA C 68 34.03 -1.49 26.87
CA ALA C 68 35.20 -1.12 27.67
C ALA C 68 34.81 -1.08 29.15
N LEU C 69 33.81 -0.29 29.49
CA LEU C 69 33.36 -0.22 30.86
C LEU C 69 33.20 -1.64 31.43
N ASP C 70 32.60 -2.53 30.65
CA ASP C 70 32.37 -3.89 31.11
C ASP C 70 33.68 -4.65 31.31
N THR C 71 34.66 -4.34 30.47
CA THR C 71 35.97 -4.99 30.56
C THR C 71 36.63 -4.64 31.89
N LEU C 72 36.62 -3.37 32.24
CA LEU C 72 37.23 -2.91 33.49
C LEU C 72 36.56 -3.63 34.66
N GLU C 73 35.24 -3.58 34.68
CA GLU C 73 34.45 -4.20 35.74
C GLU C 73 34.83 -5.66 35.89
N ASP C 74 34.89 -6.38 34.77
CA ASP C 74 35.21 -7.80 34.79
C ASP C 74 36.62 -8.15 35.25
N ASP C 75 37.60 -7.32 34.88
CA ASP C 75 38.99 -7.57 35.21
C ASP C 75 39.25 -7.66 36.71
N MET C 76 39.62 -8.85 37.17
CA MET C 76 39.89 -9.07 38.58
C MET C 76 41.29 -8.70 39.02
N THR C 77 42.15 -8.32 38.07
CA THR C 77 43.51 -7.94 38.44
C THR C 77 43.59 -6.46 38.75
N ILE C 78 42.43 -5.80 38.76
CA ILE C 78 42.35 -4.38 39.07
C ILE C 78 41.70 -4.31 40.43
N SER C 79 42.45 -3.80 41.41
CA SER C 79 41.96 -3.70 42.77
C SER C 79 40.71 -2.85 42.88
N VAL C 80 39.91 -3.12 43.90
CA VAL C 80 38.69 -2.37 44.13
C VAL C 80 39.05 -0.89 44.27
N GLU C 81 40.22 -0.63 44.85
CA GLU C 81 40.67 0.74 45.06
C GLU C 81 40.80 1.50 43.74
N LYS C 82 41.32 0.84 42.72
CA LYS C 82 41.48 1.44 41.40
C LYS C 82 40.20 1.33 40.59
N LYS C 83 39.51 0.22 40.73
CA LYS C 83 38.30 -0.01 39.96
C LYS C 83 37.13 0.94 40.24
N VAL C 84 36.87 1.25 41.50
CA VAL C 84 35.75 2.13 41.82
C VAL C 84 35.88 3.49 41.13
N PRO C 85 37.05 4.13 41.25
CA PRO C 85 37.18 5.42 40.57
C PRO C 85 37.06 5.33 39.04
N LEU C 86 37.52 4.22 38.45
CA LEU C 86 37.43 4.05 37.00
C LEU C 86 35.98 3.93 36.54
N LEU C 87 35.19 3.13 37.26
CA LEU C 87 33.78 2.95 36.92
C LEU C 87 33.00 4.26 37.11
N HIS C 88 33.31 4.98 38.17
CA HIS C 88 32.63 6.24 38.47
C HIS C 88 32.89 7.36 37.48
N ASN C 89 34.14 7.51 37.06
CA ASN C 89 34.49 8.58 36.13
C ASN C 89 34.49 8.19 34.67
N PHE C 90 34.30 6.90 34.39
CA PHE C 90 34.32 6.44 33.01
C PHE C 90 33.62 7.37 32.01
N HIS C 91 32.43 7.83 32.36
CA HIS C 91 31.67 8.71 31.47
C HIS C 91 32.44 9.94 31.02
N SER C 92 33.22 10.54 31.91
CA SER C 92 33.98 11.73 31.55
C SER C 92 35.25 11.39 30.76
N PHE C 93 35.69 10.13 30.82
CA PHE C 93 36.87 9.71 30.06
C PHE C 93 36.50 9.91 28.59
N LEU C 94 35.21 9.76 28.30
CA LEU C 94 34.69 9.93 26.96
C LEU C 94 35.04 11.31 26.42
N TYR C 95 35.38 12.23 27.31
CA TYR C 95 35.70 13.59 26.89
C TYR C 95 37.16 14.00 27.00
N GLN C 96 37.97 13.11 27.56
CA GLN C 96 39.40 13.34 27.69
C GLN C 96 40.04 12.65 26.50
N PRO C 97 40.41 13.43 25.46
CA PRO C 97 41.03 12.92 24.23
C PRO C 97 42.17 11.92 24.38
N ASP C 98 42.97 12.07 25.43
CA ASP C 98 44.11 11.18 25.62
C ASP C 98 43.95 10.03 26.60
N TRP C 99 42.79 9.91 27.22
CA TRP C 99 42.61 8.83 28.18
C TRP C 99 42.65 7.42 27.58
N ARG C 100 43.33 6.52 28.29
CA ARG C 100 43.46 5.12 27.90
C ARG C 100 43.78 4.35 29.18
N PHE C 101 43.78 3.02 29.08
CA PHE C 101 44.08 2.18 30.22
C PHE C 101 44.92 1.02 29.69
N MET C 102 46.09 0.82 30.27
CA MET C 102 46.99 -0.22 29.79
C MET C 102 47.25 -1.41 30.70
N GLU C 103 46.56 -1.47 31.84
CA GLU C 103 46.78 -2.59 32.77
C GLU C 103 45.81 -3.75 32.67
N SER C 104 44.80 -3.64 31.82
CA SER C 104 43.83 -4.72 31.69
C SER C 104 44.48 -5.99 31.18
N LYS C 105 43.89 -7.12 31.54
CA LYS C 105 44.40 -8.42 31.12
C LYS C 105 43.26 -9.25 30.56
N GLU C 106 42.13 -8.58 30.32
CA GLU C 106 40.94 -9.23 29.79
C GLU C 106 41.12 -9.45 28.29
N LYS C 107 40.33 -10.35 27.72
CA LYS C 107 40.44 -10.64 26.30
C LYS C 107 40.15 -9.45 25.39
N ASP C 108 39.15 -8.64 25.72
CA ASP C 108 38.78 -7.49 24.89
C ASP C 108 39.46 -6.16 25.24
N ARG C 109 40.56 -6.18 25.99
CA ARG C 109 41.17 -4.93 26.40
C ARG C 109 41.71 -4.00 25.32
N GLN C 110 41.64 -4.42 24.07
CA GLN C 110 42.14 -3.56 23.00
C GLN C 110 41.32 -2.28 22.89
N VAL C 111 40.07 -2.32 23.34
CA VAL C 111 39.22 -1.13 23.27
C VAL C 111 39.56 -0.18 24.41
N LEU C 112 40.34 -0.66 25.37
CA LEU C 112 40.77 0.19 26.49
C LEU C 112 42.10 0.84 26.14
N GLU C 113 43.00 0.05 25.57
CA GLU C 113 44.32 0.55 25.21
C GLU C 113 44.28 1.55 24.05
N ASP C 114 43.25 1.46 23.21
CA ASP C 114 43.11 2.37 22.08
C ASP C 114 41.82 3.16 22.25
N PHE C 115 41.46 3.42 23.50
CA PHE C 115 40.23 4.14 23.79
C PHE C 115 40.15 5.52 23.15
N PRO C 116 41.30 6.19 22.96
CA PRO C 116 41.23 7.51 22.34
C PRO C 116 40.57 7.48 20.96
N THR C 117 40.71 6.36 20.25
CA THR C 117 40.10 6.24 18.93
C THR C 117 38.58 6.16 19.10
N ILE C 118 38.14 5.25 19.96
CA ILE C 118 36.73 5.08 20.22
C ILE C 118 36.17 6.40 20.75
N SER C 119 36.86 6.99 21.73
CA SER C 119 36.40 8.24 22.35
C SER C 119 36.37 9.38 21.36
N LEU C 120 37.23 9.32 20.35
CA LEU C 120 37.28 10.39 19.37
C LEU C 120 36.08 10.34 18.43
N GLU C 121 35.62 9.14 18.11
CA GLU C 121 34.48 8.98 17.23
C GLU C 121 33.22 9.27 18.04
N PHE C 122 33.30 9.01 19.33
CA PHE C 122 32.16 9.27 20.22
C PHE C 122 31.83 10.76 20.15
N ARG C 123 32.88 11.58 20.15
CA ARG C 123 32.71 13.02 20.11
C ARG C 123 32.31 13.57 18.74
N ASN C 124 32.25 12.68 17.74
CA ASN C 124 31.82 13.08 16.40
C ASN C 124 30.31 12.90 16.28
N LEU C 125 29.74 12.04 17.12
CA LEU C 125 28.29 11.81 17.08
C LEU C 125 27.60 13.13 17.37
N ALA C 126 26.36 13.26 16.90
CA ALA C 126 25.58 14.47 17.13
C ALA C 126 25.44 14.62 18.64
N GLU C 127 25.42 15.86 19.12
CA GLU C 127 25.31 16.10 20.54
C GLU C 127 24.20 15.35 21.24
N LYS C 128 23.04 15.26 20.60
CA LYS C 128 21.90 14.57 21.21
C LYS C 128 22.21 13.11 21.56
N TYR C 129 23.08 12.46 20.78
CA TYR C 129 23.42 11.07 21.05
C TYR C 129 24.41 11.01 22.19
N GLN C 130 25.40 11.90 22.17
CA GLN C 130 26.41 11.96 23.22
C GLN C 130 25.75 12.07 24.58
N THR C 131 24.72 12.89 24.65
CA THR C 131 24.00 13.11 25.91
C THR C 131 23.51 11.78 26.46
N VAL C 132 22.90 10.98 25.60
CA VAL C 132 22.36 9.69 26.00
C VAL C 132 23.43 8.71 26.44
N ILE C 133 24.44 8.54 25.61
CA ILE C 133 25.52 7.61 25.92
C ILE C 133 26.26 7.98 27.20
N ALA C 134 26.69 9.23 27.31
CA ALA C 134 27.40 9.68 28.51
C ALA C 134 26.54 9.41 29.76
N ASP C 135 25.25 9.74 29.68
CA ASP C 135 24.35 9.54 30.81
C ASP C 135 24.20 8.07 31.23
N ILE C 136 24.13 7.18 30.24
CA ILE C 136 24.00 5.76 30.53
C ILE C 136 25.28 5.27 31.21
N CYS C 137 26.43 5.64 30.67
CA CYS C 137 27.71 5.23 31.24
C CYS C 137 27.82 5.71 32.67
N ARG C 138 27.44 6.97 32.91
CA ARG C 138 27.49 7.55 34.24
C ARG C 138 26.73 6.69 35.25
N ARG C 139 25.44 6.51 35.01
CA ARG C 139 24.61 5.70 35.91
C ARG C 139 25.09 4.26 36.01
N MET C 140 25.57 3.70 34.90
CA MET C 140 26.01 2.31 34.90
C MET C 140 27.27 2.15 35.75
N GLY C 141 28.18 3.11 35.65
CA GLY C 141 29.40 3.06 36.44
C GLY C 141 29.06 3.07 37.92
N ILE C 142 28.15 3.95 38.33
CA ILE C 142 27.74 4.05 39.72
C ILE C 142 27.20 2.71 40.20
N GLY C 143 26.29 2.14 39.42
CA GLY C 143 25.68 0.87 39.77
C GLY C 143 26.68 -0.25 39.89
N MET C 144 27.53 -0.40 38.88
CA MET C 144 28.54 -1.46 38.88
C MET C 144 29.43 -1.34 40.11
N ALA C 145 29.89 -0.13 40.39
CA ALA C 145 30.75 0.12 41.54
C ALA C 145 30.05 -0.32 42.80
N GLU C 146 28.75 -0.14 42.82
CA GLU C 146 27.93 -0.50 43.98
C GLU C 146 27.86 -2.00 44.24
N PHE C 147 27.94 -2.80 43.18
CA PHE C 147 27.86 -4.25 43.36
C PHE C 147 29.22 -4.92 43.39
N LEU C 148 30.28 -4.12 43.47
CA LEU C 148 31.62 -4.70 43.50
C LEU C 148 31.88 -5.48 44.78
N ASP C 149 31.28 -5.03 45.88
CA ASP C 149 31.49 -5.70 47.15
C ASP C 149 30.38 -6.68 47.53
N LYS C 150 29.12 -6.29 47.29
CA LYS C 150 28.00 -7.16 47.63
C LYS C 150 27.60 -8.16 46.54
N HIS C 151 26.68 -9.04 46.91
CA HIS C 151 26.12 -10.05 46.01
C HIS C 151 24.65 -9.72 45.98
N VAL C 152 23.87 -10.41 45.15
CA VAL C 152 22.45 -10.13 45.11
C VAL C 152 21.75 -10.86 46.24
N THR C 153 20.92 -10.15 47.00
CA THR C 153 20.19 -10.76 48.10
C THR C 153 18.71 -10.95 47.79
N SER C 154 17.94 -9.87 47.80
CA SER C 154 16.51 -9.98 47.52
C SER C 154 16.19 -9.96 46.02
N GLU C 155 14.96 -10.32 45.68
CA GLU C 155 14.53 -10.31 44.29
C GLU C 155 14.53 -8.86 43.82
N GLN C 156 14.40 -7.94 44.77
CA GLN C 156 14.40 -6.52 44.48
C GLN C 156 15.80 -6.10 44.03
N GLU C 157 16.81 -6.61 44.75
CA GLU C 157 18.21 -6.33 44.42
C GLU C 157 18.56 -6.95 43.07
N TRP C 158 17.90 -8.07 42.73
CA TRP C 158 18.18 -8.72 41.46
C TRP C 158 17.72 -7.81 40.31
N ASP C 159 16.61 -7.11 40.52
CA ASP C 159 16.11 -6.18 39.52
C ASP C 159 17.07 -4.99 39.42
N LYS C 160 17.54 -4.53 40.57
CA LYS C 160 18.46 -3.40 40.61
C LYS C 160 19.76 -3.70 39.88
N TYR C 161 20.32 -4.89 40.12
CA TYR C 161 21.56 -5.30 39.46
C TYR C 161 21.33 -5.33 37.95
N CYS C 162 20.36 -6.13 37.52
CA CYS C 162 20.03 -6.25 36.12
C CYS C 162 19.80 -4.89 35.49
N HIS C 163 19.11 -4.01 36.22
CA HIS C 163 18.84 -2.67 35.74
C HIS C 163 20.14 -1.95 35.40
N TYR C 164 21.12 -2.06 36.28
CA TYR C 164 22.41 -1.39 36.08
C TYR C 164 23.21 -1.92 34.91
N VAL C 165 23.25 -3.24 34.75
CA VAL C 165 24.03 -3.83 33.67
C VAL C 165 23.26 -4.11 32.37
N ALA C 166 21.93 -4.17 32.45
CA ALA C 166 21.16 -4.48 31.24
C ALA C 166 19.98 -3.56 30.99
N GLY C 167 19.25 -3.21 32.04
CA GLY C 167 18.12 -2.31 31.89
C GLY C 167 18.51 -0.98 31.28
N LEU C 168 19.55 -0.36 31.82
CA LEU C 168 20.03 0.93 31.33
C LEU C 168 20.42 0.85 29.87
N VAL C 169 20.93 -0.28 29.44
CA VAL C 169 21.31 -0.45 28.04
C VAL C 169 20.06 -0.30 27.18
N GLY C 170 18.98 -0.93 27.63
CA GLY C 170 17.72 -0.87 26.91
C GLY C 170 17.19 0.54 26.89
N ILE C 171 17.33 1.24 28.00
CA ILE C 171 16.86 2.62 28.10
C ILE C 171 17.68 3.49 27.16
N GLY C 172 18.99 3.29 27.17
CA GLY C 172 19.89 4.05 26.31
C GLY C 172 19.56 3.85 24.85
N LEU C 173 19.55 2.60 24.40
CA LEU C 173 19.23 2.28 23.01
C LEU C 173 17.90 2.92 22.59
N SER C 174 16.87 2.76 23.41
CA SER C 174 15.56 3.31 23.11
C SER C 174 15.64 4.82 22.92
N ARG C 175 16.39 5.48 23.80
CA ARG C 175 16.55 6.93 23.74
C ARG C 175 17.34 7.31 22.48
N LEU C 176 18.18 6.42 22.00
CA LEU C 176 18.93 6.68 20.78
C LEU C 176 18.00 6.54 19.60
N PHE C 177 17.11 5.55 19.66
CA PHE C 177 16.17 5.31 18.57
C PHE C 177 15.28 6.52 18.34
N SER C 178 14.72 7.04 19.43
CA SER C 178 13.85 8.21 19.36
C SER C 178 14.59 9.47 18.98
N ALA C 179 15.76 9.67 19.58
CA ALA C 179 16.54 10.87 19.30
C ALA C 179 16.83 10.98 17.81
N SER C 180 17.02 9.83 17.16
CA SER C 180 17.31 9.80 15.73
C SER C 180 16.03 9.96 14.92
N GLU C 181 14.88 9.80 15.57
CA GLU C 181 13.58 9.96 14.92
C GLU C 181 13.17 8.78 14.02
N PHE C 182 13.90 7.69 14.08
CA PHE C 182 13.55 6.52 13.30
C PHE C 182 12.43 5.78 14.02
N GLU C 183 12.23 6.16 15.28
CA GLU C 183 11.16 5.59 16.09
C GLU C 183 10.43 6.75 16.78
N ASP C 184 9.22 6.49 17.26
CA ASP C 184 8.43 7.52 17.93
C ASP C 184 9.06 7.95 19.27
N PRO C 185 8.74 9.17 19.74
CA PRO C 185 9.30 9.64 21.02
C PRO C 185 8.91 8.74 22.19
N LEU C 186 7.77 8.06 22.06
CA LEU C 186 7.29 7.18 23.12
C LEU C 186 8.28 6.07 23.48
N VAL C 187 9.04 5.58 22.50
CA VAL C 187 10.00 4.51 22.74
C VAL C 187 11.04 4.90 23.79
N GLY C 188 11.57 6.11 23.66
CA GLY C 188 12.57 6.58 24.61
C GLY C 188 11.98 7.11 25.92
N GLU C 189 10.70 7.43 25.91
CA GLU C 189 10.07 7.95 27.12
C GLU C 189 9.65 6.84 28.08
N ASP C 190 9.12 5.74 27.55
CA ASP C 190 8.69 4.64 28.40
C ASP C 190 9.90 3.86 28.87
N THR C 191 10.61 4.41 29.85
CA THR C 191 11.81 3.76 30.37
C THR C 191 11.51 2.42 31.04
N GLU C 192 10.32 2.27 31.61
CA GLU C 192 9.97 1.00 32.24
C GLU C 192 9.91 -0.16 31.24
N ARG C 193 9.39 0.09 30.05
CA ARG C 193 9.32 -0.96 29.05
C ARG C 193 10.71 -1.30 28.55
N ALA C 194 11.52 -0.28 28.30
CA ALA C 194 12.88 -0.51 27.81
C ALA C 194 13.67 -1.27 28.88
N ASN C 195 13.50 -0.88 30.13
CA ASN C 195 14.19 -1.56 31.21
C ASN C 195 13.82 -3.04 31.23
N SER C 196 12.55 -3.35 30.95
CA SER C 196 12.09 -4.74 30.94
C SER C 196 12.80 -5.58 29.87
N MET C 197 13.13 -4.95 28.75
CA MET C 197 13.83 -5.65 27.67
C MET C 197 15.17 -6.14 28.20
N GLY C 198 15.88 -5.26 28.90
CA GLY C 198 17.16 -5.62 29.46
C GLY C 198 17.04 -6.68 30.55
N LEU C 199 16.15 -6.45 31.52
CA LEU C 199 15.97 -7.41 32.61
C LEU C 199 15.66 -8.80 32.10
N PHE C 200 14.81 -8.88 31.09
CA PHE C 200 14.46 -10.18 30.56
C PHE C 200 15.68 -10.90 29.98
N LEU C 201 16.45 -10.18 29.16
CA LEU C 201 17.65 -10.72 28.56
C LEU C 201 18.64 -11.17 29.64
N GLN C 202 18.90 -10.26 30.58
CA GLN C 202 19.85 -10.50 31.66
C GLN C 202 19.44 -11.60 32.62
N LYS C 203 18.19 -11.59 33.09
CA LYS C 203 17.75 -12.64 33.99
C LYS C 203 17.86 -13.99 33.29
N THR C 204 17.51 -14.03 31.99
CA THR C 204 17.59 -15.28 31.23
C THR C 204 19.02 -15.78 31.17
N ASN C 205 19.95 -14.88 30.91
CA ASN C 205 21.35 -15.27 30.84
C ASN C 205 21.85 -15.73 32.20
N ILE C 206 21.50 -14.99 33.26
CA ILE C 206 21.93 -15.32 34.63
C ILE C 206 21.43 -16.70 35.00
N ILE C 207 20.20 -16.99 34.62
CA ILE C 207 19.61 -18.29 34.91
C ILE C 207 20.35 -19.39 34.15
N ARG C 208 20.57 -19.17 32.86
CA ARG C 208 21.24 -20.14 32.02
C ARG C 208 22.69 -20.42 32.41
N ASP C 209 23.40 -19.39 32.85
CA ASP C 209 24.81 -19.55 33.20
C ASP C 209 25.16 -19.87 34.63
N TYR C 210 24.24 -20.47 35.37
CA TYR C 210 24.50 -20.84 36.76
C TYR C 210 25.89 -21.47 36.95
N LEU C 211 26.06 -22.66 36.39
CA LEU C 211 27.30 -23.41 36.53
C LEU C 211 28.54 -22.70 36.03
N GLU C 212 28.50 -22.20 34.79
CA GLU C 212 29.65 -21.52 34.22
C GLU C 212 30.11 -20.39 35.15
N ASP C 213 29.15 -19.74 35.80
CA ASP C 213 29.50 -18.66 36.71
C ASP C 213 30.02 -19.21 38.03
N GLN C 214 29.38 -20.26 38.52
CA GLN C 214 29.77 -20.86 39.80
C GLN C 214 31.23 -21.28 39.77
N GLN C 215 31.67 -21.78 38.63
CA GLN C 215 33.05 -22.21 38.47
C GLN C 215 33.97 -20.99 38.34
N GLY C 216 33.37 -19.84 38.06
CA GLY C 216 34.15 -18.63 37.93
C GLY C 216 34.04 -17.78 39.17
N GLY C 217 33.62 -18.39 40.27
CA GLY C 217 33.50 -17.68 41.53
C GLY C 217 32.47 -16.55 41.54
N ARG C 218 31.66 -16.47 40.48
CA ARG C 218 30.64 -15.44 40.37
C ARG C 218 29.27 -15.95 40.77
N GLU C 219 28.56 -15.15 41.57
CA GLU C 219 27.22 -15.51 42.02
C GLU C 219 26.25 -14.39 41.66
N PHE C 220 25.15 -14.75 41.00
CA PHE C 220 24.14 -13.78 40.61
C PHE C 220 22.71 -14.11 41.01
N TRP C 221 22.41 -15.38 41.26
CA TRP C 221 21.06 -15.78 41.68
C TRP C 221 20.73 -15.11 43.01
N PRO C 222 19.54 -14.50 43.13
CA PRO C 222 19.12 -13.81 44.36
C PRO C 222 19.17 -14.72 45.58
N GLN C 223 19.99 -14.34 46.55
CA GLN C 223 20.17 -15.10 47.77
C GLN C 223 18.86 -15.41 48.49
N GLU C 224 17.93 -14.46 48.53
CA GLU C 224 16.66 -14.70 49.22
C GLU C 224 15.79 -15.73 48.55
N VAL C 225 16.19 -16.17 47.37
CA VAL C 225 15.42 -17.17 46.66
C VAL C 225 16.09 -18.51 46.87
N TRP C 226 17.36 -18.63 46.49
CA TRP C 226 18.02 -19.91 46.65
C TRP C 226 18.27 -20.31 48.09
N SER C 227 18.43 -19.33 48.98
CA SER C 227 18.67 -19.66 50.38
C SER C 227 17.49 -20.42 50.94
N ARG C 228 16.39 -20.45 50.19
CA ARG C 228 15.20 -21.18 50.62
C ARG C 228 15.31 -22.64 50.23
N TYR C 229 16.36 -22.98 49.49
CA TYR C 229 16.57 -24.34 49.02
C TYR C 229 17.83 -24.99 49.60
N VAL C 230 18.98 -24.34 49.44
CA VAL C 230 20.23 -24.86 49.97
C VAL C 230 20.98 -23.87 50.87
N LYS C 231 22.06 -24.34 51.48
CA LYS C 231 22.89 -23.51 52.38
C LYS C 231 23.69 -22.48 51.60
N LYS C 232 24.38 -22.95 50.57
CA LYS C 232 25.20 -22.09 49.71
C LYS C 232 24.74 -22.25 48.26
N LEU C 233 24.76 -21.16 47.50
CA LEU C 233 24.36 -21.21 46.11
C LEU C 233 25.13 -22.31 45.38
N GLY C 234 26.39 -22.49 45.75
CA GLY C 234 27.25 -23.48 45.12
C GLY C 234 26.77 -24.92 45.24
N ASP C 235 25.87 -25.17 46.18
CA ASP C 235 25.36 -26.52 46.37
C ASP C 235 24.54 -27.07 45.21
N PHE C 236 23.96 -26.20 44.37
CA PHE C 236 23.14 -26.68 43.26
C PHE C 236 23.96 -27.47 42.25
N ALA C 237 25.25 -27.50 42.44
CA ALA C 237 26.11 -28.24 41.54
C ALA C 237 26.29 -29.67 42.02
N LEU C 238 25.87 -29.93 43.26
CA LEU C 238 25.99 -31.25 43.88
C LEU C 238 24.78 -32.09 43.52
N PRO C 239 25.02 -33.26 42.93
CA PRO C 239 23.92 -34.15 42.54
C PRO C 239 22.84 -34.48 43.55
N GLU C 240 23.17 -34.44 44.84
CA GLU C 240 22.16 -34.78 45.84
C GLU C 240 21.12 -33.69 45.93
N ASN C 241 21.48 -32.52 45.41
CA ASN C 241 20.60 -31.35 45.46
C ASN C 241 19.85 -31.09 44.15
N ILE C 242 20.17 -31.84 43.11
CA ILE C 242 19.56 -31.65 41.80
C ILE C 242 18.06 -31.28 41.82
N ASP C 243 17.30 -31.91 42.69
CA ASP C 243 15.87 -31.60 42.77
C ASP C 243 15.65 -30.17 43.21
N LEU C 244 16.22 -29.81 44.35
CA LEU C 244 16.08 -28.46 44.86
C LEU C 244 16.54 -27.47 43.81
N ALA C 245 17.68 -27.76 43.17
CA ALA C 245 18.25 -26.90 42.16
C ALA C 245 17.22 -26.57 41.07
N VAL C 246 16.56 -27.61 40.58
CA VAL C 246 15.55 -27.45 39.54
C VAL C 246 14.34 -26.66 40.07
N GLN C 247 13.97 -26.86 41.32
CA GLN C 247 12.83 -26.13 41.88
C GLN C 247 13.16 -24.65 41.94
N CYS C 248 14.38 -24.35 42.36
CA CYS C 248 14.83 -22.97 42.44
C CYS C 248 14.82 -22.43 41.03
N LEU C 249 15.41 -23.19 40.12
CA LEU C 249 15.47 -22.84 38.71
C LEU C 249 14.11 -22.39 38.20
N ASN C 250 13.10 -23.23 38.41
CA ASN C 250 11.74 -22.93 37.96
C ASN C 250 11.17 -21.64 38.56
N GLU C 251 11.55 -21.33 39.79
CA GLU C 251 11.05 -20.11 40.42
C GLU C 251 11.67 -18.86 39.81
N LEU C 252 12.95 -18.90 39.50
CA LEU C 252 13.59 -17.74 38.89
C LEU C 252 13.04 -17.51 37.49
N ILE C 253 12.83 -18.60 36.75
CA ILE C 253 12.30 -18.51 35.39
C ILE C 253 10.89 -17.94 35.43
N THR C 254 10.15 -18.25 36.49
CA THR C 254 8.80 -17.75 36.62
C THR C 254 8.87 -16.25 36.85
N ASN C 255 9.90 -15.84 37.58
CA ASN C 255 10.13 -14.42 37.85
C ASN C 255 10.40 -13.70 36.54
N ALA C 256 11.34 -14.23 35.75
CA ALA C 256 11.69 -13.62 34.47
C ALA C 256 10.50 -13.50 33.51
N LEU C 257 9.59 -14.47 33.56
CA LEU C 257 8.43 -14.48 32.69
C LEU C 257 7.54 -13.23 32.82
N HIS C 258 7.57 -12.60 33.99
CA HIS C 258 6.76 -11.39 34.19
C HIS C 258 7.10 -10.23 33.26
N HIS C 259 8.27 -10.29 32.61
CA HIS C 259 8.70 -9.21 31.72
C HIS C 259 8.15 -9.34 30.29
N ILE C 260 7.60 -10.51 29.98
CA ILE C 260 7.07 -10.74 28.64
C ILE C 260 6.02 -9.72 28.18
N PRO C 261 5.03 -9.38 29.04
CA PRO C 261 4.03 -8.41 28.61
C PRO C 261 4.72 -7.12 28.12
N ASP C 262 5.64 -6.60 28.92
CA ASP C 262 6.36 -5.38 28.55
C ASP C 262 7.19 -5.55 27.26
N VAL C 263 7.83 -6.70 27.11
CA VAL C 263 8.63 -6.96 25.91
C VAL C 263 7.73 -6.88 24.68
N ILE C 264 6.57 -7.51 24.76
CA ILE C 264 5.63 -7.50 23.65
C ILE C 264 5.20 -6.06 23.36
N THR C 265 4.80 -5.34 24.40
CA THR C 265 4.36 -3.95 24.25
C THR C 265 5.46 -3.16 23.56
N TYR C 266 6.69 -3.34 24.04
CA TYR C 266 7.85 -2.64 23.49
C TYR C 266 8.05 -2.89 21.98
N LEU C 267 8.11 -4.16 21.57
CA LEU C 267 8.33 -4.49 20.17
C LEU C 267 7.18 -4.08 19.27
N SER C 268 5.96 -4.07 19.81
CA SER C 268 4.81 -3.71 18.99
C SER C 268 4.78 -2.21 18.69
N ARG C 269 5.65 -1.44 19.32
CA ARG C 269 5.72 0.00 19.09
C ARG C 269 6.79 0.39 18.07
N LEU C 270 7.61 -0.58 17.68
CA LEU C 270 8.68 -0.33 16.72
C LEU C 270 8.14 -0.20 15.29
N ARG C 271 8.60 0.83 14.59
CA ARG C 271 8.16 1.08 13.21
C ARG C 271 9.26 0.90 12.18
N ASN C 272 10.51 0.92 12.64
CA ASN C 272 11.66 0.78 11.74
C ASN C 272 12.13 -0.68 11.67
N GLN C 273 12.25 -1.22 10.46
CA GLN C 273 12.64 -2.62 10.28
C GLN C 273 14.01 -3.02 10.84
N SER C 274 14.99 -2.14 10.71
CA SER C 274 16.31 -2.49 11.19
C SER C 274 16.34 -2.43 12.69
N VAL C 275 15.59 -1.52 13.27
CA VAL C 275 15.53 -1.41 14.71
C VAL C 275 14.82 -2.67 15.22
N PHE C 276 13.72 -3.05 14.56
CA PHE C 276 12.96 -4.23 14.94
C PHE C 276 13.79 -5.51 14.95
N ASN C 277 14.52 -5.78 13.86
CA ASN C 277 15.35 -6.99 13.81
C ASN C 277 16.30 -6.99 15.01
N PHE C 278 16.89 -5.82 15.25
CA PHE C 278 17.84 -5.62 16.32
C PHE C 278 17.28 -5.98 17.69
N CYS C 279 16.05 -5.54 17.95
CA CYS C 279 15.43 -5.77 19.25
C CYS C 279 14.69 -7.08 19.41
N ALA C 280 14.06 -7.56 18.35
CA ALA C 280 13.27 -8.76 18.45
C ALA C 280 14.06 -10.05 18.56
N ILE C 281 15.09 -10.17 17.74
CA ILE C 281 15.92 -11.36 17.73
C ILE C 281 16.46 -11.77 19.10
N PRO C 282 17.10 -10.84 19.82
CA PRO C 282 17.60 -11.25 21.15
C PRO C 282 16.47 -11.71 22.07
N GLN C 283 15.35 -10.98 22.06
CA GLN C 283 14.21 -11.32 22.92
C GLN C 283 13.67 -12.70 22.60
N VAL C 284 13.53 -13.01 21.32
CA VAL C 284 13.03 -14.31 20.90
C VAL C 284 14.01 -15.40 21.36
N MET C 285 15.30 -15.12 21.21
CA MET C 285 16.33 -16.06 21.60
C MET C 285 16.29 -16.30 23.10
N ALA C 286 15.89 -15.28 23.85
CA ALA C 286 15.83 -15.42 25.30
C ALA C 286 14.69 -16.34 25.74
N ILE C 287 13.50 -16.16 25.15
CA ILE C 287 12.34 -17.01 25.49
C ILE C 287 12.65 -18.47 25.18
N ALA C 288 13.28 -18.72 24.04
CA ALA C 288 13.63 -20.08 23.65
C ALA C 288 14.56 -20.69 24.68
N THR C 289 15.48 -19.87 25.19
CA THR C 289 16.43 -20.33 26.18
C THR C 289 15.69 -20.67 27.46
N LEU C 290 14.83 -19.77 27.91
CA LEU C 290 14.05 -20.01 29.12
C LEU C 290 13.23 -21.29 28.94
N ALA C 291 12.67 -21.46 27.75
CA ALA C 291 11.87 -22.64 27.47
C ALA C 291 12.72 -23.91 27.59
N ALA C 292 13.92 -23.86 27.03
CA ALA C 292 14.82 -24.99 27.05
C ALA C 292 15.31 -25.29 28.47
N CYS C 293 15.33 -24.26 29.31
CA CYS C 293 15.81 -24.42 30.67
C CYS C 293 14.77 -24.88 31.66
N TYR C 294 13.51 -24.50 31.43
CA TYR C 294 12.45 -24.85 32.37
C TYR C 294 12.42 -26.30 32.80
N ASN C 295 12.47 -26.52 34.10
CA ASN C 295 12.45 -27.88 34.62
C ASN C 295 13.44 -28.79 33.92
N ASN C 296 14.64 -28.28 33.66
CA ASN C 296 15.69 -29.05 32.98
C ASN C 296 16.94 -29.21 33.85
N GLN C 297 17.21 -30.45 34.25
CA GLN C 297 18.36 -30.78 35.09
C GLN C 297 19.70 -30.44 34.43
N GLN C 298 19.74 -30.40 33.11
CA GLN C 298 20.96 -30.10 32.37
C GLN C 298 21.58 -28.75 32.68
N VAL C 299 20.76 -27.81 33.17
CA VAL C 299 21.22 -26.47 33.51
C VAL C 299 22.35 -26.53 34.54
N PHE C 300 22.31 -27.58 35.37
CA PHE C 300 23.30 -27.75 36.43
C PHE C 300 24.46 -28.68 36.08
N LYS C 301 24.48 -29.16 34.84
CA LYS C 301 25.55 -30.05 34.42
C LYS C 301 26.43 -29.38 33.36
N GLY C 302 25.83 -28.46 32.61
CA GLY C 302 26.54 -27.73 31.58
C GLY C 302 25.62 -26.67 30.96
N ALA C 303 25.95 -26.24 29.74
CA ALA C 303 25.15 -25.23 29.04
C ALA C 303 23.97 -25.94 28.35
N VAL C 304 22.84 -25.27 28.26
CA VAL C 304 21.68 -25.93 27.65
C VAL C 304 21.36 -25.71 26.18
N LEU C 305 20.78 -26.76 25.59
CA LEU C 305 20.37 -26.85 24.18
C LEU C 305 19.24 -26.02 23.57
N ILE C 306 19.45 -24.74 23.33
CA ILE C 306 18.43 -23.93 22.67
C ILE C 306 18.08 -24.77 21.44
N ARG C 307 16.86 -25.32 21.38
CA ARG C 307 16.48 -26.19 20.27
C ARG C 307 15.39 -25.85 19.24
N LEU C 308 15.19 -26.83 18.36
CA LEU C 308 14.23 -26.85 17.26
C LEU C 308 13.09 -25.84 17.31
N GLY C 309 11.88 -26.36 17.47
CA GLY C 309 10.67 -25.55 17.53
C GLY C 309 9.68 -26.38 16.76
N GLN C 310 8.42 -25.95 16.67
CA GLN C 310 7.43 -26.74 15.92
C GLN C 310 7.48 -26.30 14.47
N ALA C 311 6.58 -26.83 13.63
CA ALA C 311 6.56 -26.46 12.23
C ALA C 311 5.81 -25.13 12.05
N VAL C 312 5.41 -24.54 13.16
CA VAL C 312 4.71 -23.25 13.12
C VAL C 312 5.66 -22.14 13.59
N THR C 313 6.95 -22.46 13.54
CA THR C 313 8.01 -21.52 13.89
C THR C 313 9.14 -21.76 12.90
N LEU C 314 8.92 -22.73 12.02
CA LEU C 314 9.86 -23.06 10.95
C LEU C 314 9.23 -22.34 9.76
N MET C 315 8.09 -21.71 10.04
CA MET C 315 7.32 -20.96 9.06
C MET C 315 7.58 -19.48 9.19
N MET C 316 8.14 -19.08 10.32
CA MET C 316 8.38 -17.66 10.53
C MET C 316 9.68 -17.32 11.23
N ASP C 317 10.17 -16.12 10.95
CA ASP C 317 11.40 -15.61 11.53
C ASP C 317 10.97 -14.39 12.35
N ALA C 318 11.85 -13.89 13.21
CA ALA C 318 11.51 -12.75 14.05
C ALA C 318 11.59 -11.42 13.30
N THR C 319 10.90 -11.31 12.17
CA THR C 319 10.96 -10.07 11.40
C THR C 319 9.69 -9.22 11.31
N ASN C 320 8.59 -9.70 11.86
CA ASN C 320 7.35 -8.92 11.90
C ASN C 320 6.69 -9.25 13.26
N MET C 321 5.98 -8.29 13.83
CA MET C 321 5.38 -8.48 15.15
C MET C 321 4.48 -9.68 15.29
N PRO C 322 3.51 -9.85 14.37
CA PRO C 322 2.63 -11.00 14.50
C PRO C 322 3.45 -12.28 14.58
N ALA C 323 4.49 -12.38 13.77
CA ALA C 323 5.29 -13.60 13.80
C ALA C 323 5.99 -13.75 15.14
N VAL C 324 6.42 -12.63 15.69
CA VAL C 324 7.11 -12.63 16.98
C VAL C 324 6.16 -12.99 18.12
N LYS C 325 4.95 -12.45 18.08
CA LYS C 325 3.98 -12.76 19.12
C LYS C 325 3.78 -14.27 19.14
N ALA C 326 3.60 -14.84 17.95
CA ALA C 326 3.38 -16.28 17.78
C ALA C 326 4.56 -17.08 18.32
N ILE C 327 5.76 -16.67 17.96
CA ILE C 327 6.94 -17.36 18.42
C ILE C 327 7.04 -17.32 19.94
N ILE C 328 6.78 -16.15 20.53
CA ILE C 328 6.84 -16.00 21.97
C ILE C 328 5.77 -16.83 22.69
N TYR C 329 4.53 -16.77 22.20
CA TYR C 329 3.43 -17.52 22.80
C TYR C 329 3.68 -19.02 22.76
N GLN C 330 4.19 -19.50 21.62
CA GLN C 330 4.49 -20.90 21.43
C GLN C 330 5.52 -21.37 22.46
N TYR C 331 6.56 -20.58 22.68
CA TYR C 331 7.56 -20.96 23.67
C TYR C 331 6.96 -20.91 25.08
N MET C 332 5.94 -20.07 25.25
CA MET C 332 5.25 -19.95 26.54
C MET C 332 4.64 -21.31 26.87
N GLU C 333 3.90 -21.85 25.89
CA GLU C 333 3.22 -23.13 26.05
C GLU C 333 4.17 -24.30 26.20
N GLU C 334 5.35 -24.20 25.60
CA GLU C 334 6.34 -25.26 25.73
C GLU C 334 6.61 -25.38 27.22
N ILE C 335 6.70 -24.25 27.89
CA ILE C 335 6.94 -24.22 29.32
C ILE C 335 5.69 -24.70 30.05
N TYR C 336 4.54 -24.21 29.62
CA TYR C 336 3.28 -24.58 30.24
C TYR C 336 3.04 -26.08 30.17
N HIS C 337 3.40 -26.71 29.06
CA HIS C 337 3.21 -28.16 28.89
C HIS C 337 4.07 -28.97 29.87
N ARG C 338 5.17 -28.39 30.33
CA ARG C 338 6.09 -29.09 31.20
C ARG C 338 5.97 -28.80 32.70
N ILE C 339 5.02 -27.96 33.09
CA ILE C 339 4.87 -27.64 34.50
C ILE C 339 4.35 -28.82 35.32
N PRO C 340 5.21 -29.45 36.14
CA PRO C 340 4.83 -30.59 36.98
C PRO C 340 4.08 -30.10 38.21
N ASP C 341 3.04 -30.84 38.58
CA ASP C 341 2.25 -30.46 39.72
C ASP C 341 3.06 -30.42 41.02
N SER C 342 4.07 -31.26 41.13
CA SER C 342 4.83 -31.29 42.37
C SER C 342 5.74 -30.09 42.54
N ASN C 343 5.91 -29.30 41.49
CA ASN C 343 6.75 -28.11 41.58
C ASN C 343 6.08 -27.11 42.47
N PRO C 344 6.85 -26.47 43.35
CA PRO C 344 6.37 -25.45 44.29
C PRO C 344 5.81 -24.20 43.64
N SER C 345 6.34 -23.88 42.46
CA SER C 345 5.90 -22.69 41.75
C SER C 345 4.87 -23.01 40.67
N SER C 346 4.61 -24.30 40.47
CA SER C 346 3.69 -24.70 39.40
C SER C 346 2.47 -23.80 39.30
N SER C 347 1.87 -23.49 40.44
CA SER C 347 0.69 -22.65 40.46
C SER C 347 0.96 -21.24 39.94
N LYS C 348 2.05 -20.64 40.39
CA LYS C 348 2.44 -19.29 39.97
C LYS C 348 2.86 -19.23 38.50
N THR C 349 3.47 -20.30 38.01
CA THR C 349 3.91 -20.31 36.62
C THR C 349 2.73 -20.38 35.67
N ARG C 350 1.77 -21.27 35.96
CA ARG C 350 0.59 -21.39 35.13
C ARG C 350 -0.11 -20.05 35.07
N GLN C 351 -0.15 -19.38 36.21
CA GLN C 351 -0.81 -18.10 36.40
C GLN C 351 -0.29 -16.97 35.54
N ILE C 352 1.01 -16.72 35.59
CA ILE C 352 1.59 -15.63 34.80
C ILE C 352 1.46 -15.92 33.32
N ILE C 353 1.61 -17.18 32.95
CA ILE C 353 1.50 -17.56 31.55
C ILE C 353 0.05 -17.36 31.12
N SER C 354 -0.87 -17.76 31.98
CA SER C 354 -2.27 -17.60 31.70
C SER C 354 -2.58 -16.13 31.42
N THR C 355 -1.96 -15.24 32.20
CA THR C 355 -2.17 -13.81 32.04
C THR C 355 -1.59 -13.28 30.74
N ILE C 356 -0.40 -13.73 30.38
CA ILE C 356 0.23 -13.28 29.16
C ILE C 356 -0.60 -13.65 27.93
N ARG C 357 -1.13 -14.87 27.91
CA ARG C 357 -1.97 -15.32 26.80
C ARG C 357 -3.12 -14.34 26.57
N THR C 358 -3.95 -14.19 27.58
CA THR C 358 -5.16 -13.38 27.56
C THR C 358 -5.07 -11.91 27.18
N GLN C 359 -3.91 -11.27 27.33
CA GLN C 359 -3.78 -9.87 26.96
C GLN C 359 -3.83 -9.70 25.45
N LEU D 26 7.42 2.63 -29.12
CA LEU D 26 8.37 1.83 -29.89
C LEU D 26 7.87 1.51 -31.30
N SER D 27 6.95 0.55 -31.42
CA SER D 27 6.41 0.19 -32.71
C SER D 27 5.52 1.31 -33.23
N SER D 28 5.69 1.64 -34.51
CA SER D 28 4.90 2.70 -35.11
C SER D 28 3.48 2.20 -35.32
N SER D 29 3.31 0.88 -35.31
CA SER D 29 1.98 0.29 -35.47
C SER D 29 1.20 0.60 -34.19
N LEU D 30 1.85 0.41 -33.05
CA LEU D 30 1.20 0.71 -31.79
C LEU D 30 1.01 2.22 -31.73
N LYS D 31 1.97 2.97 -32.26
CA LYS D 31 1.87 4.42 -32.28
C LYS D 31 0.64 4.79 -33.11
N THR D 32 0.45 4.08 -34.22
CA THR D 32 -0.68 4.32 -35.11
C THR D 32 -1.99 3.94 -34.45
N CYS D 33 -1.97 2.91 -33.62
CA CYS D 33 -3.18 2.49 -32.94
C CYS D 33 -3.70 3.60 -32.03
N TYR D 34 -2.79 4.27 -31.32
CA TYR D 34 -3.18 5.35 -30.41
C TYR D 34 -3.59 6.61 -31.17
N LYS D 35 -3.13 6.74 -32.42
CA LYS D 35 -3.51 7.87 -33.24
C LYS D 35 -4.98 7.73 -33.58
N TYR D 36 -5.39 6.50 -33.90
CA TYR D 36 -6.77 6.21 -34.23
C TYR D 36 -7.65 6.32 -33.00
N LEU D 37 -7.12 5.86 -31.87
CA LEU D 37 -7.87 5.92 -30.62
C LEU D 37 -8.32 7.35 -30.38
N ASN D 38 -7.41 8.29 -30.57
CA ASN D 38 -7.70 9.70 -30.39
C ASN D 38 -8.64 10.23 -31.46
N GLN D 39 -8.48 9.74 -32.69
CA GLN D 39 -9.34 10.16 -33.79
C GLN D 39 -10.79 9.74 -33.56
N THR D 40 -11.00 8.52 -33.06
CA THR D 40 -12.35 8.00 -32.86
C THR D 40 -12.97 8.12 -31.47
N SER D 41 -12.17 8.45 -30.46
CA SER D 41 -12.73 8.59 -29.12
C SER D 41 -12.47 10.00 -28.61
N ARG D 42 -13.35 10.92 -28.98
CA ARG D 42 -13.22 12.31 -28.58
C ARG D 42 -12.98 12.45 -27.08
N SER D 43 -13.87 11.83 -26.31
CA SER D 43 -13.84 11.90 -24.87
C SER D 43 -12.96 10.90 -24.10
N PHE D 44 -13.12 9.62 -24.37
CA PHE D 44 -12.38 8.60 -23.63
C PHE D 44 -10.96 8.14 -23.95
N ALA D 45 -10.29 8.74 -24.92
CA ALA D 45 -8.92 8.28 -25.22
C ALA D 45 -7.96 8.64 -24.09
N ALA D 46 -8.22 9.77 -23.43
CA ALA D 46 -7.37 10.22 -22.34
C ALA D 46 -7.47 9.29 -21.14
N VAL D 47 -8.70 8.90 -20.79
CA VAL D 47 -8.92 8.02 -19.66
C VAL D 47 -8.33 6.62 -19.90
N ILE D 48 -8.45 6.14 -21.13
CA ILE D 48 -7.92 4.84 -21.49
C ILE D 48 -6.39 4.89 -21.44
N GLN D 49 -5.82 5.94 -22.02
CA GLN D 49 -4.37 6.11 -22.04
C GLN D 49 -3.87 6.29 -20.61
N ALA D 50 -4.80 6.58 -19.70
CA ALA D 50 -4.45 6.79 -18.31
C ALA D 50 -4.51 5.49 -17.49
N LEU D 51 -4.82 4.36 -18.12
CA LEU D 51 -4.90 3.08 -17.42
C LEU D 51 -3.51 2.52 -17.10
N ASP D 52 -3.36 1.92 -15.92
CA ASP D 52 -2.07 1.35 -15.51
C ASP D 52 -1.62 0.14 -16.34
N GLY D 53 -0.31 0.03 -16.51
CA GLY D 53 0.30 -1.07 -17.24
C GLY D 53 -0.45 -1.65 -18.43
N GLU D 54 -0.56 -2.98 -18.43
CA GLU D 54 -1.19 -3.75 -19.51
C GLU D 54 -2.59 -3.35 -19.94
N MET D 55 -3.44 -2.93 -19.02
CA MET D 55 -4.81 -2.57 -19.39
C MET D 55 -4.85 -1.55 -20.50
N ARG D 56 -3.81 -0.72 -20.57
CA ARG D 56 -3.68 0.35 -21.55
C ARG D 56 -3.78 -0.13 -23.00
N ASN D 57 -2.86 -0.99 -23.41
CA ASN D 57 -2.87 -1.51 -24.77
C ASN D 57 -4.09 -2.42 -24.96
N ALA D 58 -4.39 -3.22 -23.95
CA ALA D 58 -5.52 -4.12 -24.03
C ALA D 58 -6.80 -3.37 -24.39
N VAL D 59 -7.20 -2.42 -23.54
CA VAL D 59 -8.41 -1.63 -23.74
C VAL D 59 -8.34 -0.80 -25.02
N CYS D 60 -7.16 -0.28 -25.34
CA CYS D 60 -6.95 0.51 -26.55
C CYS D 60 -7.31 -0.32 -27.77
N ILE D 61 -6.72 -1.51 -27.87
CA ILE D 61 -7.01 -2.40 -28.99
C ILE D 61 -8.45 -2.83 -28.94
N PHE D 62 -8.92 -3.26 -27.77
CA PHE D 62 -10.30 -3.68 -27.64
C PHE D 62 -11.25 -2.60 -28.17
N TYR D 63 -10.92 -1.34 -27.87
CA TYR D 63 -11.75 -0.23 -28.31
C TYR D 63 -11.72 -0.09 -29.83
N LEU D 64 -10.53 -0.09 -30.41
CA LEU D 64 -10.40 0.04 -31.85
C LEU D 64 -11.15 -1.08 -32.56
N VAL D 65 -10.95 -2.31 -32.09
CA VAL D 65 -11.61 -3.46 -32.68
C VAL D 65 -13.13 -3.30 -32.67
N LEU D 66 -13.69 -2.95 -31.52
CA LEU D 66 -15.12 -2.78 -31.42
C LEU D 66 -15.58 -1.63 -32.29
N ARG D 67 -14.76 -0.59 -32.40
CA ARG D 67 -15.14 0.56 -33.22
C ARG D 67 -15.24 0.10 -34.67
N ALA D 68 -14.24 -0.65 -35.12
CA ALA D 68 -14.25 -1.17 -36.48
C ALA D 68 -15.53 -1.95 -36.69
N LEU D 69 -15.76 -2.93 -35.82
CA LEU D 69 -16.97 -3.74 -35.90
C LEU D 69 -18.18 -2.83 -36.03
N ASP D 70 -18.39 -2.01 -35.00
CA ASP D 70 -19.51 -1.10 -34.98
C ASP D 70 -19.62 -0.21 -36.21
N THR D 71 -18.50 0.02 -36.88
CA THR D 71 -18.51 0.85 -38.08
C THR D 71 -19.08 0.11 -39.30
N LEU D 72 -19.10 -1.23 -39.22
CA LEU D 72 -19.65 -2.04 -40.30
C LEU D 72 -21.16 -2.10 -40.09
N GLU D 73 -21.55 -2.42 -38.85
CA GLU D 73 -22.95 -2.52 -38.49
C GLU D 73 -23.69 -1.24 -38.89
N ASP D 74 -23.00 -0.12 -38.79
CA ASP D 74 -23.56 1.19 -39.13
C ASP D 74 -23.75 1.38 -40.63
N ASP D 75 -22.65 1.30 -41.36
CA ASP D 75 -22.63 1.50 -42.81
C ASP D 75 -23.82 0.92 -43.58
N MET D 76 -24.78 1.77 -43.89
CA MET D 76 -25.97 1.36 -44.64
C MET D 76 -25.63 1.16 -46.10
N THR D 77 -24.36 1.39 -46.45
CA THR D 77 -23.89 1.24 -47.82
C THR D 77 -23.44 -0.19 -48.11
N ILE D 78 -23.63 -1.08 -47.14
CA ILE D 78 -23.27 -2.49 -47.30
C ILE D 78 -24.57 -3.28 -47.25
N SER D 79 -24.79 -4.12 -48.26
CA SER D 79 -26.01 -4.93 -48.36
C SER D 79 -26.09 -6.04 -47.31
N VAL D 80 -27.27 -6.17 -46.70
CA VAL D 80 -27.53 -7.16 -45.67
C VAL D 80 -26.77 -8.47 -45.91
N GLU D 81 -26.91 -9.00 -47.12
CA GLU D 81 -26.24 -10.25 -47.49
C GLU D 81 -24.73 -10.24 -47.27
N LYS D 82 -24.11 -9.10 -47.51
CA LYS D 82 -22.67 -8.94 -47.38
C LYS D 82 -22.27 -8.50 -45.96
N LYS D 83 -23.14 -7.73 -45.31
CA LYS D 83 -22.88 -7.25 -43.96
C LYS D 83 -22.98 -8.36 -42.91
N VAL D 84 -24.01 -9.19 -43.00
CA VAL D 84 -24.20 -10.27 -42.04
C VAL D 84 -22.99 -11.18 -41.82
N PRO D 85 -22.38 -11.70 -42.90
CA PRO D 85 -21.21 -12.57 -42.70
C PRO D 85 -20.06 -11.80 -42.06
N LEU D 86 -19.83 -10.58 -42.53
CA LEU D 86 -18.76 -9.76 -41.98
C LEU D 86 -18.90 -9.60 -40.47
N LEU D 87 -20.14 -9.40 -40.01
CA LEU D 87 -20.38 -9.25 -38.57
C LEU D 87 -20.11 -10.58 -37.87
N HIS D 88 -20.58 -11.66 -38.49
CA HIS D 88 -20.42 -13.01 -37.96
C HIS D 88 -18.95 -13.44 -37.89
N ASN D 89 -18.15 -13.02 -38.86
CA ASN D 89 -16.75 -13.43 -38.90
C ASN D 89 -15.74 -12.36 -38.52
N PHE D 90 -16.21 -11.19 -38.12
CA PHE D 90 -15.31 -10.12 -37.74
C PHE D 90 -14.27 -10.59 -36.72
N HIS D 91 -14.69 -11.40 -35.75
CA HIS D 91 -13.78 -11.90 -34.74
C HIS D 91 -12.61 -12.64 -35.37
N SER D 92 -12.90 -13.42 -36.42
CA SER D 92 -11.87 -14.20 -37.11
C SER D 92 -10.80 -13.37 -37.82
N PHE D 93 -11.16 -12.18 -38.30
CA PHE D 93 -10.20 -11.33 -39.02
C PHE D 93 -9.07 -10.86 -38.10
N LEU D 94 -9.31 -10.94 -36.79
CA LEU D 94 -8.31 -10.55 -35.82
C LEU D 94 -7.06 -11.42 -36.02
N TYR D 95 -7.24 -12.60 -36.58
CA TYR D 95 -6.13 -13.52 -36.79
C TYR D 95 -5.62 -13.55 -38.24
N GLN D 96 -6.22 -12.74 -39.11
CA GLN D 96 -5.80 -12.66 -40.50
C GLN D 96 -4.97 -11.38 -40.67
N PRO D 97 -3.64 -11.51 -40.76
CA PRO D 97 -2.77 -10.33 -40.91
C PRO D 97 -3.14 -9.34 -42.02
N ASP D 98 -3.66 -9.84 -43.14
CA ASP D 98 -4.00 -8.98 -44.27
C ASP D 98 -5.45 -8.56 -44.43
N TRP D 99 -6.36 -9.08 -43.61
CA TRP D 99 -7.75 -8.67 -43.77
C TRP D 99 -7.98 -7.19 -43.61
N ARG D 100 -8.75 -6.62 -44.52
CA ARG D 100 -9.13 -5.20 -44.49
C ARG D 100 -10.47 -5.01 -45.22
N PHE D 101 -10.97 -3.78 -45.21
CA PHE D 101 -12.24 -3.46 -45.85
C PHE D 101 -12.06 -2.06 -46.42
N MET D 102 -12.44 -1.87 -47.68
CA MET D 102 -12.25 -0.57 -48.32
C MET D 102 -13.51 0.10 -48.88
N GLU D 103 -14.67 -0.50 -48.68
CA GLU D 103 -15.90 0.08 -49.22
C GLU D 103 -16.77 0.81 -48.21
N SER D 104 -16.24 1.01 -47.00
CA SER D 104 -17.01 1.70 -45.98
C SER D 104 -17.03 3.19 -46.28
N LYS D 105 -18.15 3.85 -45.97
CA LYS D 105 -18.26 5.28 -46.21
C LYS D 105 -18.66 6.01 -44.94
N GLU D 106 -18.66 5.28 -43.82
CA GLU D 106 -19.00 5.84 -42.51
C GLU D 106 -17.80 6.64 -42.00
N LYS D 107 -18.05 7.65 -41.20
CA LYS D 107 -17.00 8.51 -40.66
C LYS D 107 -15.67 7.84 -40.22
N ASP D 108 -15.75 6.82 -39.36
CA ASP D 108 -14.55 6.15 -38.85
C ASP D 108 -13.90 5.09 -39.76
N ARG D 109 -14.18 5.12 -41.06
CA ARG D 109 -13.64 4.11 -41.96
C ARG D 109 -12.14 3.78 -41.92
N GLN D 110 -11.32 4.66 -41.35
CA GLN D 110 -9.89 4.41 -41.30
C GLN D 110 -9.44 3.13 -40.57
N VAL D 111 -10.18 2.73 -39.53
CA VAL D 111 -9.83 1.53 -38.79
C VAL D 111 -9.96 0.29 -39.66
N LEU D 112 -11.01 0.25 -40.48
CA LEU D 112 -11.24 -0.88 -41.38
C LEU D 112 -10.18 -0.90 -42.49
N GLU D 113 -9.91 0.26 -43.06
CA GLU D 113 -8.93 0.36 -44.13
C GLU D 113 -7.52 -0.04 -43.68
N ASP D 114 -7.19 0.17 -42.40
CA ASP D 114 -5.87 -0.19 -41.88
C ASP D 114 -5.97 -1.16 -40.71
N PHE D 115 -7.01 -2.00 -40.74
CA PHE D 115 -7.22 -3.00 -39.71
C PHE D 115 -5.99 -3.87 -39.45
N PRO D 116 -5.20 -4.18 -40.50
CA PRO D 116 -4.00 -5.01 -40.32
C PRO D 116 -3.08 -4.49 -39.21
N THR D 117 -3.00 -3.16 -39.10
CA THR D 117 -2.18 -2.54 -38.07
C THR D 117 -2.78 -2.86 -36.69
N ILE D 118 -4.11 -2.76 -36.61
CA ILE D 118 -4.82 -3.03 -35.39
C ILE D 118 -4.75 -4.51 -35.02
N SER D 119 -4.96 -5.39 -36.00
CA SER D 119 -4.91 -6.82 -35.74
C SER D 119 -3.52 -7.23 -35.29
N LEU D 120 -2.52 -6.60 -35.89
CA LEU D 120 -1.16 -6.92 -35.54
C LEU D 120 -0.96 -6.72 -34.05
N GLU D 121 -1.44 -5.58 -33.56
CA GLU D 121 -1.30 -5.24 -32.14
C GLU D 121 -2.21 -6.09 -31.24
N PHE D 122 -3.27 -6.64 -31.81
CA PHE D 122 -4.17 -7.50 -31.07
C PHE D 122 -3.41 -8.82 -30.84
N ARG D 123 -2.75 -9.29 -31.89
CA ARG D 123 -2.00 -10.54 -31.82
C ARG D 123 -0.76 -10.42 -30.95
N ASN D 124 -0.42 -9.20 -30.56
CA ASN D 124 0.74 -8.97 -29.70
C ASN D 124 0.40 -8.89 -28.22
N LEU D 125 -0.89 -8.77 -27.90
CA LEU D 125 -1.30 -8.70 -26.51
C LEU D 125 -1.13 -10.11 -25.93
N ALA D 126 -1.09 -10.23 -24.60
CA ALA D 126 -0.97 -11.55 -24.01
C ALA D 126 -2.19 -12.36 -24.46
N GLU D 127 -2.04 -13.67 -24.57
CA GLU D 127 -3.11 -14.55 -25.00
C GLU D 127 -4.41 -14.38 -24.18
N LYS D 128 -4.29 -14.15 -22.88
CA LYS D 128 -5.48 -14.00 -22.03
C LYS D 128 -6.33 -12.78 -22.41
N TYR D 129 -5.72 -11.76 -23.02
CA TYR D 129 -6.50 -10.59 -23.42
C TYR D 129 -7.10 -10.89 -24.78
N GLN D 130 -6.30 -11.52 -25.65
CA GLN D 130 -6.75 -11.90 -26.99
C GLN D 130 -8.03 -12.72 -26.93
N THR D 131 -8.01 -13.75 -26.09
CA THR D 131 -9.15 -14.63 -25.93
C THR D 131 -10.39 -13.88 -25.47
N VAL D 132 -10.23 -12.98 -24.50
CA VAL D 132 -11.36 -12.21 -24.01
C VAL D 132 -11.97 -11.39 -25.14
N ILE D 133 -11.12 -10.59 -25.78
CA ILE D 133 -11.53 -9.73 -26.87
C ILE D 133 -12.12 -10.50 -28.03
N ALA D 134 -11.46 -11.58 -28.45
CA ALA D 134 -12.00 -12.35 -29.56
C ALA D 134 -13.42 -12.87 -29.25
N ASP D 135 -13.59 -13.49 -28.09
CA ASP D 135 -14.87 -14.04 -27.68
C ASP D 135 -16.00 -13.02 -27.67
N ILE D 136 -15.69 -11.81 -27.21
CA ILE D 136 -16.68 -10.75 -27.14
C ILE D 136 -17.09 -10.32 -28.54
N CYS D 137 -16.12 -10.13 -29.42
CA CYS D 137 -16.42 -9.74 -30.80
C CYS D 137 -17.30 -10.77 -31.47
N ARG D 138 -16.99 -12.04 -31.26
CA ARG D 138 -17.77 -13.12 -31.86
C ARG D 138 -19.21 -13.01 -31.45
N ARG D 139 -19.44 -12.94 -30.14
CA ARG D 139 -20.78 -12.84 -29.59
C ARG D 139 -21.51 -11.53 -29.93
N MET D 140 -20.75 -10.45 -30.09
CA MET D 140 -21.34 -9.17 -30.42
C MET D 140 -21.75 -9.12 -31.89
N GLY D 141 -20.96 -9.77 -32.73
CA GLY D 141 -21.25 -9.78 -34.15
C GLY D 141 -22.56 -10.51 -34.42
N ILE D 142 -22.80 -11.55 -33.65
CA ILE D 142 -24.00 -12.36 -33.79
C ILE D 142 -25.22 -11.52 -33.45
N GLY D 143 -25.18 -10.91 -32.28
CA GLY D 143 -26.29 -10.08 -31.85
C GLY D 143 -26.56 -8.92 -32.79
N MET D 144 -25.50 -8.30 -33.27
CA MET D 144 -25.66 -7.17 -34.16
C MET D 144 -26.43 -7.60 -35.39
N ALA D 145 -25.98 -8.67 -36.02
CA ALA D 145 -26.64 -9.18 -37.21
C ALA D 145 -28.10 -9.48 -36.86
N GLU D 146 -28.28 -10.18 -35.74
CA GLU D 146 -29.60 -10.55 -35.26
C GLU D 146 -30.57 -9.38 -35.18
N PHE D 147 -30.04 -8.19 -34.88
CA PHE D 147 -30.90 -7.01 -34.77
C PHE D 147 -30.84 -6.06 -35.96
N LEU D 148 -30.50 -6.58 -37.13
CA LEU D 148 -30.47 -5.72 -38.31
C LEU D 148 -31.88 -5.63 -38.89
N ASP D 149 -32.56 -6.77 -38.94
CA ASP D 149 -33.91 -6.83 -39.48
C ASP D 149 -34.92 -6.34 -38.44
N LYS D 150 -35.02 -7.04 -37.31
CA LYS D 150 -35.97 -6.69 -36.27
C LYS D 150 -35.63 -5.48 -35.42
N HIS D 151 -36.66 -4.73 -35.08
CA HIS D 151 -36.53 -3.56 -34.22
C HIS D 151 -36.78 -4.08 -32.82
N VAL D 152 -36.69 -3.23 -31.81
CA VAL D 152 -36.91 -3.67 -30.45
C VAL D 152 -38.41 -3.83 -30.16
N THR D 153 -38.83 -5.06 -29.86
CA THR D 153 -40.23 -5.30 -29.56
C THR D 153 -40.49 -5.17 -28.05
N SER D 154 -40.33 -6.28 -27.34
CA SER D 154 -40.54 -6.29 -25.89
C SER D 154 -39.45 -5.61 -25.11
N GLU D 155 -39.67 -5.46 -23.80
CA GLU D 155 -38.69 -4.86 -22.93
C GLU D 155 -37.58 -5.88 -22.75
N GLN D 156 -37.95 -7.15 -22.89
CA GLN D 156 -37.02 -8.27 -22.78
C GLN D 156 -36.03 -8.13 -23.93
N GLU D 157 -36.55 -7.74 -25.09
CA GLU D 157 -35.73 -7.56 -26.28
C GLU D 157 -34.81 -6.34 -26.14
N TRP D 158 -35.23 -5.38 -25.34
CA TRP D 158 -34.45 -4.17 -25.13
C TRP D 158 -33.19 -4.54 -24.34
N ASP D 159 -33.36 -5.41 -23.36
CA ASP D 159 -32.24 -5.85 -22.56
C ASP D 159 -31.30 -6.64 -23.46
N LYS D 160 -31.86 -7.50 -24.30
CA LYS D 160 -31.07 -8.32 -25.21
C LYS D 160 -30.25 -7.45 -26.13
N TYR D 161 -30.90 -6.47 -26.75
CA TYR D 161 -30.21 -5.58 -27.68
C TYR D 161 -29.06 -4.84 -27.03
N CYS D 162 -29.31 -4.29 -25.85
CA CYS D 162 -28.28 -3.54 -25.12
C CYS D 162 -27.16 -4.45 -24.60
N HIS D 163 -27.49 -5.71 -24.34
CA HIS D 163 -26.52 -6.67 -23.85
C HIS D 163 -25.48 -6.94 -24.95
N TYR D 164 -25.96 -7.05 -26.18
CA TYR D 164 -25.12 -7.31 -27.33
C TYR D 164 -24.25 -6.13 -27.75
N VAL D 165 -24.74 -4.90 -27.61
CA VAL D 165 -23.95 -3.75 -28.03
C VAL D 165 -23.22 -3.02 -26.90
N ALA D 166 -23.63 -3.25 -25.65
CA ALA D 166 -23.01 -2.58 -24.51
C ALA D 166 -22.73 -3.49 -23.31
N GLY D 167 -23.66 -4.39 -23.01
CA GLY D 167 -23.47 -5.30 -21.90
C GLY D 167 -22.16 -6.05 -22.05
N LEU D 168 -22.02 -6.72 -23.20
CA LEU D 168 -20.82 -7.49 -23.52
C LEU D 168 -19.55 -6.66 -23.38
N VAL D 169 -19.63 -5.38 -23.72
CA VAL D 169 -18.47 -4.51 -23.58
C VAL D 169 -18.10 -4.47 -22.11
N GLY D 170 -19.10 -4.45 -21.24
CA GLY D 170 -18.85 -4.38 -19.81
C GLY D 170 -18.28 -5.67 -19.29
N ILE D 171 -18.77 -6.78 -19.82
CA ILE D 171 -18.32 -8.10 -19.42
C ILE D 171 -16.87 -8.24 -19.87
N GLY D 172 -16.60 -7.86 -21.12
CA GLY D 172 -15.25 -7.96 -21.67
C GLY D 172 -14.24 -7.15 -20.89
N LEU D 173 -14.55 -5.89 -20.66
CA LEU D 173 -13.66 -5.01 -19.91
C LEU D 173 -13.42 -5.60 -18.53
N SER D 174 -14.47 -6.10 -17.91
CA SER D 174 -14.34 -6.66 -16.57
C SER D 174 -13.39 -7.85 -16.58
N ARG D 175 -13.48 -8.67 -17.62
CA ARG D 175 -12.61 -9.83 -17.73
C ARG D 175 -11.17 -9.39 -18.00
N LEU D 176 -11.00 -8.27 -18.68
CA LEU D 176 -9.66 -7.78 -18.95
C LEU D 176 -9.06 -7.23 -17.65
N PHE D 177 -9.89 -6.57 -16.85
CA PHE D 177 -9.45 -5.98 -15.60
C PHE D 177 -8.95 -7.06 -14.63
N SER D 178 -9.68 -8.16 -14.55
CA SER D 178 -9.32 -9.27 -13.67
C SER D 178 -8.12 -10.06 -14.18
N ALA D 179 -8.08 -10.30 -15.49
CA ALA D 179 -6.97 -11.05 -16.07
C ALA D 179 -5.66 -10.31 -15.87
N SER D 180 -5.74 -9.00 -15.70
CA SER D 180 -4.55 -8.18 -15.50
C SER D 180 -4.12 -8.17 -14.04
N GLU D 181 -5.00 -8.68 -13.18
CA GLU D 181 -4.75 -8.71 -11.74
C GLU D 181 -4.78 -7.33 -11.08
N PHE D 182 -5.07 -6.29 -11.86
CA PHE D 182 -5.18 -4.92 -11.32
C PHE D 182 -6.49 -4.81 -10.55
N GLU D 183 -7.40 -5.74 -10.82
CA GLU D 183 -8.69 -5.79 -10.14
C GLU D 183 -8.92 -7.24 -9.67
N ASP D 184 -9.80 -7.39 -8.68
CA ASP D 184 -10.13 -8.67 -8.08
C ASP D 184 -10.75 -9.65 -9.07
N PRO D 185 -10.55 -10.96 -8.82
CA PRO D 185 -11.11 -11.98 -9.70
C PRO D 185 -12.65 -11.88 -9.82
N LEU D 186 -13.29 -11.41 -8.75
CA LEU D 186 -14.76 -11.29 -8.75
C LEU D 186 -15.30 -10.30 -9.79
N VAL D 187 -14.52 -9.30 -10.16
CA VAL D 187 -14.98 -8.32 -11.13
C VAL D 187 -15.28 -8.96 -12.50
N GLY D 188 -14.44 -9.91 -12.91
CA GLY D 188 -14.63 -10.57 -14.17
C GLY D 188 -15.60 -11.74 -14.11
N GLU D 189 -15.80 -12.29 -12.92
CA GLU D 189 -16.71 -13.42 -12.75
C GLU D 189 -18.17 -13.02 -12.69
N ASP D 190 -18.45 -11.87 -12.08
CA ASP D 190 -19.82 -11.41 -11.93
C ASP D 190 -20.35 -10.73 -13.20
N THR D 191 -20.63 -11.55 -14.21
CA THR D 191 -21.10 -11.03 -15.49
C THR D 191 -22.40 -10.25 -15.44
N GLU D 192 -23.25 -10.54 -14.46
CA GLU D 192 -24.51 -9.81 -14.36
C GLU D 192 -24.28 -8.33 -14.09
N ARG D 193 -23.44 -8.04 -13.10
CA ARG D 193 -23.12 -6.67 -12.73
C ARG D 193 -22.40 -5.95 -13.87
N ALA D 194 -21.48 -6.63 -14.53
CA ALA D 194 -20.75 -6.04 -15.63
C ALA D 194 -21.74 -5.69 -16.74
N ASN D 195 -22.67 -6.59 -16.97
CA ASN D 195 -23.69 -6.42 -17.99
C ASN D 195 -24.55 -5.19 -17.69
N SER D 196 -24.84 -4.97 -16.41
CA SER D 196 -25.67 -3.85 -16.03
C SER D 196 -24.98 -2.52 -16.31
N MET D 197 -23.68 -2.45 -16.04
CA MET D 197 -22.93 -1.24 -16.32
C MET D 197 -23.22 -0.82 -17.76
N GLY D 198 -23.14 -1.80 -18.66
CA GLY D 198 -23.39 -1.55 -20.06
C GLY D 198 -24.84 -1.24 -20.38
N LEU D 199 -25.77 -2.05 -19.85
CA LEU D 199 -27.18 -1.81 -20.09
C LEU D 199 -27.60 -0.41 -19.68
N PHE D 200 -27.12 0.04 -18.51
CA PHE D 200 -27.47 1.36 -18.00
C PHE D 200 -26.99 2.49 -18.91
N LEU D 201 -25.77 2.37 -19.41
CA LEU D 201 -25.21 3.38 -20.29
C LEU D 201 -25.97 3.44 -21.61
N GLN D 202 -26.26 2.26 -22.17
CA GLN D 202 -26.96 2.16 -23.43
C GLN D 202 -28.41 2.65 -23.36
N LYS D 203 -29.18 2.14 -22.40
CA LYS D 203 -30.57 2.60 -22.26
C LYS D 203 -30.60 4.10 -22.09
N THR D 204 -29.73 4.63 -21.23
CA THR D 204 -29.66 6.06 -20.99
C THR D 204 -29.53 6.81 -22.30
N ASN D 205 -28.52 6.45 -23.08
CA ASN D 205 -28.30 7.10 -24.37
C ASN D 205 -29.49 6.90 -25.31
N ILE D 206 -29.98 5.67 -25.44
CA ILE D 206 -31.11 5.39 -26.32
C ILE D 206 -32.24 6.38 -26.00
N ILE D 207 -32.61 6.43 -24.73
CA ILE D 207 -33.66 7.31 -24.27
C ILE D 207 -33.45 8.78 -24.67
N ARG D 208 -32.23 9.29 -24.49
CA ARG D 208 -31.91 10.68 -24.80
C ARG D 208 -31.76 11.03 -26.28
N ASP D 209 -31.33 10.06 -27.08
CA ASP D 209 -31.12 10.28 -28.51
C ASP D 209 -32.38 9.94 -29.30
N TYR D 210 -33.52 9.98 -28.65
CA TYR D 210 -34.80 9.68 -29.30
C TYR D 210 -34.98 10.31 -30.68
N LEU D 211 -34.81 11.63 -30.75
CA LEU D 211 -34.97 12.37 -32.00
C LEU D 211 -33.87 12.01 -32.99
N GLU D 212 -32.63 12.30 -32.61
CA GLU D 212 -31.48 12.01 -33.46
C GLU D 212 -31.69 10.65 -34.12
N ASP D 213 -32.17 9.68 -33.33
CA ASP D 213 -32.44 8.35 -33.85
C ASP D 213 -33.45 8.46 -35.00
N GLN D 214 -34.56 9.11 -34.71
CA GLN D 214 -35.65 9.31 -35.67
C GLN D 214 -35.29 9.85 -37.05
N GLN D 215 -34.49 10.91 -37.12
CA GLN D 215 -34.11 11.44 -38.43
C GLN D 215 -33.27 10.40 -39.17
N GLY D 216 -32.42 9.69 -38.42
CA GLY D 216 -31.60 8.66 -39.02
C GLY D 216 -32.41 7.43 -39.34
N GLY D 217 -33.70 7.48 -39.01
CA GLY D 217 -34.58 6.37 -39.26
C GLY D 217 -34.37 5.19 -38.34
N ARG D 218 -33.65 5.41 -37.25
CA ARG D 218 -33.37 4.37 -36.27
C ARG D 218 -34.46 4.36 -35.19
N GLU D 219 -34.91 3.17 -34.82
CA GLU D 219 -35.94 3.05 -33.79
C GLU D 219 -35.45 2.11 -32.68
N PHE D 220 -35.15 2.67 -31.51
CA PHE D 220 -34.64 1.86 -30.41
C PHE D 220 -35.54 1.70 -29.18
N TRP D 221 -36.40 2.68 -28.93
CA TRP D 221 -37.31 2.58 -27.79
C TRP D 221 -38.12 1.29 -28.01
N PRO D 222 -38.26 0.45 -26.97
CA PRO D 222 -39.02 -0.79 -27.13
C PRO D 222 -40.45 -0.59 -27.60
N GLN D 223 -40.85 -1.35 -28.63
CA GLN D 223 -42.20 -1.24 -29.17
C GLN D 223 -43.27 -1.47 -28.10
N GLU D 224 -43.18 -2.59 -27.39
CA GLU D 224 -44.15 -2.92 -26.37
C GLU D 224 -44.40 -1.84 -25.33
N VAL D 225 -43.53 -0.83 -25.28
CA VAL D 225 -43.72 0.25 -24.32
C VAL D 225 -44.32 1.48 -24.99
N TRP D 226 -43.73 1.92 -26.10
CA TRP D 226 -44.25 3.09 -26.79
C TRP D 226 -45.53 2.81 -27.57
N SER D 227 -45.78 1.54 -27.87
CA SER D 227 -46.97 1.17 -28.62
C SER D 227 -48.23 1.41 -27.81
N ARG D 228 -48.08 1.45 -26.49
CA ARG D 228 -49.21 1.66 -25.60
C ARG D 228 -49.50 3.15 -25.42
N TYR D 229 -48.81 3.98 -26.21
CA TYR D 229 -48.97 5.42 -26.14
C TYR D 229 -49.37 6.03 -27.48
N VAL D 230 -48.74 5.58 -28.56
CA VAL D 230 -49.02 6.10 -29.89
C VAL D 230 -49.09 5.01 -30.97
N LYS D 231 -49.26 5.45 -32.22
CA LYS D 231 -49.37 4.52 -33.34
C LYS D 231 -48.00 4.10 -33.87
N LYS D 232 -47.10 5.05 -34.02
CA LYS D 232 -45.76 4.78 -34.51
C LYS D 232 -44.80 5.57 -33.64
N LEU D 233 -43.65 4.97 -33.31
CA LEU D 233 -42.67 5.65 -32.46
C LEU D 233 -42.38 7.08 -32.93
N GLY D 234 -42.40 7.27 -34.25
CA GLY D 234 -42.12 8.59 -34.79
C GLY D 234 -43.10 9.66 -34.35
N ASP D 235 -44.24 9.23 -33.83
CA ASP D 235 -45.26 10.18 -33.41
C ASP D 235 -44.79 11.14 -32.32
N PHE D 236 -44.19 10.61 -31.26
CA PHE D 236 -43.72 11.44 -30.14
C PHE D 236 -43.09 12.75 -30.59
N ALA D 237 -42.67 12.82 -31.84
CA ALA D 237 -42.05 14.04 -32.33
C ALA D 237 -43.06 15.09 -32.71
N LEU D 238 -44.31 14.68 -32.82
CA LEU D 238 -45.39 15.57 -33.20
C LEU D 238 -45.75 16.42 -31.98
N PRO D 239 -45.54 17.74 -32.06
CA PRO D 239 -45.84 18.65 -30.95
C PRO D 239 -47.16 18.39 -30.21
N GLU D 240 -48.14 17.80 -30.89
CA GLU D 240 -49.41 17.54 -30.25
C GLU D 240 -49.33 16.39 -29.25
N ASN D 241 -48.49 15.40 -29.55
CA ASN D 241 -48.32 14.24 -28.68
C ASN D 241 -47.29 14.45 -27.57
N ILE D 242 -46.62 15.60 -27.58
CA ILE D 242 -45.59 15.92 -26.59
C ILE D 242 -45.92 15.50 -25.15
N ASP D 243 -47.19 15.30 -24.85
CA ASP D 243 -47.58 14.92 -23.50
C ASP D 243 -47.41 13.41 -23.27
N LEU D 244 -47.89 12.62 -24.22
CA LEU D 244 -47.78 11.16 -24.12
C LEU D 244 -46.31 10.74 -24.24
N ALA D 245 -45.55 11.54 -24.99
CA ALA D 245 -44.14 11.27 -25.20
C ALA D 245 -43.41 11.32 -23.86
N VAL D 246 -43.79 12.28 -23.03
CA VAL D 246 -43.18 12.46 -21.73
C VAL D 246 -43.50 11.34 -20.74
N GLN D 247 -44.63 10.67 -20.93
CA GLN D 247 -45.02 9.58 -20.05
C GLN D 247 -44.23 8.32 -20.43
N CYS D 248 -43.95 8.19 -21.72
CA CYS D 248 -43.18 7.06 -22.22
C CYS D 248 -41.74 7.29 -21.78
N LEU D 249 -41.28 8.53 -21.96
CA LEU D 249 -39.92 8.94 -21.58
C LEU D 249 -39.67 8.60 -20.12
N ASN D 250 -40.65 8.88 -19.27
CA ASN D 250 -40.51 8.60 -17.84
C ASN D 250 -40.55 7.12 -17.50
N GLU D 251 -41.22 6.32 -18.33
CA GLU D 251 -41.32 4.89 -18.06
C GLU D 251 -40.02 4.19 -18.40
N LEU D 252 -39.35 4.66 -19.45
CA LEU D 252 -38.10 4.07 -19.88
C LEU D 252 -37.05 4.44 -18.85
N ILE D 253 -36.97 5.74 -18.54
CA ILE D 253 -36.03 6.23 -17.55
C ILE D 253 -36.19 5.39 -16.28
N THR D 254 -37.43 5.11 -15.92
CA THR D 254 -37.72 4.32 -14.73
C THR D 254 -37.14 2.93 -14.89
N ASN D 255 -37.28 2.38 -16.08
CA ASN D 255 -36.77 1.04 -16.37
C ASN D 255 -35.26 1.05 -16.15
N ALA D 256 -34.58 1.99 -16.79
CA ALA D 256 -33.14 2.12 -16.68
C ALA D 256 -32.69 2.19 -15.24
N LEU D 257 -33.37 3.01 -14.44
CA LEU D 257 -33.03 3.19 -13.04
C LEU D 257 -32.81 1.88 -12.28
N HIS D 258 -33.55 0.84 -12.67
CA HIS D 258 -33.41 -0.45 -12.00
C HIS D 258 -31.97 -0.99 -12.02
N HIS D 259 -31.14 -0.43 -12.89
CA HIS D 259 -29.76 -0.88 -13.01
C HIS D 259 -28.78 -0.25 -12.03
N ILE D 260 -29.16 0.84 -11.39
CA ILE D 260 -28.26 1.53 -10.46
C ILE D 260 -27.75 0.67 -9.30
N PRO D 261 -28.59 -0.18 -8.69
CA PRO D 261 -28.10 -1.01 -7.58
C PRO D 261 -26.85 -1.80 -8.03
N ASP D 262 -26.94 -2.42 -9.20
CA ASP D 262 -25.83 -3.19 -9.78
C ASP D 262 -24.60 -2.31 -10.08
N VAL D 263 -24.86 -1.11 -10.61
CA VAL D 263 -23.78 -0.17 -10.94
C VAL D 263 -22.99 0.15 -9.68
N ILE D 264 -23.71 0.39 -8.58
CA ILE D 264 -23.06 0.70 -7.31
C ILE D 264 -22.29 -0.52 -6.83
N THR D 265 -22.90 -1.70 -6.94
CA THR D 265 -22.22 -2.92 -6.53
C THR D 265 -20.94 -3.11 -7.33
N TYR D 266 -21.03 -2.88 -8.64
CA TYR D 266 -19.89 -3.04 -9.51
C TYR D 266 -18.77 -2.08 -9.14
N LEU D 267 -19.07 -0.79 -9.16
CA LEU D 267 -18.07 0.23 -8.85
C LEU D 267 -17.47 0.05 -7.45
N SER D 268 -18.26 -0.51 -6.55
CA SER D 268 -17.85 -0.74 -5.15
C SER D 268 -16.72 -1.74 -4.98
N ARG D 269 -16.55 -2.64 -5.96
CA ARG D 269 -15.48 -3.63 -5.88
C ARG D 269 -14.18 -3.10 -6.46
N LEU D 270 -14.25 -2.07 -7.30
CA LEU D 270 -13.05 -1.54 -7.92
C LEU D 270 -12.03 -1.04 -6.90
N ARG D 271 -10.74 -1.30 -7.18
CA ARG D 271 -9.68 -0.92 -6.26
C ARG D 271 -8.54 -0.15 -6.93
N ASN D 272 -8.46 -0.24 -8.25
CA ASN D 272 -7.43 0.48 -8.96
C ASN D 272 -7.99 1.84 -9.35
N GLN D 273 -7.27 2.90 -9.00
CA GLN D 273 -7.70 4.25 -9.28
C GLN D 273 -7.95 4.54 -10.74
N SER D 274 -7.09 4.02 -11.61
CA SER D 274 -7.26 4.26 -13.05
C SER D 274 -8.47 3.52 -13.61
N VAL D 275 -8.73 2.31 -13.13
CA VAL D 275 -9.90 1.59 -13.61
C VAL D 275 -11.14 2.29 -13.08
N PHE D 276 -11.11 2.64 -11.79
CA PHE D 276 -12.22 3.33 -11.17
C PHE D 276 -12.63 4.60 -11.92
N ASN D 277 -11.66 5.43 -12.29
CA ASN D 277 -11.95 6.67 -13.03
C ASN D 277 -12.63 6.32 -14.34
N PHE D 278 -12.09 5.30 -14.99
CA PHE D 278 -12.58 4.80 -16.26
C PHE D 278 -14.03 4.36 -16.18
N CYS D 279 -14.37 3.59 -15.15
CA CYS D 279 -15.71 3.05 -14.99
C CYS D 279 -16.73 4.01 -14.38
N ALA D 280 -16.35 4.64 -13.27
CA ALA D 280 -17.25 5.54 -12.56
C ALA D 280 -17.77 6.73 -13.37
N ILE D 281 -16.87 7.45 -14.01
CA ILE D 281 -17.24 8.64 -14.78
C ILE D 281 -18.42 8.42 -15.74
N PRO D 282 -18.29 7.50 -16.70
CA PRO D 282 -19.42 7.31 -17.60
C PRO D 282 -20.74 7.09 -16.84
N GLN D 283 -20.72 6.23 -15.84
CA GLN D 283 -21.91 5.95 -15.05
C GLN D 283 -22.50 7.22 -14.45
N VAL D 284 -21.63 8.03 -13.84
CA VAL D 284 -22.05 9.27 -13.22
C VAL D 284 -22.63 10.22 -14.27
N MET D 285 -21.97 10.34 -15.41
CA MET D 285 -22.44 11.21 -16.49
C MET D 285 -23.78 10.73 -17.04
N ALA D 286 -24.05 9.44 -16.91
CA ALA D 286 -25.30 8.87 -17.42
C ALA D 286 -26.46 9.17 -16.47
N ILE D 287 -26.23 9.03 -15.17
CA ILE D 287 -27.27 9.28 -14.18
C ILE D 287 -27.64 10.76 -14.28
N ALA D 288 -26.63 11.61 -14.41
CA ALA D 288 -26.84 13.05 -14.53
C ALA D 288 -27.69 13.28 -15.77
N THR D 289 -27.39 12.55 -16.84
CA THR D 289 -28.16 12.68 -18.06
C THR D 289 -29.60 12.25 -17.83
N LEU D 290 -29.78 11.04 -17.30
CA LEU D 290 -31.13 10.55 -17.04
C LEU D 290 -31.97 11.55 -16.26
N ALA D 291 -31.33 12.22 -15.31
CA ALA D 291 -32.02 13.21 -14.48
C ALA D 291 -32.37 14.45 -15.28
N ALA D 292 -31.51 14.81 -16.23
CA ALA D 292 -31.75 15.98 -17.05
C ALA D 292 -32.88 15.73 -18.04
N CYS D 293 -33.10 14.47 -18.36
CA CYS D 293 -34.14 14.09 -19.30
C CYS D 293 -35.47 13.73 -18.65
N TYR D 294 -35.45 13.36 -17.37
CA TYR D 294 -36.69 12.97 -16.71
C TYR D 294 -37.79 14.03 -16.74
N ASN D 295 -38.95 13.65 -17.27
CA ASN D 295 -40.11 14.53 -17.35
C ASN D 295 -39.82 15.80 -18.17
N ASN D 296 -38.76 15.77 -18.97
CA ASN D 296 -38.40 16.94 -19.77
C ASN D 296 -38.91 16.81 -21.20
N GLN D 297 -39.72 17.77 -21.62
CA GLN D 297 -40.29 17.75 -22.96
C GLN D 297 -39.23 17.98 -24.03
N GLN D 298 -38.20 18.74 -23.68
CA GLN D 298 -37.11 19.05 -24.60
C GLN D 298 -36.47 17.81 -25.22
N VAL D 299 -36.71 16.65 -24.62
CA VAL D 299 -36.16 15.40 -25.12
C VAL D 299 -36.59 15.19 -26.58
N PHE D 300 -37.82 15.59 -26.87
CA PHE D 300 -38.40 15.42 -28.20
C PHE D 300 -38.22 16.62 -29.11
N LYS D 301 -37.45 17.60 -28.67
CA LYS D 301 -37.22 18.79 -29.49
C LYS D 301 -35.75 19.06 -29.80
N GLY D 302 -34.86 18.19 -29.32
CA GLY D 302 -33.44 18.38 -29.57
C GLY D 302 -32.57 17.62 -28.59
N ALA D 303 -31.28 17.95 -28.58
CA ALA D 303 -30.33 17.30 -27.68
C ALA D 303 -30.45 17.92 -26.28
N VAL D 304 -30.73 17.10 -25.27
CA VAL D 304 -30.86 17.61 -23.91
C VAL D 304 -29.49 17.67 -23.26
N LEU D 305 -29.14 18.77 -22.60
CA LEU D 305 -27.82 18.91 -21.97
C LEU D 305 -27.65 18.53 -20.48
N ILE D 306 -26.40 18.32 -20.08
CA ILE D 306 -26.02 17.92 -18.72
C ILE D 306 -25.93 19.06 -17.68
N ARG D 307 -26.91 19.09 -16.77
CA ARG D 307 -26.95 20.11 -15.73
C ARG D 307 -25.84 19.97 -14.68
N LEU D 308 -25.33 21.12 -14.24
CA LEU D 308 -24.28 21.14 -13.21
C LEU D 308 -24.64 20.32 -11.94
N GLY D 309 -24.90 21.00 -10.83
CA GLY D 309 -25.25 20.29 -9.61
C GLY D 309 -25.38 21.23 -8.42
N GLN D 310 -25.69 20.70 -7.24
CA GLN D 310 -25.80 21.56 -6.06
C GLN D 310 -24.37 21.88 -5.61
N ALA D 311 -24.21 22.41 -4.40
CA ALA D 311 -22.89 22.75 -3.88
C ALA D 311 -22.25 21.54 -3.21
N VAL D 312 -23.01 20.45 -3.08
CA VAL D 312 -22.48 19.23 -2.48
C VAL D 312 -21.82 18.37 -3.55
N THR D 313 -21.83 18.88 -4.79
CA THR D 313 -21.22 18.18 -5.92
C THR D 313 -20.04 19.01 -6.46
N LEU D 314 -19.94 20.26 -6.00
CA LEU D 314 -18.86 21.14 -6.42
C LEU D 314 -17.67 20.74 -5.55
N MET D 315 -17.97 20.02 -4.47
CA MET D 315 -16.96 19.58 -3.51
C MET D 315 -16.36 18.23 -3.85
N MET D 316 -17.10 17.41 -4.59
CA MET D 316 -16.61 16.08 -4.91
C MET D 316 -16.45 15.76 -6.39
N ASP D 317 -15.62 14.75 -6.66
CA ASP D 317 -15.35 14.27 -8.01
C ASP D 317 -15.39 12.75 -7.91
N ALA D 318 -15.79 12.11 -9.00
CA ALA D 318 -15.89 10.66 -9.04
C ALA D 318 -14.56 9.92 -8.96
N THR D 319 -13.80 10.14 -7.89
CA THR D 319 -12.52 9.46 -7.73
C THR D 319 -12.44 8.55 -6.50
N ASN D 320 -13.54 8.50 -5.75
CA ASN D 320 -13.66 7.63 -4.57
C ASN D 320 -15.14 7.21 -4.49
N MET D 321 -15.36 5.94 -4.13
CA MET D 321 -16.72 5.38 -4.08
C MET D 321 -17.74 6.13 -3.24
N PRO D 322 -17.35 6.60 -2.05
CA PRO D 322 -18.32 7.33 -1.23
C PRO D 322 -18.91 8.53 -1.98
N ALA D 323 -18.04 9.29 -2.62
CA ALA D 323 -18.47 10.47 -3.37
C ALA D 323 -19.37 10.08 -4.53
N VAL D 324 -18.99 9.02 -5.24
CA VAL D 324 -19.80 8.59 -6.37
C VAL D 324 -21.17 8.20 -5.86
N LYS D 325 -21.21 7.57 -4.69
CA LYS D 325 -22.46 7.16 -4.06
C LYS D 325 -23.29 8.41 -3.76
N ALA D 326 -22.70 9.35 -3.06
CA ALA D 326 -23.35 10.60 -2.71
C ALA D 326 -23.93 11.26 -3.97
N ILE D 327 -23.10 11.37 -5.01
CA ILE D 327 -23.53 11.97 -6.26
C ILE D 327 -24.74 11.26 -6.84
N ILE D 328 -24.69 9.93 -6.88
CA ILE D 328 -25.80 9.16 -7.41
C ILE D 328 -27.08 9.43 -6.63
N TYR D 329 -26.96 9.50 -5.30
CA TYR D 329 -28.12 9.78 -4.46
C TYR D 329 -28.68 11.18 -4.70
N GLN D 330 -27.81 12.16 -4.90
CA GLN D 330 -28.28 13.52 -5.13
C GLN D 330 -29.01 13.63 -6.45
N TYR D 331 -28.69 12.73 -7.37
CA TYR D 331 -29.37 12.73 -8.66
C TYR D 331 -30.67 11.95 -8.52
N MET D 332 -30.68 10.96 -7.64
CA MET D 332 -31.88 10.17 -7.44
C MET D 332 -32.94 11.11 -6.88
N GLU D 333 -32.46 12.17 -6.21
CA GLU D 333 -33.34 13.16 -5.63
C GLU D 333 -33.81 14.20 -6.64
N GLU D 334 -32.90 14.74 -7.45
CA GLU D 334 -33.29 15.71 -8.46
C GLU D 334 -34.47 15.14 -9.23
N ILE D 335 -34.43 13.82 -9.44
CA ILE D 335 -35.49 13.12 -10.16
C ILE D 335 -36.71 12.90 -9.28
N TYR D 336 -36.47 12.44 -8.06
CA TYR D 336 -37.55 12.16 -7.11
C TYR D 336 -38.47 13.37 -6.89
N HIS D 337 -37.85 14.53 -6.68
CA HIS D 337 -38.61 15.76 -6.45
C HIS D 337 -39.52 16.10 -7.62
N ARG D 338 -38.97 16.10 -8.83
CA ARG D 338 -39.73 16.44 -10.03
C ARG D 338 -40.67 15.33 -10.50
N ILE D 339 -41.02 14.39 -9.63
CA ILE D 339 -41.91 13.31 -10.01
C ILE D 339 -43.40 13.70 -9.94
N PRO D 340 -44.05 13.79 -11.11
CA PRO D 340 -45.48 14.16 -11.20
C PRO D 340 -46.37 13.04 -10.65
N ASP D 341 -47.29 13.42 -9.78
CA ASP D 341 -48.21 12.45 -9.19
C ASP D 341 -49.12 11.91 -10.30
N SER D 342 -49.32 12.73 -11.32
CA SER D 342 -50.19 12.36 -12.42
C SER D 342 -49.55 11.50 -13.52
N ASN D 343 -48.31 11.08 -13.31
CA ASN D 343 -47.57 10.25 -14.28
C ASN D 343 -47.94 8.79 -14.01
N PRO D 344 -48.15 8.01 -15.07
CA PRO D 344 -48.52 6.59 -14.92
C PRO D 344 -47.53 5.77 -14.13
N SER D 345 -46.24 6.15 -14.23
CA SER D 345 -45.16 5.44 -13.55
C SER D 345 -44.75 6.11 -12.23
N SER D 346 -45.53 7.08 -11.78
CA SER D 346 -45.20 7.80 -10.55
C SER D 346 -44.86 6.86 -9.41
N SER D 347 -45.67 5.82 -9.25
CA SER D 347 -45.47 4.85 -8.18
C SER D 347 -44.27 3.95 -8.39
N LYS D 348 -44.10 3.48 -9.61
CA LYS D 348 -42.98 2.59 -9.93
C LYS D 348 -41.65 3.31 -9.84
N THR D 349 -41.64 4.60 -10.19
CA THR D 349 -40.41 5.39 -10.14
C THR D 349 -40.00 5.59 -8.69
N ARG D 350 -40.96 5.92 -7.85
CA ARG D 350 -40.67 6.13 -6.43
C ARG D 350 -40.27 4.82 -5.77
N GLN D 351 -40.87 3.73 -6.21
CA GLN D 351 -40.59 2.42 -5.65
C GLN D 351 -39.11 2.08 -5.84
N ILE D 352 -38.61 2.25 -7.07
CA ILE D 352 -37.23 1.93 -7.36
C ILE D 352 -36.25 2.87 -6.66
N ILE D 353 -36.52 4.16 -6.69
CA ILE D 353 -35.63 5.12 -6.04
C ILE D 353 -35.52 4.88 -4.53
N SER D 354 -36.62 4.46 -3.90
CA SER D 354 -36.61 4.20 -2.48
C SER D 354 -35.71 3.02 -2.17
N THR D 355 -35.73 2.03 -3.04
CA THR D 355 -34.90 0.83 -2.88
C THR D 355 -33.42 1.21 -2.99
N ILE D 356 -33.08 2.00 -4.00
CA ILE D 356 -31.71 2.44 -4.21
C ILE D 356 -31.18 3.20 -2.98
N ARG D 357 -32.06 3.92 -2.29
CA ARG D 357 -31.69 4.71 -1.11
C ARG D 357 -31.46 3.86 0.13
N THR D 358 -32.28 2.82 0.28
CA THR D 358 -32.21 1.97 1.46
C THR D 358 -31.14 0.89 1.48
N GLN D 359 -30.53 0.60 0.33
CA GLN D 359 -29.49 -0.42 0.27
C GLN D 359 -28.19 0.09 0.88
N LEU E 26 -34.66 -4.09 3.52
CA LEU E 26 -35.72 -5.09 3.54
C LEU E 26 -36.87 -4.68 4.46
N SER E 27 -36.57 -3.86 5.45
CA SER E 27 -37.59 -3.40 6.39
C SER E 27 -38.37 -2.24 5.78
N SER E 28 -39.70 -2.33 5.79
CA SER E 28 -40.55 -1.28 5.23
C SER E 28 -40.48 -0.01 6.09
N SER E 29 -40.11 -0.18 7.36
CA SER E 29 -40.02 0.96 8.27
C SER E 29 -38.70 1.68 8.05
N LEU E 30 -37.63 0.92 7.81
CA LEU E 30 -36.31 1.51 7.56
C LEU E 30 -36.43 2.22 6.22
N LYS E 31 -37.30 1.69 5.37
CA LYS E 31 -37.54 2.23 4.05
C LYS E 31 -38.22 3.59 4.17
N THR E 32 -39.09 3.71 5.16
CA THR E 32 -39.81 4.96 5.40
C THR E 32 -38.90 5.99 6.06
N CYS E 33 -37.98 5.52 6.90
CA CYS E 33 -37.04 6.41 7.57
C CYS E 33 -36.19 7.17 6.56
N TYR E 34 -35.70 6.45 5.56
CA TYR E 34 -34.87 7.04 4.53
C TYR E 34 -35.65 7.96 3.61
N LYS E 35 -36.96 7.74 3.52
CA LYS E 35 -37.78 8.61 2.70
C LYS E 35 -37.81 9.94 3.45
N TYR E 36 -37.97 9.86 4.77
CA TYR E 36 -38.00 11.05 5.61
C TYR E 36 -36.65 11.76 5.59
N LEU E 37 -35.57 10.98 5.60
CA LEU E 37 -34.23 11.55 5.59
C LEU E 37 -34.06 12.47 4.37
N ASN E 38 -34.39 11.94 3.20
CA ASN E 38 -34.28 12.70 1.95
C ASN E 38 -35.29 13.85 1.92
N GLN E 39 -36.41 13.66 2.58
CA GLN E 39 -37.45 14.68 2.65
C GLN E 39 -37.02 15.89 3.48
N THR E 40 -36.46 15.62 4.66
CA THR E 40 -36.04 16.67 5.59
C THR E 40 -34.66 17.26 5.34
N SER E 41 -33.78 16.49 4.71
CA SER E 41 -32.45 16.98 4.43
C SER E 41 -32.13 16.91 2.94
N ARG E 42 -32.48 17.98 2.24
CA ARG E 42 -32.27 18.08 0.80
C ARG E 42 -30.78 17.88 0.44
N SER E 43 -29.92 18.10 1.42
CA SER E 43 -28.48 17.97 1.22
C SER E 43 -27.87 16.75 1.93
N PHE E 44 -27.65 16.90 3.24
CA PHE E 44 -27.07 15.88 4.12
C PHE E 44 -27.41 14.41 3.83
N ALA E 45 -28.61 14.15 3.33
CA ALA E 45 -29.03 12.78 3.05
C ALA E 45 -28.06 12.01 2.16
N ALA E 46 -27.55 12.65 1.12
CA ALA E 46 -26.64 11.99 0.18
C ALA E 46 -25.40 11.45 0.90
N VAL E 47 -24.65 12.33 1.53
CA VAL E 47 -23.44 11.94 2.24
C VAL E 47 -23.72 10.96 3.37
N ILE E 48 -24.92 11.02 3.94
CA ILE E 48 -25.28 10.11 5.02
C ILE E 48 -25.49 8.72 4.43
N GLN E 49 -26.32 8.64 3.41
CA GLN E 49 -26.60 7.38 2.75
C GLN E 49 -25.28 6.80 2.20
N ALA E 50 -24.28 7.66 2.05
CA ALA E 50 -22.97 7.23 1.55
C ALA E 50 -22.02 6.76 2.67
N LEU E 51 -22.53 6.64 3.89
CA LEU E 51 -21.69 6.21 5.00
C LEU E 51 -21.45 4.69 5.00
N ASP E 52 -20.26 4.27 5.40
CA ASP E 52 -19.93 2.85 5.40
C ASP E 52 -20.65 2.04 6.47
N GLY E 53 -21.06 0.84 6.07
CA GLY E 53 -21.73 -0.10 6.96
C GLY E 53 -22.68 0.37 8.06
N GLU E 54 -22.31 0.01 9.28
CA GLU E 54 -23.09 0.29 10.49
C GLU E 54 -23.45 1.75 10.79
N MET E 55 -22.66 2.69 10.31
CA MET E 55 -22.92 4.11 10.56
C MET E 55 -24.08 4.65 9.73
N ARG E 56 -24.34 4.03 8.59
CA ARG E 56 -25.41 4.47 7.70
C ARG E 56 -26.74 4.67 8.40
N ASN E 57 -27.33 3.59 8.90
CA ASN E 57 -28.62 3.69 9.59
C ASN E 57 -28.50 4.45 10.91
N ALA E 58 -27.41 4.20 11.64
CA ALA E 58 -27.18 4.86 12.92
C ALA E 58 -27.27 6.38 12.79
N VAL E 59 -26.72 6.91 11.70
CA VAL E 59 -26.74 8.35 11.46
C VAL E 59 -28.11 8.79 10.92
N CYS E 60 -28.66 8.00 10.01
CA CYS E 60 -29.97 8.32 9.44
C CYS E 60 -30.99 8.48 10.56
N ILE E 61 -30.93 7.55 11.52
CA ILE E 61 -31.84 7.56 12.65
C ILE E 61 -31.55 8.78 13.54
N PHE E 62 -30.28 8.94 13.91
CA PHE E 62 -29.88 10.05 14.75
C PHE E 62 -30.34 11.37 14.15
N TYR E 63 -30.14 11.51 12.85
CA TYR E 63 -30.56 12.74 12.19
C TYR E 63 -32.07 12.92 12.30
N LEU E 64 -32.80 11.81 12.27
CA LEU E 64 -34.26 11.87 12.33
C LEU E 64 -34.82 12.20 13.70
N VAL E 65 -34.15 11.73 14.75
CA VAL E 65 -34.62 12.03 16.09
C VAL E 65 -34.31 13.48 16.41
N LEU E 66 -33.18 13.97 15.90
CA LEU E 66 -32.77 15.36 16.12
C LEU E 66 -33.73 16.29 15.40
N ARG E 67 -34.10 15.92 14.18
CA ARG E 67 -35.02 16.73 13.41
C ARG E 67 -36.36 16.83 14.16
N ALA E 68 -36.83 15.70 14.71
CA ALA E 68 -38.07 15.68 15.46
C ALA E 68 -37.95 16.58 16.70
N LEU E 69 -36.91 16.34 17.50
CA LEU E 69 -36.69 17.15 18.69
C LEU E 69 -36.64 18.63 18.32
N ASP E 70 -35.98 18.94 17.21
CA ASP E 70 -35.84 20.31 16.75
C ASP E 70 -37.15 20.88 16.18
N THR E 71 -38.03 20.00 15.71
CA THR E 71 -39.29 20.46 15.15
C THR E 71 -40.28 20.87 16.24
N LEU E 72 -40.07 20.35 17.45
CA LEU E 72 -40.92 20.70 18.58
C LEU E 72 -40.48 22.06 19.11
N GLU E 73 -39.20 22.15 19.42
CA GLU E 73 -38.58 23.37 19.93
C GLU E 73 -38.91 24.61 19.09
N ASP E 74 -38.98 24.43 17.77
CA ASP E 74 -39.27 25.53 16.87
C ASP E 74 -40.75 25.84 16.70
N ASP E 75 -41.60 24.88 17.08
CA ASP E 75 -43.05 25.06 16.95
C ASP E 75 -43.56 26.12 17.91
N MET E 76 -43.91 27.28 17.35
CA MET E 76 -44.39 28.40 18.14
C MET E 76 -45.86 28.33 18.54
N THR E 77 -46.56 27.31 18.05
CA THR E 77 -47.97 27.14 18.38
C THR E 77 -48.06 26.29 19.65
N ILE E 78 -46.89 25.89 20.15
CA ILE E 78 -46.79 25.06 21.35
C ILE E 78 -46.32 25.88 22.54
N SER E 79 -47.23 26.12 23.48
CA SER E 79 -46.93 26.89 24.68
C SER E 79 -45.66 26.44 25.37
N VAL E 80 -44.98 27.39 26.00
CA VAL E 80 -43.74 27.10 26.71
C VAL E 80 -43.97 26.05 27.79
N GLU E 81 -45.14 26.09 28.43
CA GLU E 81 -45.44 25.14 29.50
C GLU E 81 -45.59 23.71 28.98
N LYS E 82 -46.18 23.57 27.81
CA LYS E 82 -46.35 22.25 27.19
C LYS E 82 -45.02 21.80 26.61
N LYS E 83 -44.30 22.75 26.01
CA LYS E 83 -43.02 22.46 25.36
C LYS E 83 -41.91 21.94 26.27
N VAL E 84 -41.59 22.67 27.33
CA VAL E 84 -40.53 22.25 28.24
C VAL E 84 -40.58 20.76 28.57
N PRO E 85 -41.74 20.25 28.99
CA PRO E 85 -41.85 18.83 29.31
C PRO E 85 -41.46 17.95 28.12
N LEU E 86 -41.99 18.29 26.94
CA LEU E 86 -41.72 17.53 25.72
C LEU E 86 -40.22 17.50 25.45
N LEU E 87 -39.57 18.65 25.60
CA LEU E 87 -38.14 18.75 25.36
C LEU E 87 -37.32 17.96 26.37
N HIS E 88 -37.69 18.04 27.65
CA HIS E 88 -36.96 17.32 28.70
C HIS E 88 -37.13 15.80 28.61
N ASN E 89 -38.32 15.36 28.20
CA ASN E 89 -38.61 13.94 28.11
C ASN E 89 -38.61 13.36 26.69
N PHE E 90 -38.15 14.15 25.72
CA PHE E 90 -38.11 13.66 24.34
C PHE E 90 -37.28 12.38 24.27
N HIS E 91 -36.09 12.42 24.87
CA HIS E 91 -35.20 11.27 24.85
C HIS E 91 -35.86 10.02 25.41
N SER E 92 -36.90 10.21 26.22
CA SER E 92 -37.63 9.09 26.82
C SER E 92 -38.68 8.54 25.85
N PHE E 93 -39.10 9.37 24.91
CA PHE E 93 -40.10 8.93 23.93
C PHE E 93 -39.52 7.87 22.99
N LEU E 94 -38.19 7.83 22.91
CA LEU E 94 -37.51 6.86 22.05
C LEU E 94 -37.78 5.44 22.52
N TYR E 95 -37.96 5.27 23.83
CA TYR E 95 -38.22 3.95 24.39
C TYR E 95 -39.70 3.65 24.63
N GLN E 96 -40.57 4.51 24.10
CA GLN E 96 -42.02 4.33 24.24
C GLN E 96 -42.64 4.13 22.85
N PRO E 97 -42.64 2.88 22.37
CA PRO E 97 -43.14 2.37 21.09
C PRO E 97 -44.32 3.08 20.45
N ASP E 98 -45.17 3.70 21.26
CA ASP E 98 -46.36 4.38 20.74
C ASP E 98 -46.30 5.90 20.70
N TRP E 99 -45.27 6.50 21.27
CA TRP E 99 -45.22 7.95 21.28
C TRP E 99 -45.24 8.60 19.91
N ARG E 100 -46.02 9.66 19.80
CA ARG E 100 -46.15 10.42 18.57
C ARG E 100 -46.90 11.71 18.91
N PHE E 101 -46.43 12.83 18.33
CA PHE E 101 -47.06 14.13 18.56
C PHE E 101 -47.89 14.47 17.32
N MET E 102 -49.13 14.91 17.53
CA MET E 102 -50.01 15.22 16.41
C MET E 102 -50.35 16.70 16.20
N GLU E 103 -50.09 17.53 17.20
CA GLU E 103 -50.43 18.95 17.07
C GLU E 103 -49.39 19.91 16.51
N SER E 104 -48.43 19.41 15.74
CA SER E 104 -47.40 20.27 15.17
C SER E 104 -47.92 20.94 13.89
N LYS E 105 -47.38 22.12 13.59
CA LYS E 105 -47.76 22.87 12.40
C LYS E 105 -46.54 23.19 11.54
N GLU E 106 -45.41 22.57 11.88
CA GLU E 106 -44.17 22.77 11.14
C GLU E 106 -44.14 21.96 9.85
N LYS E 107 -43.18 22.25 8.99
CA LYS E 107 -43.07 21.55 7.72
C LYS E 107 -42.73 20.07 7.87
N ASP E 108 -41.83 19.76 8.79
CA ASP E 108 -41.41 18.38 9.02
C ASP E 108 -42.28 17.63 10.02
N ARG E 109 -43.46 18.17 10.32
CA ARG E 109 -44.35 17.53 11.28
C ARG E 109 -44.56 16.03 11.09
N GLN E 110 -44.38 15.55 9.87
CA GLN E 110 -44.57 14.15 9.56
C GLN E 110 -43.63 13.19 10.31
N VAL E 111 -42.52 13.71 10.82
CA VAL E 111 -41.57 12.85 11.54
C VAL E 111 -41.97 12.67 12.99
N LEU E 112 -42.77 13.60 13.50
CA LEU E 112 -43.25 13.54 14.88
C LEU E 112 -44.50 12.67 14.92
N GLU E 113 -45.35 12.84 13.90
CA GLU E 113 -46.60 12.10 13.80
C GLU E 113 -46.36 10.61 13.57
N ASP E 114 -45.30 10.28 12.82
CA ASP E 114 -44.95 8.89 12.53
C ASP E 114 -43.67 8.52 13.27
N PHE E 115 -43.56 8.99 14.50
CA PHE E 115 -42.38 8.73 15.31
C PHE E 115 -42.20 7.25 15.67
N PRO E 116 -43.31 6.51 15.89
CA PRO E 116 -43.14 5.09 16.23
C PRO E 116 -42.27 4.40 15.19
N THR E 117 -42.45 4.79 13.93
CA THR E 117 -41.67 4.23 12.84
C THR E 117 -40.19 4.43 13.15
N ILE E 118 -39.83 5.68 13.37
CA ILE E 118 -38.45 6.06 13.67
C ILE E 118 -37.95 5.51 15.01
N SER E 119 -38.83 5.50 16.01
CA SER E 119 -38.44 5.00 17.32
C SER E 119 -38.22 3.49 17.25
N LEU E 120 -38.93 2.83 16.34
CA LEU E 120 -38.77 1.39 16.19
C LEU E 120 -37.40 1.09 15.60
N GLU E 121 -37.02 1.85 14.58
CA GLU E 121 -35.71 1.68 13.94
C GLU E 121 -34.60 2.10 14.91
N PHE E 122 -34.91 3.05 15.77
CA PHE E 122 -33.94 3.51 16.77
C PHE E 122 -33.61 2.30 17.64
N ARG E 123 -34.65 1.64 18.12
CA ARG E 123 -34.51 0.47 18.99
C ARG E 123 -33.85 -0.71 18.28
N ASN E 124 -33.81 -0.65 16.94
CA ASN E 124 -33.23 -1.73 16.14
C ASN E 124 -31.70 -1.60 16.00
N LEU E 125 -31.13 -0.55 16.58
CA LEU E 125 -29.70 -0.33 16.51
C LEU E 125 -28.94 -0.97 17.66
N ALA E 126 -27.65 -1.24 17.44
CA ALA E 126 -26.80 -1.84 18.48
C ALA E 126 -26.91 -0.95 19.71
N GLU E 127 -26.84 -1.55 20.89
CA GLU E 127 -26.95 -0.76 22.11
C GLU E 127 -25.98 0.41 22.13
N LYS E 128 -24.72 0.16 21.81
CA LYS E 128 -23.73 1.23 21.84
C LYS E 128 -24.15 2.46 21.05
N TYR E 129 -25.01 2.29 20.04
CA TYR E 129 -25.47 3.42 19.25
C TYR E 129 -26.70 4.06 19.90
N GLN E 130 -27.53 3.24 20.55
CA GLN E 130 -28.72 3.74 21.21
C GLN E 130 -28.30 4.68 22.34
N THR E 131 -27.28 4.24 23.08
CA THR E 131 -26.75 4.99 24.22
C THR E 131 -26.32 6.40 23.84
N VAL E 132 -25.56 6.53 22.76
CA VAL E 132 -25.09 7.83 22.32
C VAL E 132 -26.24 8.75 21.89
N ILE E 133 -27.13 8.23 21.06
CA ILE E 133 -28.26 9.01 20.57
C ILE E 133 -29.22 9.44 21.69
N ALA E 134 -29.39 8.61 22.70
CA ALA E 134 -30.29 8.91 23.81
C ALA E 134 -29.72 9.98 24.74
N ASP E 135 -28.44 9.84 25.08
CA ASP E 135 -27.77 10.79 25.96
C ASP E 135 -27.75 12.18 25.36
N ILE E 136 -27.44 12.27 24.07
CA ILE E 136 -27.40 13.54 23.37
C ILE E 136 -28.79 14.17 23.36
N CYS E 137 -29.80 13.38 23.02
CA CYS E 137 -31.16 13.89 22.99
C CYS E 137 -31.58 14.35 24.37
N ARG E 138 -30.95 13.77 25.40
CA ARG E 138 -31.26 14.14 26.77
C ARG E 138 -30.62 15.50 27.08
N ARG E 139 -29.33 15.62 26.76
CA ARG E 139 -28.61 16.86 27.01
C ARG E 139 -29.15 18.02 26.17
N MET E 140 -29.69 17.71 25.00
CA MET E 140 -30.20 18.76 24.12
C MET E 140 -31.55 19.32 24.54
N GLY E 141 -32.46 18.44 24.95
CA GLY E 141 -33.78 18.90 25.39
C GLY E 141 -33.63 19.85 26.55
N ILE E 142 -32.68 19.55 27.42
CA ILE E 142 -32.41 20.36 28.59
C ILE E 142 -31.98 21.77 28.19
N GLY E 143 -31.02 21.84 27.27
CA GLY E 143 -30.53 23.13 26.82
C GLY E 143 -31.52 23.93 26.02
N MET E 144 -32.19 23.28 25.07
CA MET E 144 -33.17 23.96 24.23
C MET E 144 -34.24 24.58 25.11
N ALA E 145 -34.60 23.86 26.17
CA ALA E 145 -35.61 24.35 27.09
C ALA E 145 -35.07 25.57 27.84
N GLU E 146 -33.81 25.50 28.24
CA GLU E 146 -33.17 26.60 28.97
C GLU E 146 -33.14 27.92 28.18
N PHE E 147 -33.15 27.83 26.87
CA PHE E 147 -33.11 29.03 26.04
C PHE E 147 -34.48 29.43 25.53
N LEU E 148 -35.47 28.57 25.75
CA LEU E 148 -36.82 28.84 25.28
C LEU E 148 -37.28 30.28 25.50
N ASP E 149 -36.92 30.87 26.64
CA ASP E 149 -37.34 32.25 26.87
C ASP E 149 -36.23 33.29 26.79
N LYS E 150 -35.01 32.98 27.24
CA LYS E 150 -33.94 33.98 27.15
C LYS E 150 -33.38 34.05 25.73
N HIS E 151 -32.57 35.08 25.49
CA HIS E 151 -31.92 35.29 24.20
C HIS E 151 -30.43 35.14 24.47
N VAL E 152 -29.62 35.19 23.41
CA VAL E 152 -28.17 35.08 23.61
C VAL E 152 -27.59 36.44 23.98
N THR E 153 -27.06 36.53 25.20
CA THR E 153 -26.46 37.76 25.67
C THR E 153 -24.98 37.81 25.32
N SER E 154 -24.18 37.11 26.11
CA SER E 154 -22.73 37.07 25.91
C SER E 154 -22.29 36.14 24.77
N GLU E 155 -21.01 36.27 24.40
CA GLU E 155 -20.42 35.44 23.36
C GLU E 155 -20.25 34.06 24.00
N GLN E 156 -20.14 34.06 25.32
CA GLN E 156 -20.00 32.84 26.09
C GLN E 156 -21.32 32.09 26.00
N GLU E 157 -22.41 32.84 26.12
CA GLU E 157 -23.74 32.26 26.02
C GLU E 157 -24.00 31.82 24.58
N TRP E 158 -23.36 32.51 23.62
CA TRP E 158 -23.53 32.16 22.21
C TRP E 158 -22.91 30.79 21.98
N ASP E 159 -21.79 30.53 22.64
CA ASP E 159 -21.10 29.25 22.53
C ASP E 159 -21.97 28.18 23.19
N LYS E 160 -22.59 28.56 24.31
CA LYS E 160 -23.45 27.63 25.02
C LYS E 160 -24.68 27.26 24.20
N TYR E 161 -25.35 28.25 23.62
CA TYR E 161 -26.53 27.97 22.80
C TYR E 161 -26.16 27.05 21.64
N CYS E 162 -25.04 27.34 20.99
CA CYS E 162 -24.60 26.52 19.86
C CYS E 162 -24.21 25.12 20.32
N HIS E 163 -23.60 25.05 21.50
CA HIS E 163 -23.21 23.76 22.06
C HIS E 163 -24.45 22.86 22.15
N TYR E 164 -25.56 23.43 22.63
CA TYR E 164 -26.78 22.66 22.80
C TYR E 164 -27.50 22.24 21.51
N VAL E 165 -27.49 23.10 20.50
CA VAL E 165 -28.19 22.78 19.25
C VAL E 165 -27.34 22.16 18.14
N ALA E 166 -26.02 22.26 18.25
CA ALA E 166 -25.15 21.72 17.21
C ALA E 166 -23.86 21.10 17.72
N GLY E 167 -23.23 21.73 18.70
CA GLY E 167 -21.99 21.19 19.25
C GLY E 167 -22.18 19.75 19.69
N LEU E 168 -23.27 19.49 20.40
CA LEU E 168 -23.58 18.15 20.88
C LEU E 168 -23.80 17.17 19.73
N VAL E 169 -24.35 17.66 18.61
CA VAL E 169 -24.57 16.79 17.45
C VAL E 169 -23.21 16.34 16.94
N GLY E 170 -22.22 17.22 17.07
CA GLY E 170 -20.88 16.89 16.64
C GLY E 170 -20.33 15.83 17.57
N ILE E 171 -20.51 16.04 18.87
CA ILE E 171 -20.07 15.10 19.89
C ILE E 171 -20.81 13.78 19.71
N GLY E 172 -22.08 13.86 19.34
CA GLY E 172 -22.84 12.65 19.13
C GLY E 172 -22.18 11.85 18.03
N LEU E 173 -22.21 12.41 16.82
CA LEU E 173 -21.63 11.78 15.66
C LEU E 173 -20.22 11.23 15.91
N SER E 174 -19.36 12.05 16.49
CA SER E 174 -17.98 11.64 16.77
C SER E 174 -17.91 10.37 17.59
N ARG E 175 -18.88 10.20 18.49
CA ARG E 175 -18.94 9.03 19.36
C ARG E 175 -19.52 7.82 18.64
N LEU E 176 -20.42 8.05 17.69
CA LEU E 176 -21.00 6.96 16.91
C LEU E 176 -19.89 6.41 16.01
N PHE E 177 -19.13 7.32 15.39
CA PHE E 177 -18.04 6.92 14.51
C PHE E 177 -17.11 5.96 15.29
N SER E 178 -16.68 6.38 16.46
CA SER E 178 -15.78 5.59 17.31
C SER E 178 -16.39 4.27 17.79
N ALA E 179 -17.63 4.33 18.28
CA ALA E 179 -18.32 3.13 18.75
C ALA E 179 -18.31 2.10 17.61
N SER E 180 -18.75 2.53 16.43
CA SER E 180 -18.80 1.66 15.24
C SER E 180 -17.38 1.21 14.86
N GLU E 181 -16.38 1.87 15.45
CA GLU E 181 -14.99 1.53 15.21
C GLU E 181 -14.46 1.86 13.83
N PHE E 182 -15.26 2.55 13.02
CA PHE E 182 -14.76 2.93 11.71
C PHE E 182 -13.76 4.05 11.87
N GLU E 183 -13.73 4.65 13.05
CA GLU E 183 -12.79 5.74 13.35
C GLU E 183 -12.06 5.46 14.65
N ASP E 184 -10.88 6.07 14.81
CA ASP E 184 -10.04 5.91 16.00
C ASP E 184 -10.85 6.29 17.26
N PRO E 185 -10.55 5.65 18.41
CA PRO E 185 -11.28 5.98 19.65
C PRO E 185 -11.15 7.45 20.07
N LEU E 186 -10.06 8.09 19.62
CA LEU E 186 -9.78 9.49 19.93
C LEU E 186 -10.84 10.46 19.40
N VAL E 187 -11.49 10.09 18.30
CA VAL E 187 -12.52 10.93 17.68
C VAL E 187 -13.71 11.22 18.58
N GLY E 188 -14.25 10.18 19.22
CA GLY E 188 -15.37 10.37 20.13
C GLY E 188 -14.84 10.86 21.46
N GLU E 189 -13.55 10.59 21.70
CA GLU E 189 -12.88 10.99 22.92
C GLU E 189 -12.83 12.51 23.03
N ASP E 190 -12.05 13.15 22.14
CA ASP E 190 -11.88 14.60 22.13
C ASP E 190 -13.18 15.35 21.87
N THR E 191 -14.02 15.46 22.91
CA THR E 191 -15.29 16.15 22.80
C THR E 191 -15.17 17.62 22.43
N GLU E 192 -14.01 18.21 22.69
CA GLU E 192 -13.78 19.63 22.41
C GLU E 192 -13.77 19.93 20.90
N ARG E 193 -13.06 19.10 20.15
CA ARG E 193 -12.96 19.28 18.71
C ARG E 193 -14.29 18.98 18.02
N ALA E 194 -15.01 18.01 18.54
CA ALA E 194 -16.30 17.65 17.96
C ALA E 194 -17.25 18.80 18.22
N ASN E 195 -17.04 19.48 19.35
CA ASN E 195 -17.87 20.62 19.71
C ASN E 195 -17.60 21.76 18.73
N SER E 196 -16.32 22.01 18.47
CA SER E 196 -15.93 23.08 17.54
C SER E 196 -16.48 22.83 16.15
N MET E 197 -16.58 21.56 15.76
CA MET E 197 -17.12 21.24 14.44
C MET E 197 -18.56 21.76 14.36
N GLY E 198 -19.31 21.59 15.44
CA GLY E 198 -20.69 22.04 15.46
C GLY E 198 -20.84 23.54 15.58
N LEU E 199 -20.02 24.13 16.44
CA LEU E 199 -20.06 25.57 16.63
C LEU E 199 -19.81 26.27 15.30
N PHE E 200 -18.80 25.83 14.57
CA PHE E 200 -18.47 26.48 13.31
C PHE E 200 -19.66 26.51 12.35
N LEU E 201 -20.30 25.38 12.17
CA LEU E 201 -21.46 25.32 11.27
C LEU E 201 -22.61 26.15 11.79
N GLN E 202 -22.91 26.02 13.08
CA GLN E 202 -24.02 26.75 13.67
C GLN E 202 -23.84 28.27 13.58
N LYS E 203 -22.66 28.76 13.94
CA LYS E 203 -22.42 30.18 13.89
C LYS E 203 -22.51 30.70 12.46
N THR E 204 -21.86 29.98 11.53
CA THR E 204 -21.90 30.35 10.12
C THR E 204 -23.36 30.49 9.69
N ASN E 205 -24.18 29.50 10.05
CA ASN E 205 -25.60 29.55 9.69
C ASN E 205 -26.29 30.75 10.35
N ILE E 206 -26.16 30.84 11.67
CA ILE E 206 -26.76 31.93 12.43
C ILE E 206 -26.46 33.29 11.78
N ILE E 207 -25.20 33.47 11.38
CA ILE E 207 -24.74 34.69 10.75
C ILE E 207 -25.40 34.91 9.39
N ARG E 208 -25.47 33.86 8.59
CA ARG E 208 -26.06 33.96 7.26
C ARG E 208 -27.56 34.16 7.28
N ASP E 209 -28.21 33.57 8.28
CA ASP E 209 -29.66 33.65 8.38
C ASP E 209 -30.20 34.79 9.22
N TYR E 210 -29.41 35.83 9.40
CA TYR E 210 -29.86 36.97 10.19
C TYR E 210 -31.24 37.48 9.77
N LEU E 211 -31.38 37.86 8.51
CA LEU E 211 -32.62 38.41 8.00
C LEU E 211 -33.79 37.45 8.09
N GLU E 212 -33.63 36.26 7.53
CA GLU E 212 -34.69 35.27 7.56
C GLU E 212 -35.12 35.01 8.99
N ASP E 213 -34.16 34.97 9.91
CA ASP E 213 -34.45 34.74 11.32
C ASP E 213 -35.25 35.89 11.89
N GLN E 214 -34.76 37.11 11.66
CA GLN E 214 -35.38 38.34 12.14
C GLN E 214 -36.82 38.45 11.66
N GLN E 215 -37.03 38.17 10.38
CA GLN E 215 -38.36 38.24 9.80
C GLN E 215 -39.29 37.21 10.44
N GLY E 216 -38.69 36.17 11.01
CA GLY E 216 -39.47 35.13 11.66
C GLY E 216 -39.55 35.38 13.15
N GLY E 217 -39.09 36.56 13.55
CA GLY E 217 -39.11 36.92 14.95
C GLY E 217 -38.10 36.21 15.83
N ARG E 218 -37.06 35.62 15.25
CA ARG E 218 -36.05 34.92 16.05
C ARG E 218 -34.75 35.71 16.10
N GLU E 219 -34.05 35.63 17.23
CA GLU E 219 -32.79 36.36 17.39
C GLU E 219 -31.74 35.48 18.04
N PHE E 220 -30.60 35.33 17.37
CA PHE E 220 -29.51 34.51 17.91
C PHE E 220 -28.19 35.25 18.10
N TRP E 221 -28.00 36.36 17.39
CA TRP E 221 -26.77 37.15 17.53
C TRP E 221 -26.63 37.58 18.99
N PRO E 222 -25.42 37.52 19.55
CA PRO E 222 -25.18 37.92 20.95
C PRO E 222 -25.32 39.41 21.21
N GLN E 223 -26.16 39.72 22.20
CA GLN E 223 -26.46 41.10 22.61
C GLN E 223 -25.19 41.88 22.99
N GLU E 224 -24.30 41.25 23.74
CA GLU E 224 -23.06 41.91 24.17
C GLU E 224 -22.32 42.45 22.95
N VAL E 225 -22.54 41.81 21.80
CA VAL E 225 -21.90 42.22 20.56
C VAL E 225 -22.71 43.23 19.73
N TRP E 226 -23.95 42.92 19.40
CA TRP E 226 -24.72 43.86 18.60
C TRP E 226 -25.17 45.13 19.34
N SER E 227 -25.25 45.08 20.66
CA SER E 227 -25.70 46.25 21.43
C SER E 227 -24.74 47.43 21.32
N ARG E 228 -23.48 47.12 20.99
CA ARG E 228 -22.47 48.15 20.87
C ARG E 228 -22.63 48.96 19.58
N TYR E 229 -23.50 48.50 18.69
CA TYR E 229 -23.74 49.16 17.40
C TYR E 229 -25.14 49.79 17.32
N VAL E 230 -26.14 49.03 17.72
CA VAL E 230 -27.51 49.52 17.66
C VAL E 230 -28.31 49.19 18.91
N LYS E 231 -29.39 49.93 19.11
CA LYS E 231 -30.26 49.75 20.26
C LYS E 231 -31.05 48.45 20.27
N LYS E 232 -31.23 47.84 19.10
CA LYS E 232 -31.98 46.59 19.01
C LYS E 232 -31.48 45.76 17.84
N LEU E 233 -31.43 44.44 18.00
CA LEU E 233 -30.96 43.57 16.93
C LEU E 233 -31.71 43.77 15.63
N GLY E 234 -33.03 43.92 15.74
CA GLY E 234 -33.85 44.11 14.55
C GLY E 234 -33.47 45.32 13.72
N ASP E 235 -32.74 46.26 14.31
CA ASP E 235 -32.35 47.44 13.56
C ASP E 235 -31.39 47.20 12.41
N PHE E 236 -30.66 46.09 12.45
CA PHE E 236 -29.72 45.78 11.38
C PHE E 236 -30.54 45.53 10.10
N ALA E 237 -31.84 45.41 10.29
CA ALA E 237 -32.73 45.15 9.17
C ALA E 237 -33.05 46.43 8.42
N LEU E 238 -32.85 47.57 9.07
CA LEU E 238 -33.16 48.87 8.49
C LEU E 238 -32.00 49.37 7.64
N PRO E 239 -32.29 49.71 6.40
CA PRO E 239 -31.28 50.23 5.46
C PRO E 239 -30.35 51.28 6.03
N GLU E 240 -30.88 52.22 6.81
CA GLU E 240 -30.00 53.26 7.37
C GLU E 240 -28.89 52.66 8.23
N ASN E 241 -29.07 51.41 8.68
CA ASN E 241 -28.05 50.78 9.55
C ASN E 241 -27.20 49.74 8.83
N ILE E 242 -27.16 49.78 7.51
CA ILE E 242 -26.41 48.80 6.76
C ILE E 242 -24.93 48.73 7.11
N ASP E 243 -24.30 49.88 7.29
CA ASP E 243 -22.88 49.92 7.61
C ASP E 243 -22.57 49.36 8.99
N LEU E 244 -23.41 49.72 9.96
CA LEU E 244 -23.22 49.22 11.30
C LEU E 244 -23.46 47.71 11.28
N ALA E 245 -24.41 47.28 10.47
CA ALA E 245 -24.74 45.87 10.35
C ALA E 245 -23.54 45.06 9.82
N VAL E 246 -22.92 45.55 8.75
CA VAL E 246 -21.76 44.88 8.16
C VAL E 246 -20.61 44.75 9.17
N GLN E 247 -20.39 45.79 9.95
CA GLN E 247 -19.31 45.75 10.93
C GLN E 247 -19.56 44.69 12.00
N CYS E 248 -20.78 44.64 12.52
CA CYS E 248 -21.11 43.64 13.52
C CYS E 248 -20.98 42.28 12.85
N LEU E 249 -21.46 42.21 11.60
CA LEU E 249 -21.37 40.97 10.83
C LEU E 249 -19.92 40.54 10.79
N ASN E 250 -19.04 41.49 10.46
CA ASN E 250 -17.62 41.22 10.38
C ASN E 250 -17.02 40.75 11.71
N GLU E 251 -17.50 41.31 12.82
CA GLU E 251 -16.98 40.92 14.12
C GLU E 251 -17.40 39.49 14.47
N LEU E 252 -18.61 39.12 14.09
CA LEU E 252 -19.11 37.77 14.37
C LEU E 252 -18.41 36.74 13.50
N ILE E 253 -18.15 37.10 12.26
CA ILE E 253 -17.44 36.22 11.36
C ILE E 253 -16.04 35.96 11.94
N THR E 254 -15.41 37.00 12.47
CA THR E 254 -14.09 36.88 13.08
C THR E 254 -14.14 35.92 14.26
N ASN E 255 -15.25 35.97 14.99
CA ASN E 255 -15.45 35.09 16.14
C ASN E 255 -15.46 33.65 15.64
N ALA E 256 -16.35 33.34 14.69
CA ALA E 256 -16.46 31.99 14.15
C ALA E 256 -15.14 31.45 13.61
N LEU E 257 -14.38 32.30 12.94
CA LEU E 257 -13.11 31.86 12.36
C LEU E 257 -12.20 31.17 13.36
N HIS E 258 -12.41 31.42 14.65
CA HIS E 258 -11.59 30.80 15.69
C HIS E 258 -11.75 29.29 15.84
N HIS E 259 -12.81 28.73 15.27
CA HIS E 259 -13.04 27.30 15.37
C HIS E 259 -12.33 26.50 14.27
N ILE E 260 -11.75 27.21 13.30
CA ILE E 260 -11.10 26.53 12.19
C ILE E 260 -9.89 25.67 12.56
N PRO E 261 -9.07 26.13 13.52
CA PRO E 261 -7.93 25.25 13.84
C PRO E 261 -8.48 23.88 14.35
N ASP E 262 -9.53 23.93 15.16
CA ASP E 262 -10.13 22.68 15.67
C ASP E 262 -10.77 21.91 14.53
N VAL E 263 -11.40 22.62 13.61
CA VAL E 263 -12.05 21.97 12.48
C VAL E 263 -11.02 21.20 11.66
N ILE E 264 -9.84 21.79 11.52
CA ILE E 264 -8.76 21.16 10.77
C ILE E 264 -8.20 19.94 11.52
N THR E 265 -7.85 20.14 12.79
CA THR E 265 -7.32 19.03 13.58
C THR E 265 -8.29 17.85 13.56
N TYR E 266 -9.57 18.14 13.74
CA TYR E 266 -10.59 17.10 13.75
C TYR E 266 -10.65 16.35 12.43
N LEU E 267 -10.64 17.07 11.32
CA LEU E 267 -10.71 16.45 10.00
C LEU E 267 -9.45 15.67 9.66
N SER E 268 -8.31 16.17 10.14
CA SER E 268 -7.02 15.54 9.89
C SER E 268 -6.84 14.16 10.55
N ARG E 269 -7.73 13.82 11.47
CA ARG E 269 -7.66 12.54 12.19
C ARG E 269 -8.60 11.47 11.64
N LEU E 270 -9.46 11.83 10.71
CA LEU E 270 -10.39 10.86 10.15
C LEU E 270 -9.66 9.93 9.17
N ARG E 271 -9.91 8.62 9.28
CA ARG E 271 -9.27 7.67 8.37
C ARG E 271 -10.29 7.03 7.42
N ASN E 272 -11.57 7.07 7.78
CA ASN E 272 -12.61 6.50 6.94
C ASN E 272 -13.10 7.50 5.89
N GLN E 273 -12.90 7.14 4.62
CA GLN E 273 -13.28 8.01 3.51
C GLN E 273 -14.71 8.53 3.58
N SER E 274 -15.67 7.64 3.84
CA SER E 274 -17.08 8.04 3.89
C SER E 274 -17.34 9.02 5.05
N VAL E 275 -16.64 8.82 6.15
CA VAL E 275 -16.82 9.70 7.28
C VAL E 275 -16.21 11.07 6.93
N PHE E 276 -15.02 11.04 6.34
CA PHE E 276 -14.33 12.26 5.97
C PHE E 276 -15.21 13.13 5.07
N ASN E 277 -15.78 12.50 4.05
CA ASN E 277 -16.66 13.19 3.10
C ASN E 277 -17.82 13.83 3.82
N PHE E 278 -18.42 13.04 4.71
CA PHE E 278 -19.55 13.47 5.52
C PHE E 278 -19.23 14.70 6.38
N CYS E 279 -18.02 14.74 6.92
CA CYS E 279 -17.57 15.83 7.78
C CYS E 279 -16.97 17.04 7.08
N ALA E 280 -16.07 16.80 6.12
CA ALA E 280 -15.39 17.88 5.43
C ALA E 280 -16.28 18.78 4.55
N ILE E 281 -17.18 18.17 3.79
CA ILE E 281 -18.04 18.95 2.91
C ILE E 281 -18.89 20.03 3.61
N PRO E 282 -19.58 19.67 4.71
CA PRO E 282 -20.38 20.71 5.37
C PRO E 282 -19.48 21.83 5.90
N GLN E 283 -18.28 21.48 6.35
CA GLN E 283 -17.33 22.46 6.86
C GLN E 283 -16.82 23.38 5.74
N VAL E 284 -16.43 22.80 4.61
CA VAL E 284 -15.93 23.58 3.48
C VAL E 284 -17.04 24.49 2.95
N MET E 285 -18.27 24.02 3.06
CA MET E 285 -19.41 24.80 2.60
C MET E 285 -19.55 26.00 3.54
N ALA E 286 -19.27 25.76 4.81
CA ALA E 286 -19.38 26.81 5.81
C ALA E 286 -18.33 27.89 5.59
N ILE E 287 -17.09 27.46 5.35
CA ILE E 287 -15.99 28.39 5.12
C ILE E 287 -16.30 29.24 3.89
N ALA E 288 -16.81 28.58 2.85
CA ALA E 288 -17.16 29.25 1.61
C ALA E 288 -18.24 30.30 1.86
N THR E 289 -19.20 29.95 2.71
CA THR E 289 -20.30 30.85 3.04
C THR E 289 -19.83 32.09 3.83
N LEU E 290 -18.95 31.89 4.81
CA LEU E 290 -18.44 33.00 5.59
C LEU E 290 -17.66 33.94 4.69
N ALA E 291 -16.81 33.37 3.83
CA ALA E 291 -15.99 34.16 2.92
C ALA E 291 -16.86 35.00 2.01
N ALA E 292 -18.00 34.45 1.61
CA ALA E 292 -18.91 35.17 0.73
C ALA E 292 -19.73 36.20 1.51
N CYS E 293 -19.90 35.96 2.81
CA CYS E 293 -20.66 36.85 3.67
C CYS E 293 -19.84 38.01 4.22
N TYR E 294 -18.54 37.81 4.34
CA TYR E 294 -17.66 38.82 4.88
C TYR E 294 -17.71 40.18 4.19
N ASN E 295 -17.90 41.22 5.00
CA ASN E 295 -17.98 42.60 4.54
C ASN E 295 -18.98 42.74 3.40
N ASN E 296 -20.04 41.93 3.45
CA ASN E 296 -21.05 41.93 2.39
C ASN E 296 -22.41 42.45 2.85
N GLN E 297 -22.90 43.48 2.18
CA GLN E 297 -24.19 44.07 2.51
C GLN E 297 -25.38 43.16 2.24
N GLN E 298 -25.26 42.33 1.21
CA GLN E 298 -26.34 41.42 0.84
C GLN E 298 -26.88 40.58 2.00
N VAL E 299 -26.04 40.30 2.99
CA VAL E 299 -26.46 39.50 4.14
C VAL E 299 -27.74 40.05 4.73
N PHE E 300 -27.86 41.37 4.71
CA PHE E 300 -29.03 42.02 5.29
C PHE E 300 -30.12 42.42 4.32
N LYS E 301 -30.00 42.02 3.06
CA LYS E 301 -31.00 42.34 2.04
C LYS E 301 -31.66 41.07 1.50
N GLY E 302 -30.98 39.95 1.65
CA GLY E 302 -31.48 38.67 1.19
C GLY E 302 -30.54 37.57 1.66
N ALA E 303 -30.56 36.44 0.96
CA ALA E 303 -29.67 35.34 1.28
C ALA E 303 -28.45 35.51 0.35
N VAL E 304 -27.31 34.95 0.72
CA VAL E 304 -26.10 35.09 -0.09
C VAL E 304 -25.73 33.92 -0.99
N LEU E 305 -25.57 34.20 -2.28
CA LEU E 305 -25.20 33.17 -3.26
C LEU E 305 -23.67 32.94 -3.30
N ILE E 306 -23.33 31.71 -2.93
CA ILE E 306 -21.98 31.17 -2.76
C ILE E 306 -21.07 30.86 -3.97
N ARG E 307 -20.33 31.85 -4.45
CA ARG E 307 -19.45 31.67 -5.62
C ARG E 307 -18.33 30.58 -5.58
N LEU E 308 -18.01 30.03 -6.75
CA LEU E 308 -17.01 28.96 -6.92
C LEU E 308 -15.59 29.07 -6.32
N GLY E 309 -14.78 29.98 -6.89
CA GLY E 309 -13.41 30.16 -6.41
C GLY E 309 -12.38 30.23 -7.54
N GLN E 310 -11.11 30.11 -7.19
CA GLN E 310 -10.03 30.18 -8.18
C GLN E 310 -9.85 28.86 -8.95
N ALA E 311 -8.84 28.82 -9.81
CA ALA E 311 -8.56 27.65 -10.63
C ALA E 311 -7.80 26.55 -9.88
N VAL E 312 -7.31 26.86 -8.68
CA VAL E 312 -6.59 25.88 -7.88
C VAL E 312 -7.54 25.33 -6.81
N THR E 313 -8.82 25.52 -7.09
CA THR E 313 -9.94 25.04 -6.28
C THR E 313 -10.75 24.37 -7.39
N LEU E 314 -10.33 24.69 -8.61
CA LEU E 314 -10.88 24.19 -9.87
C LEU E 314 -10.07 22.94 -10.15
N MET E 315 -9.10 22.67 -9.26
CA MET E 315 -8.20 21.53 -9.38
C MET E 315 -8.35 20.52 -8.25
N MET E 316 -9.28 20.76 -7.33
CA MET E 316 -9.45 19.84 -6.20
C MET E 316 -10.90 19.69 -5.74
N ASP E 317 -11.11 18.75 -4.84
CA ASP E 317 -12.42 18.47 -4.28
C ASP E 317 -12.23 18.14 -2.80
N ALA E 318 -13.20 18.49 -1.98
CA ALA E 318 -13.12 18.27 -0.54
C ALA E 318 -13.07 16.82 -0.11
N THR E 319 -12.28 16.00 -0.78
CA THR E 319 -12.22 14.58 -0.41
C THR E 319 -10.92 14.06 0.21
N ASN E 320 -9.90 14.91 0.30
CA ASN E 320 -8.63 14.53 0.93
C ASN E 320 -8.16 15.74 1.74
N MET E 321 -7.58 15.49 2.91
CA MET E 321 -7.14 16.55 3.81
C MET E 321 -6.36 17.70 3.16
N PRO E 322 -5.28 17.39 2.44
CA PRO E 322 -4.47 18.41 1.78
C PRO E 322 -5.35 19.32 0.92
N ALA E 323 -6.24 18.73 0.14
CA ALA E 323 -7.12 19.51 -0.72
C ALA E 323 -7.99 20.43 0.13
N VAL E 324 -8.68 19.84 1.11
CA VAL E 324 -9.53 20.58 2.02
C VAL E 324 -8.77 21.72 2.66
N LYS E 325 -7.54 21.44 3.09
CA LYS E 325 -6.72 22.48 3.71
C LYS E 325 -6.48 23.60 2.72
N ALA E 326 -6.08 23.24 1.52
CA ALA E 326 -5.82 24.23 0.48
C ALA E 326 -7.05 25.09 0.25
N ILE E 327 -8.22 24.47 0.28
CA ILE E 327 -9.46 25.20 0.07
C ILE E 327 -9.76 26.13 1.25
N ILE E 328 -9.58 25.64 2.46
CA ILE E 328 -9.84 26.45 3.64
C ILE E 328 -8.95 27.68 3.63
N TYR E 329 -7.66 27.46 3.43
CA TYR E 329 -6.68 28.53 3.39
C TYR E 329 -6.98 29.53 2.28
N GLN E 330 -7.40 29.03 1.13
CA GLN E 330 -7.70 29.91 0.00
C GLN E 330 -8.77 30.92 0.40
N TYR E 331 -9.83 30.41 1.02
CA TYR E 331 -10.93 31.26 1.45
C TYR E 331 -10.50 32.24 2.54
N MET E 332 -9.52 31.82 3.36
CA MET E 332 -9.03 32.70 4.42
C MET E 332 -8.42 33.92 3.79
N GLU E 333 -7.71 33.71 2.69
CA GLU E 333 -7.06 34.80 1.99
C GLU E 333 -8.06 35.70 1.26
N GLU E 334 -9.19 35.12 0.86
CA GLU E 334 -10.22 35.89 0.18
C GLU E 334 -10.71 36.92 1.20
N ILE E 335 -10.93 36.45 2.43
CA ILE E 335 -11.38 37.30 3.52
C ILE E 335 -10.30 38.33 3.86
N TYR E 336 -9.06 37.88 3.92
CA TYR E 336 -7.95 38.76 4.25
C TYR E 336 -7.85 39.97 3.33
N HIS E 337 -7.99 39.73 2.03
CA HIS E 337 -7.90 40.79 1.05
C HIS E 337 -9.04 41.82 1.06
N ARG E 338 -10.19 41.44 1.61
CA ARG E 338 -11.33 42.35 1.65
C ARG E 338 -11.47 43.12 2.96
N ILE E 339 -10.59 42.87 3.92
CA ILE E 339 -10.67 43.55 5.21
C ILE E 339 -10.45 45.07 5.17
N PRO E 340 -11.49 45.85 5.51
CA PRO E 340 -11.37 47.31 5.52
C PRO E 340 -10.48 47.78 6.69
N ASP E 341 -9.53 48.67 6.42
CA ASP E 341 -8.66 49.18 7.47
C ASP E 341 -9.46 49.81 8.58
N SER E 342 -10.49 50.56 8.22
CA SER E 342 -11.30 51.25 9.21
C SER E 342 -12.24 50.33 9.98
N ASN E 343 -12.34 49.08 9.55
CA ASN E 343 -13.21 48.13 10.21
C ASN E 343 -12.74 47.88 11.63
N PRO E 344 -13.62 48.07 12.61
CA PRO E 344 -13.34 47.87 14.03
C PRO E 344 -12.78 46.51 14.45
N SER E 345 -12.80 45.55 13.53
CA SER E 345 -12.29 44.24 13.87
C SER E 345 -11.12 43.82 13.00
N SER E 346 -10.67 44.71 12.12
CA SER E 346 -9.58 44.37 11.21
C SER E 346 -8.39 43.70 11.90
N SER E 347 -7.98 44.24 13.04
CA SER E 347 -6.84 43.68 13.77
C SER E 347 -7.14 42.26 14.23
N LYS E 348 -8.28 42.08 14.88
CA LYS E 348 -8.68 40.76 15.36
C LYS E 348 -8.82 39.76 14.20
N THR E 349 -9.42 40.20 13.10
CA THR E 349 -9.61 39.33 11.94
C THR E 349 -8.26 38.97 11.33
N ARG E 350 -7.39 39.96 11.18
CA ARG E 350 -6.08 39.69 10.61
C ARG E 350 -5.29 38.75 11.54
N GLN E 351 -5.40 38.99 12.84
CA GLN E 351 -4.71 38.19 13.84
C GLN E 351 -5.02 36.71 13.70
N ILE E 352 -6.31 36.37 13.70
CA ILE E 352 -6.73 34.99 13.60
C ILE E 352 -6.38 34.35 12.25
N ILE E 353 -6.44 35.13 11.18
CA ILE E 353 -6.11 34.59 9.87
C ILE E 353 -4.63 34.28 9.84
N SER E 354 -3.84 35.15 10.47
CA SER E 354 -2.41 34.97 10.52
C SER E 354 -2.07 33.70 11.32
N THR E 355 -2.87 33.43 12.34
CA THR E 355 -2.68 32.25 13.18
C THR E 355 -3.03 30.96 12.43
N ILE E 356 -4.15 30.97 11.71
CA ILE E 356 -4.55 29.78 10.96
C ILE E 356 -3.50 29.47 9.89
N ARG E 357 -2.96 30.52 9.29
CA ARG E 357 -1.92 30.40 8.27
C ARG E 357 -0.69 29.71 8.81
N THR E 358 -0.28 30.14 10.01
CA THR E 358 0.94 29.69 10.67
C THR E 358 0.92 28.33 11.39
N GLN E 359 -0.25 27.85 11.80
CA GLN E 359 -0.29 26.56 12.49
C GLN E 359 -0.02 25.42 11.52
N LEU F 26 2.71 30.25 17.44
CA LEU F 26 3.82 30.51 18.36
C LEU F 26 4.68 31.68 17.88
N SER F 27 5.75 31.37 17.17
CA SER F 27 6.70 32.36 16.65
C SER F 27 6.06 33.51 15.87
N SER F 28 6.48 34.73 16.20
CA SER F 28 5.96 35.93 15.53
C SER F 28 6.72 36.18 14.24
N SER F 29 7.91 35.59 14.13
CA SER F 29 8.70 35.77 12.91
C SER F 29 8.26 34.71 11.89
N LEU F 30 7.71 33.60 12.39
CA LEU F 30 7.23 32.56 11.49
C LEU F 30 5.95 33.10 10.87
N LYS F 31 5.14 33.79 11.68
CA LYS F 31 3.90 34.38 11.20
C LYS F 31 4.24 35.38 10.10
N THR F 32 5.30 36.13 10.30
CA THR F 32 5.73 37.12 9.31
C THR F 32 6.17 36.45 8.02
N CYS F 33 6.81 35.28 8.12
CA CYS F 33 7.27 34.54 6.94
C CYS F 33 6.08 34.08 6.11
N TYR F 34 5.00 33.71 6.78
CA TYR F 34 3.79 33.26 6.11
C TYR F 34 3.02 34.43 5.51
N LYS F 35 3.22 35.62 6.08
CA LYS F 35 2.59 36.82 5.56
C LYS F 35 3.31 37.13 4.25
N TYR F 36 4.62 36.92 4.24
CA TYR F 36 5.43 37.17 3.06
C TYR F 36 5.18 36.11 1.98
N LEU F 37 4.86 34.90 2.42
CA LEU F 37 4.58 33.81 1.48
C LEU F 37 3.32 34.14 0.71
N ASN F 38 2.28 34.55 1.43
CA ASN F 38 1.00 34.90 0.82
C ASN F 38 1.07 36.16 -0.03
N GLN F 39 2.10 36.97 0.19
CA GLN F 39 2.27 38.19 -0.58
C GLN F 39 2.96 37.90 -1.91
N THR F 40 4.08 37.18 -1.86
CA THR F 40 4.86 36.84 -3.05
C THR F 40 4.26 35.71 -3.90
N SER F 41 3.48 34.84 -3.26
CA SER F 41 2.84 33.72 -3.95
C SER F 41 1.33 33.81 -3.77
N ARG F 42 0.72 34.77 -4.47
CA ARG F 42 -0.71 34.99 -4.38
C ARG F 42 -1.58 33.75 -4.54
N SER F 43 -1.17 32.83 -5.41
CA SER F 43 -1.98 31.64 -5.64
C SER F 43 -1.51 30.40 -4.89
N PHE F 44 -0.29 29.97 -5.20
CA PHE F 44 0.29 28.76 -4.61
C PHE F 44 0.49 28.71 -3.08
N ALA F 45 0.44 29.84 -2.40
CA ALA F 45 0.66 29.84 -0.96
C ALA F 45 -0.22 28.85 -0.23
N ALA F 46 -1.43 28.64 -0.72
CA ALA F 46 -2.35 27.72 -0.06
C ALA F 46 -1.93 26.25 -0.18
N VAL F 47 -1.28 25.91 -1.28
CA VAL F 47 -0.85 24.55 -1.49
C VAL F 47 0.37 24.24 -0.63
N ILE F 48 1.30 25.18 -0.57
CA ILE F 48 2.50 25.01 0.24
C ILE F 48 2.09 24.83 1.70
N GLN F 49 1.08 25.58 2.13
CA GLN F 49 0.60 25.51 3.50
C GLN F 49 -0.13 24.20 3.80
N ALA F 50 -0.57 23.50 2.76
CA ALA F 50 -1.27 22.24 2.95
C ALA F 50 -0.27 21.08 3.15
N LEU F 51 1.01 21.33 2.88
CA LEU F 51 2.02 20.30 3.05
C LEU F 51 2.02 19.71 4.45
N ASP F 52 2.24 18.40 4.53
CA ASP F 52 2.26 17.69 5.80
C ASP F 52 3.51 17.96 6.63
N GLY F 53 3.36 17.82 7.94
CA GLY F 53 4.45 17.99 8.89
C GLY F 53 5.54 19.01 8.64
N GLU F 54 6.79 18.55 8.74
CA GLU F 54 7.95 19.43 8.59
C GLU F 54 8.17 20.05 7.22
N MET F 55 7.47 19.57 6.19
CA MET F 55 7.66 20.13 4.86
C MET F 55 7.04 21.52 4.74
N ARG F 56 6.00 21.76 5.53
CA ARG F 56 5.28 23.02 5.54
C ARG F 56 6.25 24.21 5.66
N ASN F 57 6.94 24.32 6.80
CA ASN F 57 7.89 25.40 7.02
C ASN F 57 9.07 25.31 6.06
N ALA F 58 9.57 24.11 5.84
CA ALA F 58 10.71 23.91 4.96
C ALA F 58 10.49 24.56 3.58
N VAL F 59 9.39 24.20 2.92
CA VAL F 59 9.08 24.74 1.60
C VAL F 59 8.73 26.22 1.68
N CYS F 60 8.05 26.62 2.75
CA CYS F 60 7.68 28.01 2.91
C CYS F 60 8.92 28.91 2.92
N ILE F 61 9.88 28.57 3.77
CA ILE F 61 11.13 29.33 3.89
C ILE F 61 11.90 29.23 2.60
N PHE F 62 12.05 28.00 2.11
CA PHE F 62 12.77 27.74 0.87
C PHE F 62 12.21 28.62 -0.26
N TYR F 63 10.90 28.80 -0.28
CA TYR F 63 10.29 29.62 -1.31
C TYR F 63 10.72 31.06 -1.11
N LEU F 64 10.70 31.52 0.14
CA LEU F 64 11.09 32.89 0.45
C LEU F 64 12.55 33.23 0.16
N VAL F 65 13.48 32.34 0.48
CA VAL F 65 14.88 32.65 0.22
C VAL F 65 15.12 32.67 -1.29
N LEU F 66 14.35 31.85 -2.01
CA LEU F 66 14.47 31.77 -3.46
C LEU F 66 13.90 33.01 -4.12
N ARG F 67 12.88 33.59 -3.50
CA ARG F 67 12.28 34.80 -4.01
C ARG F 67 13.32 35.90 -3.86
N ALA F 68 13.94 35.94 -2.67
CA ALA F 68 14.96 36.92 -2.37
C ALA F 68 16.07 36.84 -3.41
N LEU F 69 16.70 35.67 -3.51
CA LEU F 69 17.77 35.48 -4.47
C LEU F 69 17.36 35.91 -5.88
N ASP F 70 16.17 35.50 -6.32
CA ASP F 70 15.72 35.86 -7.65
C ASP F 70 15.46 37.36 -7.77
N THR F 71 15.01 37.98 -6.69
CA THR F 71 14.74 39.41 -6.68
C THR F 71 16.05 40.14 -6.95
N LEU F 72 17.13 39.63 -6.38
CA LEU F 72 18.44 40.22 -6.56
C LEU F 72 18.85 40.09 -8.02
N GLU F 73 18.71 38.89 -8.58
CA GLU F 73 19.09 38.64 -9.96
C GLU F 73 18.26 39.45 -10.95
N ASP F 74 17.02 39.74 -10.56
CA ASP F 74 16.10 40.50 -11.42
C ASP F 74 16.40 41.99 -11.45
N ASP F 75 16.77 42.55 -10.29
CA ASP F 75 17.06 43.98 -10.15
C ASP F 75 18.16 44.48 -11.08
N MET F 76 17.83 45.51 -11.86
CA MET F 76 18.77 46.07 -12.83
C MET F 76 19.46 47.35 -12.36
N THR F 77 18.99 47.93 -11.27
CA THR F 77 19.62 49.14 -10.75
C THR F 77 20.89 48.72 -10.02
N ILE F 78 21.13 47.41 -9.99
CA ILE F 78 22.29 46.82 -9.34
C ILE F 78 23.38 46.50 -10.37
N SER F 79 24.55 47.11 -10.18
CA SER F 79 25.66 46.88 -11.10
C SER F 79 26.05 45.40 -11.15
N VAL F 80 26.59 44.98 -12.28
CA VAL F 80 26.99 43.60 -12.46
C VAL F 80 27.98 43.16 -11.38
N GLU F 81 29.08 43.90 -11.26
CA GLU F 81 30.14 43.60 -10.30
C GLU F 81 29.72 43.72 -8.83
N LYS F 82 28.52 44.22 -8.60
CA LYS F 82 28.00 44.36 -7.25
C LYS F 82 27.05 43.20 -7.00
N LYS F 83 26.44 42.73 -8.09
CA LYS F 83 25.49 41.63 -8.04
C LYS F 83 26.18 40.27 -7.96
N VAL F 84 27.12 40.04 -8.87
CA VAL F 84 27.84 38.77 -8.91
C VAL F 84 28.28 38.30 -7.53
N PRO F 85 28.88 39.21 -6.73
CA PRO F 85 29.32 38.80 -5.38
C PRO F 85 28.14 38.46 -4.47
N LEU F 86 27.01 39.13 -4.68
CA LEU F 86 25.83 38.88 -3.84
C LEU F 86 25.24 37.51 -4.20
N LEU F 87 25.19 37.22 -5.48
CA LEU F 87 24.66 35.93 -5.94
C LEU F 87 25.55 34.80 -5.44
N HIS F 88 26.86 34.97 -5.60
CA HIS F 88 27.81 33.94 -5.16
C HIS F 88 27.78 33.66 -3.67
N ASN F 89 27.57 34.70 -2.87
CA ASN F 89 27.57 34.53 -1.42
C ASN F 89 26.19 34.50 -0.77
N PHE F 90 25.15 34.64 -1.60
CA PHE F 90 23.78 34.64 -1.08
C PHE F 90 23.53 33.52 -0.08
N HIS F 91 24.01 32.32 -0.42
CA HIS F 91 23.83 31.15 0.42
C HIS F 91 24.42 31.30 1.83
N SER F 92 25.56 31.98 1.94
CA SER F 92 26.18 32.16 3.25
C SER F 92 25.43 33.17 4.12
N PHE F 93 24.68 34.08 3.47
CA PHE F 93 23.91 35.07 4.21
C PHE F 93 22.88 34.44 5.15
N LEU F 94 22.43 33.23 4.81
CA LEU F 94 21.45 32.53 5.63
C LEU F 94 21.99 32.28 7.04
N TYR F 95 23.31 32.31 7.18
CA TYR F 95 23.95 32.07 8.47
C TYR F 95 24.49 33.31 9.17
N GLN F 96 24.15 34.50 8.64
CA GLN F 96 24.58 35.77 9.23
C GLN F 96 23.34 36.54 9.70
N PRO F 97 22.94 36.35 10.97
CA PRO F 97 21.78 36.98 11.61
C PRO F 97 21.39 38.39 11.19
N ASP F 98 22.38 39.21 10.85
CA ASP F 98 22.08 40.59 10.48
C ASP F 98 22.13 40.93 9.00
N TRP F 99 22.29 39.93 8.13
CA TRP F 99 22.33 40.26 6.71
C TRP F 99 20.98 40.64 6.15
N ARG F 100 20.97 41.70 5.36
CA ARG F 100 19.77 42.21 4.69
C ARG F 100 20.25 43.07 3.52
N PHE F 101 19.34 43.50 2.66
CA PHE F 101 19.69 44.32 1.51
C PHE F 101 18.60 45.38 1.34
N MET F 102 18.97 46.63 1.53
CA MET F 102 18.01 47.73 1.45
C MET F 102 18.04 48.60 0.20
N GLU F 103 18.85 48.22 -0.79
CA GLU F 103 18.95 49.04 -1.98
C GLU F 103 18.29 48.47 -3.23
N SER F 104 17.45 47.46 -3.04
CA SER F 104 16.73 46.87 -4.16
C SER F 104 15.41 47.63 -4.27
N LYS F 105 15.01 47.95 -5.49
CA LYS F 105 13.76 48.66 -5.68
C LYS F 105 12.81 47.86 -6.56
N GLU F 106 12.75 46.57 -6.25
CA GLU F 106 11.88 45.62 -6.95
C GLU F 106 10.62 45.46 -6.10
N LYS F 107 9.58 44.84 -6.66
CA LYS F 107 8.33 44.68 -5.94
C LYS F 107 8.36 43.81 -4.67
N ASP F 108 9.20 42.77 -4.66
CA ASP F 108 9.27 41.87 -3.50
C ASP F 108 10.39 42.25 -2.54
N ARG F 109 10.94 43.44 -2.69
CA ARG F 109 12.05 43.88 -1.84
C ARG F 109 11.85 43.65 -0.35
N GLN F 110 10.62 43.42 0.07
CA GLN F 110 10.33 43.20 1.49
C GLN F 110 11.06 41.99 2.07
N VAL F 111 11.34 40.99 1.23
CA VAL F 111 12.04 39.79 1.68
C VAL F 111 13.54 40.02 1.76
N LEU F 112 14.00 41.10 1.14
CA LEU F 112 15.42 41.45 1.17
C LEU F 112 15.67 42.43 2.31
N GLU F 113 14.71 43.30 2.56
CA GLU F 113 14.85 44.28 3.61
C GLU F 113 14.57 43.65 4.97
N ASP F 114 13.85 42.53 4.97
CA ASP F 114 13.52 41.83 6.20
C ASP F 114 14.06 40.39 6.16
N PHE F 115 15.17 40.21 5.47
CA PHE F 115 15.80 38.90 5.34
C PHE F 115 16.11 38.25 6.68
N PRO F 116 16.54 39.06 7.68
CA PRO F 116 16.86 38.49 9.00
C PRO F 116 15.71 37.70 9.62
N THR F 117 14.48 38.10 9.33
CA THR F 117 13.32 37.38 9.87
C THR F 117 13.22 36.00 9.22
N ILE F 118 13.50 35.99 7.92
CA ILE F 118 13.45 34.76 7.13
C ILE F 118 14.65 33.85 7.46
N SER F 119 15.84 34.46 7.59
CA SER F 119 17.04 33.70 7.90
C SER F 119 16.95 33.12 9.30
N LEU F 120 16.32 33.86 10.20
CA LEU F 120 16.18 33.39 11.56
C LEU F 120 15.33 32.13 11.56
N GLU F 121 14.27 32.15 10.76
CA GLU F 121 13.38 30.99 10.67
C GLU F 121 14.02 29.88 9.84
N PHE F 122 14.91 30.25 8.93
CA PHE F 122 15.62 29.26 8.13
C PHE F 122 16.48 28.50 9.13
N ARG F 123 17.26 29.24 9.92
CA ARG F 123 18.15 28.67 10.90
C ARG F 123 17.40 27.90 11.99
N ASN F 124 16.07 27.87 11.86
CA ASN F 124 15.26 27.14 12.83
C ASN F 124 14.85 25.78 12.29
N LEU F 125 15.03 25.56 11.00
CA LEU F 125 14.68 24.29 10.37
C LEU F 125 15.69 23.23 10.75
N ALA F 126 15.27 21.97 10.79
CA ALA F 126 16.18 20.87 11.12
C ALA F 126 17.38 21.02 10.18
N GLU F 127 18.56 20.65 10.66
CA GLU F 127 19.77 20.77 9.86
C GLU F 127 19.75 20.05 8.51
N LYS F 128 19.13 18.87 8.47
CA LYS F 128 19.05 18.11 7.22
C LYS F 128 18.38 18.93 6.11
N TYR F 129 17.45 19.81 6.48
CA TYR F 129 16.76 20.65 5.50
C TYR F 129 17.62 21.86 5.13
N GLN F 130 18.26 22.44 6.13
CA GLN F 130 19.12 23.59 5.91
C GLN F 130 20.22 23.27 4.90
N THR F 131 20.82 22.10 5.09
CA THR F 131 21.90 21.64 4.21
C THR F 131 21.49 21.71 2.74
N VAL F 132 20.37 21.09 2.41
CA VAL F 132 19.86 21.06 1.04
C VAL F 132 19.61 22.47 0.51
N ILE F 133 18.73 23.20 1.17
CA ILE F 133 18.42 24.56 0.75
C ILE F 133 19.69 25.36 0.53
N ALA F 134 20.60 25.29 1.50
CA ALA F 134 21.86 26.02 1.40
C ALA F 134 22.63 25.61 0.15
N ASP F 135 22.82 24.31 -0.03
CA ASP F 135 23.55 23.80 -1.19
C ASP F 135 22.92 24.27 -2.48
N ILE F 136 21.60 24.24 -2.54
CA ILE F 136 20.88 24.65 -3.74
C ILE F 136 21.07 26.14 -4.05
N CYS F 137 20.91 26.98 -3.05
CA CYS F 137 21.09 28.41 -3.24
C CYS F 137 22.51 28.70 -3.74
N ARG F 138 23.48 27.93 -3.23
CA ARG F 138 24.87 28.10 -3.62
C ARG F 138 25.10 27.81 -5.10
N ARG F 139 24.69 26.63 -5.54
CA ARG F 139 24.85 26.22 -6.93
C ARG F 139 24.08 27.15 -7.84
N MET F 140 22.90 27.55 -7.37
CA MET F 140 22.03 28.43 -8.13
C MET F 140 22.67 29.81 -8.29
N GLY F 141 23.30 30.29 -7.22
CA GLY F 141 23.94 31.59 -7.28
C GLY F 141 25.00 31.64 -8.37
N ILE F 142 25.87 30.65 -8.36
CA ILE F 142 26.92 30.57 -9.36
C ILE F 142 26.29 30.66 -10.74
N GLY F 143 25.40 29.72 -11.04
CA GLY F 143 24.73 29.69 -12.32
C GLY F 143 24.11 31.00 -12.77
N MET F 144 23.35 31.65 -11.89
CA MET F 144 22.73 32.92 -12.26
C MET F 144 23.77 33.95 -12.67
N ALA F 145 24.82 34.06 -11.87
CA ALA F 145 25.90 35.01 -12.14
C ALA F 145 26.47 34.71 -13.51
N GLU F 146 26.71 33.43 -13.76
CA GLU F 146 27.26 32.97 -15.02
C GLU F 146 26.43 33.40 -16.23
N PHE F 147 25.21 33.89 -16.00
CA PHE F 147 24.36 34.33 -17.10
C PHE F 147 24.02 35.81 -17.11
N LEU F 148 24.48 36.55 -16.11
CA LEU F 148 24.18 37.97 -16.03
C LEU F 148 24.62 38.76 -17.24
N ASP F 149 25.64 38.26 -17.93
CA ASP F 149 26.18 38.93 -19.10
C ASP F 149 25.68 38.35 -20.43
N LYS F 150 25.96 37.07 -20.65
CA LYS F 150 25.56 36.41 -21.89
C LYS F 150 24.06 36.16 -22.01
N HIS F 151 23.62 35.91 -23.23
CA HIS F 151 22.23 35.60 -23.52
C HIS F 151 22.16 34.10 -23.75
N VAL F 152 20.98 33.58 -24.05
CA VAL F 152 20.85 32.15 -24.29
C VAL F 152 21.14 31.86 -25.75
N THR F 153 22.27 31.21 -26.01
CA THR F 153 22.67 30.88 -27.37
C THR F 153 22.04 29.61 -27.89
N SER F 154 22.61 28.47 -27.49
CA SER F 154 22.12 27.16 -27.92
C SER F 154 21.00 26.62 -27.05
N GLU F 155 20.27 25.65 -27.61
CA GLU F 155 19.18 25.03 -26.87
C GLU F 155 19.76 24.38 -25.63
N GLN F 156 20.99 23.86 -25.75
CA GLN F 156 21.65 23.22 -24.62
C GLN F 156 21.86 24.23 -23.51
N GLU F 157 22.24 25.44 -23.88
CA GLU F 157 22.46 26.52 -22.92
C GLU F 157 21.12 26.86 -22.27
N TRP F 158 20.04 26.67 -23.01
CA TRP F 158 18.71 26.95 -22.49
C TRP F 158 18.45 26.00 -21.34
N ASP F 159 18.92 24.77 -21.48
CA ASP F 159 18.76 23.78 -20.43
C ASP F 159 19.63 24.12 -19.24
N LYS F 160 20.80 24.68 -19.49
CA LYS F 160 21.67 25.05 -18.39
C LYS F 160 21.04 26.19 -17.63
N TYR F 161 20.64 27.23 -18.34
CA TYR F 161 20.02 28.38 -17.68
C TYR F 161 18.85 27.89 -16.84
N CYS F 162 17.93 27.18 -17.49
CA CYS F 162 16.75 26.64 -16.82
C CYS F 162 17.14 25.77 -15.63
N HIS F 163 18.15 24.93 -15.82
CA HIS F 163 18.63 24.07 -14.74
C HIS F 163 19.04 24.93 -13.56
N TYR F 164 19.65 26.08 -13.86
CA TYR F 164 20.12 27.00 -12.83
C TYR F 164 19.03 27.76 -12.08
N VAL F 165 17.97 28.17 -12.77
CA VAL F 165 16.90 28.92 -12.10
C VAL F 165 15.69 28.11 -11.65
N ALA F 166 15.39 27.00 -12.34
CA ALA F 166 14.24 26.16 -11.99
C ALA F 166 14.61 24.71 -11.65
N GLY F 167 15.45 24.10 -12.49
CA GLY F 167 15.86 22.72 -12.27
C GLY F 167 16.37 22.40 -10.87
N LEU F 168 17.27 23.22 -10.34
CA LEU F 168 17.83 22.99 -9.01
C LEU F 168 16.74 23.06 -7.96
N VAL F 169 15.78 23.95 -8.20
CA VAL F 169 14.66 24.10 -7.29
C VAL F 169 13.95 22.75 -7.14
N GLY F 170 13.71 22.08 -8.27
CA GLY F 170 13.05 20.79 -8.24
C GLY F 170 13.88 19.77 -7.49
N ILE F 171 15.18 19.75 -7.77
CA ILE F 171 16.11 18.84 -7.13
C ILE F 171 16.02 19.10 -5.63
N GLY F 172 16.06 20.38 -5.28
CA GLY F 172 15.99 20.75 -3.87
C GLY F 172 14.74 20.23 -3.20
N LEU F 173 13.59 20.55 -3.78
CA LEU F 173 12.31 20.11 -3.24
C LEU F 173 12.30 18.59 -3.09
N SER F 174 12.79 17.88 -4.09
CA SER F 174 12.80 16.42 -4.03
C SER F 174 13.61 15.91 -2.85
N ARG F 175 14.73 16.57 -2.56
CA ARG F 175 15.58 16.17 -1.45
C ARG F 175 14.92 16.49 -0.12
N LEU F 176 14.12 17.56 -0.09
CA LEU F 176 13.43 17.91 1.15
C LEU F 176 12.37 16.82 1.39
N PHE F 177 11.64 16.47 0.35
CA PHE F 177 10.60 15.44 0.43
C PHE F 177 11.19 14.15 1.00
N SER F 178 12.34 13.74 0.47
CA SER F 178 12.97 12.52 0.98
C SER F 178 13.49 12.73 2.40
N ALA F 179 14.25 13.80 2.60
CA ALA F 179 14.81 14.09 3.92
C ALA F 179 13.74 14.05 5.00
N SER F 180 12.53 14.48 4.65
CA SER F 180 11.42 14.52 5.57
C SER F 180 10.82 13.13 5.77
N GLU F 181 11.16 12.21 4.89
CA GLU F 181 10.67 10.84 4.94
C GLU F 181 9.22 10.66 4.51
N PHE F 182 8.61 11.72 3.99
CA PHE F 182 7.24 11.65 3.52
C PHE F 182 7.24 11.01 2.15
N GLU F 183 8.37 11.11 1.46
CA GLU F 183 8.53 10.50 0.14
C GLU F 183 9.71 9.54 0.22
N ASP F 184 9.69 8.52 -0.62
CA ASP F 184 10.73 7.50 -0.70
C ASP F 184 12.08 8.14 -1.03
N PRO F 185 13.18 7.55 -0.54
CA PRO F 185 14.52 8.08 -0.81
C PRO F 185 14.77 8.24 -2.31
N LEU F 186 14.15 7.37 -3.12
CA LEU F 186 14.29 7.40 -4.56
C LEU F 186 13.84 8.70 -5.18
N VAL F 187 12.81 9.33 -4.62
CA VAL F 187 12.34 10.60 -5.16
C VAL F 187 13.50 11.58 -5.21
N GLY F 188 14.19 11.72 -4.09
CA GLY F 188 15.32 12.63 -4.01
C GLY F 188 16.50 12.22 -4.86
N GLU F 189 16.79 10.93 -4.89
CA GLU F 189 17.92 10.44 -5.66
C GLU F 189 17.82 10.70 -7.17
N ASP F 190 16.61 10.63 -7.71
CA ASP F 190 16.41 10.82 -9.15
C ASP F 190 16.48 12.29 -9.53
N THR F 191 17.69 12.81 -9.63
CA THR F 191 17.88 14.21 -9.95
C THR F 191 17.50 14.62 -11.36
N GLU F 192 17.63 13.72 -12.32
CA GLU F 192 17.31 14.09 -13.69
C GLU F 192 15.82 14.32 -13.92
N ARG F 193 15.00 13.52 -13.26
CA ARG F 193 13.57 13.69 -13.40
C ARG F 193 13.17 14.95 -12.65
N ALA F 194 13.81 15.18 -11.51
CA ALA F 194 13.53 16.37 -10.73
C ALA F 194 13.87 17.60 -11.55
N ASN F 195 14.99 17.53 -12.25
CA ASN F 195 15.45 18.64 -13.07
C ASN F 195 14.45 18.97 -14.18
N SER F 196 13.90 17.93 -14.80
CA SER F 196 12.93 18.12 -15.87
C SER F 196 11.69 18.82 -15.36
N MET F 197 11.22 18.41 -14.17
CA MET F 197 10.03 19.02 -13.57
C MET F 197 10.26 20.51 -13.57
N GLY F 198 11.48 20.88 -13.19
CA GLY F 198 11.87 22.27 -13.14
C GLY F 198 11.92 22.88 -14.53
N LEU F 199 12.61 22.20 -15.44
CA LEU F 199 12.73 22.70 -16.80
C LEU F 199 11.42 22.88 -17.56
N PHE F 200 10.49 21.94 -17.42
CA PHE F 200 9.21 22.05 -18.11
C PHE F 200 8.48 23.31 -17.65
N LEU F 201 8.68 23.69 -16.40
CA LEU F 201 8.03 24.86 -15.84
C LEU F 201 8.60 26.19 -16.33
N GLN F 202 9.93 26.29 -16.36
CA GLN F 202 10.59 27.53 -16.79
C GLN F 202 10.44 27.75 -18.30
N LYS F 203 10.75 26.72 -19.09
CA LYS F 203 10.63 26.83 -20.53
C LYS F 203 9.24 27.29 -20.93
N THR F 204 8.23 26.86 -20.18
CA THR F 204 6.85 27.22 -20.46
C THR F 204 6.67 28.70 -20.14
N ASN F 205 7.11 29.10 -18.95
CA ASN F 205 7.01 30.49 -18.53
C ASN F 205 7.77 31.43 -19.46
N ILE F 206 9.01 31.07 -19.79
CA ILE F 206 9.81 31.89 -20.69
C ILE F 206 9.07 32.07 -22.02
N ILE F 207 8.70 30.96 -22.63
CA ILE F 207 7.98 30.99 -23.90
C ILE F 207 6.75 31.88 -23.86
N ARG F 208 5.99 31.83 -22.76
CA ARG F 208 4.79 32.64 -22.66
C ARG F 208 5.01 34.09 -22.24
N ASP F 209 6.15 34.38 -21.62
CA ASP F 209 6.43 35.74 -21.20
C ASP F 209 7.23 36.50 -22.23
N TYR F 210 7.23 36.01 -23.47
CA TYR F 210 7.98 36.66 -24.53
C TYR F 210 7.85 38.17 -24.57
N LEU F 211 6.64 38.66 -24.81
CA LEU F 211 6.38 40.09 -24.89
C LEU F 211 6.80 40.81 -23.62
N GLU F 212 6.14 40.47 -22.52
CA GLU F 212 6.44 41.08 -21.23
C GLU F 212 7.93 41.21 -20.99
N ASP F 213 8.67 40.16 -21.30
CA ASP F 213 10.12 40.14 -21.12
C ASP F 213 10.83 41.07 -22.09
N GLN F 214 10.28 41.22 -23.29
CA GLN F 214 10.89 42.07 -24.30
C GLN F 214 10.71 43.53 -23.92
N GLN F 215 9.53 43.89 -23.42
CA GLN F 215 9.23 45.24 -23.00
C GLN F 215 10.14 45.59 -21.82
N GLY F 216 10.67 44.56 -21.17
CA GLY F 216 11.55 44.75 -20.04
C GLY F 216 13.01 44.60 -20.44
N GLY F 217 13.25 44.49 -21.73
CA GLY F 217 14.61 44.35 -22.21
C GLY F 217 15.31 43.08 -21.77
N ARG F 218 14.53 42.03 -21.52
CA ARG F 218 15.10 40.75 -21.12
C ARG F 218 14.85 39.76 -22.24
N GLU F 219 15.89 39.00 -22.60
CA GLU F 219 15.78 38.01 -23.66
C GLU F 219 16.17 36.62 -23.18
N PHE F 220 15.23 35.69 -23.26
CA PHE F 220 15.49 34.32 -22.81
C PHE F 220 15.38 33.21 -23.86
N TRP F 221 14.62 33.46 -24.92
CA TRP F 221 14.50 32.45 -25.98
C TRP F 221 15.91 32.18 -26.52
N PRO F 222 16.25 30.91 -26.80
CA PRO F 222 17.57 30.57 -27.33
C PRO F 222 17.83 31.16 -28.71
N GLN F 223 18.93 31.90 -28.84
CA GLN F 223 19.27 32.55 -30.11
C GLN F 223 19.46 31.59 -31.28
N GLU F 224 20.12 30.46 -31.04
CA GLU F 224 20.33 29.48 -32.10
C GLU F 224 19.00 29.06 -32.69
N VAL F 225 17.91 29.45 -32.03
CA VAL F 225 16.57 29.10 -32.48
C VAL F 225 15.80 30.25 -33.12
N TRP F 226 15.78 31.41 -32.47
CA TRP F 226 15.05 32.55 -33.04
C TRP F 226 15.88 33.22 -34.14
N SER F 227 17.18 32.94 -34.14
CA SER F 227 18.08 33.49 -35.14
C SER F 227 17.68 33.02 -36.54
N ARG F 228 17.26 31.76 -36.63
CA ARG F 228 16.86 31.16 -37.89
C ARG F 228 15.58 31.77 -38.43
N TYR F 229 15.00 32.70 -37.68
CA TYR F 229 13.76 33.34 -38.10
C TYR F 229 13.94 34.81 -38.43
N VAL F 230 14.24 35.61 -37.42
CA VAL F 230 14.44 37.04 -37.61
C VAL F 230 15.86 37.42 -37.24
N LYS F 231 16.25 38.65 -37.56
CA LYS F 231 17.60 39.11 -37.28
C LYS F 231 17.87 39.41 -35.80
N LYS F 232 16.84 39.83 -35.09
CA LYS F 232 16.98 40.15 -33.68
C LYS F 232 15.70 39.79 -32.93
N LEU F 233 15.84 38.98 -31.88
CA LEU F 233 14.72 38.52 -31.07
C LEU F 233 13.55 39.50 -30.94
N GLY F 234 13.86 40.80 -30.94
CA GLY F 234 12.81 41.79 -30.82
C GLY F 234 11.90 41.93 -32.02
N ASP F 235 12.32 41.36 -33.15
CA ASP F 235 11.53 41.44 -34.38
C ASP F 235 10.14 40.82 -34.25
N PHE F 236 10.00 39.79 -33.43
CA PHE F 236 8.72 39.13 -33.26
C PHE F 236 7.64 40.08 -32.73
N ALA F 237 8.02 41.32 -32.49
CA ALA F 237 7.09 42.31 -32.00
C ALA F 237 6.45 43.04 -33.17
N LEU F 238 7.17 43.11 -34.28
CA LEU F 238 6.66 43.79 -35.47
C LEU F 238 5.62 42.86 -36.08
N PRO F 239 4.39 43.34 -36.22
CA PRO F 239 3.28 42.57 -36.78
C PRO F 239 3.51 42.04 -38.17
N GLU F 240 4.65 42.39 -38.75
CA GLU F 240 4.98 41.95 -40.10
C GLU F 240 5.60 40.57 -40.04
N ASN F 241 6.25 40.27 -38.90
CA ASN F 241 6.91 39.00 -38.68
C ASN F 241 6.03 37.95 -37.99
N ILE F 242 4.86 38.38 -37.51
CA ILE F 242 3.94 37.49 -36.80
C ILE F 242 4.00 36.02 -37.19
N ASP F 243 4.09 35.73 -38.48
CA ASP F 243 4.15 34.33 -38.95
C ASP F 243 5.48 33.66 -38.63
N LEU F 244 6.58 34.39 -38.78
CA LEU F 244 7.90 33.85 -38.45
C LEU F 244 7.93 33.63 -36.94
N ALA F 245 7.18 34.46 -36.23
CA ALA F 245 7.09 34.40 -34.78
C ALA F 245 6.36 33.14 -34.32
N VAL F 246 5.19 32.92 -34.90
CA VAL F 246 4.37 31.75 -34.58
C VAL F 246 5.10 30.45 -34.88
N GLN F 247 6.05 30.49 -35.81
CA GLN F 247 6.83 29.31 -36.17
C GLN F 247 7.94 29.05 -35.16
N CYS F 248 8.58 30.11 -34.70
CA CYS F 248 9.65 29.97 -33.70
C CYS F 248 8.97 29.44 -32.44
N LEU F 249 7.86 30.07 -32.10
CA LEU F 249 7.05 29.71 -30.94
C LEU F 249 6.79 28.21 -30.91
N ASN F 250 6.28 27.69 -32.01
CA ASN F 250 5.97 26.26 -32.12
C ASN F 250 7.17 25.34 -31.96
N GLU F 251 8.31 25.72 -32.53
CA GLU F 251 9.51 24.91 -32.42
C GLU F 251 9.99 24.87 -30.98
N LEU F 252 9.62 25.90 -30.21
CA LEU F 252 10.02 25.97 -28.81
C LEU F 252 9.10 25.20 -27.90
N ILE F 253 7.80 25.25 -28.18
CA ILE F 253 6.84 24.51 -27.38
C ILE F 253 7.15 23.03 -27.59
N THR F 254 7.42 22.67 -28.84
CA THR F 254 7.76 21.30 -29.20
C THR F 254 8.94 20.83 -28.35
N ASN F 255 9.87 21.76 -28.11
CA ASN F 255 11.05 21.49 -27.32
C ASN F 255 10.65 21.14 -25.88
N ALA F 256 9.80 21.99 -25.31
CA ALA F 256 9.32 21.84 -23.94
C ALA F 256 8.55 20.54 -23.68
N LEU F 257 7.73 20.13 -24.65
CA LEU F 257 6.94 18.92 -24.53
C LEU F 257 7.79 17.67 -24.28
N HIS F 258 9.02 17.66 -24.79
CA HIS F 258 9.88 16.50 -24.59
C HIS F 258 10.08 16.17 -23.11
N HIS F 259 9.72 17.11 -22.25
CA HIS F 259 9.86 16.92 -20.81
C HIS F 259 8.69 16.20 -20.14
N ILE F 260 7.54 16.19 -20.81
CA ILE F 260 6.35 15.55 -20.25
C ILE F 260 6.56 14.10 -19.81
N PRO F 261 7.32 13.30 -20.59
CA PRO F 261 7.50 11.91 -20.13
C PRO F 261 8.15 11.86 -18.74
N ASP F 262 9.16 12.70 -18.51
CA ASP F 262 9.82 12.70 -17.20
C ASP F 262 8.87 13.22 -16.13
N VAL F 263 8.05 14.20 -16.48
CA VAL F 263 7.09 14.78 -15.55
C VAL F 263 6.15 13.70 -15.07
N ILE F 264 5.58 12.96 -16.02
CA ILE F 264 4.66 11.88 -15.69
C ILE F 264 5.38 10.87 -14.80
N THR F 265 6.63 10.55 -15.14
CA THR F 265 7.39 9.59 -14.35
C THR F 265 7.67 10.13 -12.94
N TYR F 266 8.01 11.41 -12.85
CA TYR F 266 8.30 11.99 -11.55
C TYR F 266 7.05 11.92 -10.66
N LEU F 267 5.93 12.37 -11.20
CA LEU F 267 4.67 12.38 -10.46
C LEU F 267 4.19 11.00 -10.04
N SER F 268 4.41 10.02 -10.90
CA SER F 268 3.98 8.64 -10.63
C SER F 268 4.66 8.02 -9.42
N ARG F 269 5.84 8.50 -9.10
CA ARG F 269 6.60 7.96 -7.98
C ARG F 269 6.15 8.45 -6.62
N LEU F 270 5.50 9.62 -6.57
CA LEU F 270 5.03 10.21 -5.30
C LEU F 270 3.92 9.44 -4.58
N ARG F 271 4.04 9.27 -3.27
CA ARG F 271 3.01 8.55 -2.52
C ARG F 271 2.35 9.38 -1.42
N ASN F 272 2.81 10.62 -1.24
CA ASN F 272 2.24 11.52 -0.25
C ASN F 272 1.25 12.43 -0.97
N GLN F 273 0.03 12.53 -0.45
CA GLN F 273 -1.01 13.36 -1.07
C GLN F 273 -0.68 14.85 -1.16
N SER F 274 -0.15 15.41 -0.08
CA SER F 274 0.18 16.83 -0.06
C SER F 274 1.32 17.18 -1.02
N VAL F 275 2.31 16.31 -1.10
CA VAL F 275 3.44 16.52 -2.00
C VAL F 275 2.96 16.41 -3.44
N PHE F 276 2.02 15.50 -3.68
CA PHE F 276 1.49 15.29 -5.02
C PHE F 276 0.78 16.55 -5.51
N ASN F 277 -0.16 17.03 -4.70
CA ASN F 277 -0.93 18.23 -5.03
C ASN F 277 0.05 19.36 -5.33
N PHE F 278 1.09 19.46 -4.49
CA PHE F 278 2.10 20.49 -4.61
C PHE F 278 2.91 20.40 -5.91
N CYS F 279 3.19 19.18 -6.36
CA CYS F 279 3.96 19.00 -7.58
C CYS F 279 3.15 18.96 -8.86
N ALA F 280 1.96 18.35 -8.80
CA ALA F 280 1.12 18.21 -9.99
C ALA F 280 0.50 19.49 -10.50
N ILE F 281 -0.12 20.24 -9.60
CA ILE F 281 -0.79 21.46 -9.97
C ILE F 281 0.01 22.37 -10.90
N PRO F 282 1.24 22.75 -10.53
CA PRO F 282 2.03 23.61 -11.41
C PRO F 282 2.27 22.97 -12.78
N GLN F 283 2.52 21.66 -12.80
CA GLN F 283 2.79 20.96 -14.04
C GLN F 283 1.58 20.93 -14.96
N VAL F 284 0.40 20.73 -14.38
CA VAL F 284 -0.84 20.70 -15.14
C VAL F 284 -1.06 22.09 -15.71
N MET F 285 -0.87 23.09 -14.86
CA MET F 285 -1.05 24.47 -15.27
C MET F 285 -0.15 24.81 -16.45
N ALA F 286 1.10 24.34 -16.41
CA ALA F 286 2.06 24.60 -17.48
C ALA F 286 1.58 24.02 -18.81
N ILE F 287 1.13 22.77 -18.78
CA ILE F 287 0.64 22.10 -19.99
C ILE F 287 -0.60 22.79 -20.54
N ALA F 288 -1.37 23.39 -19.64
CA ALA F 288 -2.57 24.10 -20.04
C ALA F 288 -2.14 25.37 -20.76
N THR F 289 -1.03 25.96 -20.28
CA THR F 289 -0.50 27.18 -20.85
C THR F 289 0.11 26.94 -22.23
N LEU F 290 0.87 25.86 -22.36
CA LEU F 290 1.49 25.52 -23.64
C LEU F 290 0.44 25.26 -24.72
N ALA F 291 -0.67 24.63 -24.34
CA ALA F 291 -1.71 24.34 -25.31
C ALA F 291 -2.36 25.65 -25.71
N ALA F 292 -2.44 26.55 -24.75
CA ALA F 292 -3.04 27.86 -24.96
C ALA F 292 -2.16 28.73 -25.84
N CYS F 293 -0.85 28.49 -25.80
CA CYS F 293 0.09 29.27 -26.57
C CYS F 293 0.48 28.68 -27.93
N TYR F 294 0.27 27.37 -28.11
CA TYR F 294 0.65 26.74 -29.37
C TYR F 294 -0.03 27.36 -30.58
N ASN F 295 0.79 27.73 -31.55
CA ASN F 295 0.32 28.33 -32.80
C ASN F 295 -0.68 29.47 -32.61
N ASN F 296 -0.55 30.18 -31.49
CA ASN F 296 -1.44 31.31 -31.18
C ASN F 296 -0.68 32.63 -31.30
N GLN F 297 -1.10 33.47 -32.24
CA GLN F 297 -0.46 34.76 -32.47
C GLN F 297 -0.51 35.65 -31.23
N GLN F 298 -1.62 35.58 -30.51
CA GLN F 298 -1.80 36.39 -29.32
C GLN F 298 -0.66 36.37 -28.31
N VAL F 299 0.32 35.49 -28.51
CA VAL F 299 1.45 35.41 -27.60
C VAL F 299 2.31 36.65 -27.80
N PHE F 300 2.33 37.16 -29.03
CA PHE F 300 3.11 38.33 -29.37
C PHE F 300 2.33 39.63 -29.29
N LYS F 301 1.02 39.53 -29.02
CA LYS F 301 0.20 40.73 -28.88
C LYS F 301 0.10 41.09 -27.40
N GLY F 302 -0.10 40.08 -26.56
CA GLY F 302 -0.18 40.30 -25.12
C GLY F 302 0.07 39.02 -24.37
N ALA F 303 -0.55 38.89 -23.19
CA ALA F 303 -0.43 37.70 -22.36
C ALA F 303 -1.53 36.73 -22.79
N VAL F 304 -1.29 35.43 -22.65
CA VAL F 304 -2.29 34.44 -23.04
C VAL F 304 -3.06 33.93 -21.83
N LEU F 305 -4.38 33.90 -21.95
CA LEU F 305 -5.23 33.46 -20.84
C LEU F 305 -5.46 31.95 -20.83
N ILE F 306 -5.75 31.41 -19.64
CA ILE F 306 -6.00 29.99 -19.45
C ILE F 306 -7.51 29.77 -19.27
N ARG F 307 -8.11 28.84 -20.03
CA ARG F 307 -9.55 28.61 -19.94
C ARG F 307 -10.11 27.20 -19.65
N LEU F 308 -11.25 26.88 -20.25
CA LEU F 308 -11.97 25.62 -20.01
C LEU F 308 -11.30 24.25 -20.22
N GLY F 309 -11.87 23.49 -21.16
CA GLY F 309 -11.41 22.14 -21.46
C GLY F 309 -12.63 21.28 -21.74
N GLN F 310 -12.43 20.04 -22.16
CA GLN F 310 -13.56 19.16 -22.48
C GLN F 310 -14.37 18.78 -21.24
N ALA F 311 -15.35 17.89 -21.43
CA ALA F 311 -16.24 17.46 -20.35
C ALA F 311 -15.71 16.31 -19.49
N VAL F 312 -14.62 15.67 -19.92
CA VAL F 312 -14.04 14.58 -19.16
C VAL F 312 -12.98 15.13 -18.22
N THR F 313 -12.92 16.46 -18.15
CA THR F 313 -11.99 17.15 -17.28
C THR F 313 -12.84 17.83 -16.20
N LEU F 314 -14.12 17.98 -16.49
CA LEU F 314 -15.08 18.57 -15.56
C LEU F 314 -15.35 17.55 -14.45
N MET F 315 -14.84 16.33 -14.65
CA MET F 315 -15.04 15.26 -13.68
C MET F 315 -13.80 14.85 -12.91
N MET F 316 -12.68 15.52 -13.16
CA MET F 316 -11.46 15.20 -12.44
C MET F 316 -10.54 16.36 -12.13
N ASP F 317 -9.94 16.29 -10.95
CA ASP F 317 -9.03 17.30 -10.44
C ASP F 317 -7.59 16.79 -10.44
N ALA F 318 -6.64 17.71 -10.34
CA ALA F 318 -5.23 17.35 -10.37
C ALA F 318 -4.71 16.74 -9.07
N THR F 319 -5.49 15.86 -8.45
CA THR F 319 -5.07 15.26 -7.19
C THR F 319 -4.78 13.76 -7.18
N ASN F 320 -4.80 13.12 -8.34
CA ASN F 320 -4.47 11.70 -8.42
C ASN F 320 -3.80 11.52 -9.77
N MET F 321 -2.84 10.61 -9.83
CA MET F 321 -2.08 10.39 -11.05
C MET F 321 -2.88 10.05 -12.31
N PRO F 322 -3.90 9.17 -12.21
CA PRO F 322 -4.67 8.87 -13.42
C PRO F 322 -5.43 10.10 -13.92
N ALA F 323 -5.88 10.94 -13.00
CA ALA F 323 -6.60 12.15 -13.39
C ALA F 323 -5.64 13.14 -14.06
N VAL F 324 -4.41 13.20 -13.54
CA VAL F 324 -3.39 14.09 -14.08
C VAL F 324 -2.97 13.64 -15.49
N LYS F 325 -2.81 12.33 -15.68
CA LYS F 325 -2.43 11.80 -16.99
C LYS F 325 -3.52 12.22 -17.97
N ALA F 326 -4.76 11.88 -17.63
CA ALA F 326 -5.90 12.20 -18.47
C ALA F 326 -5.84 13.66 -18.87
N ILE F 327 -5.62 14.55 -17.91
CA ILE F 327 -5.52 15.97 -18.21
C ILE F 327 -4.41 16.20 -19.24
N ILE F 328 -3.20 15.77 -18.91
CA ILE F 328 -2.07 15.93 -19.80
C ILE F 328 -2.40 15.43 -21.20
N TYR F 329 -2.89 14.19 -21.28
CA TYR F 329 -3.22 13.60 -22.57
C TYR F 329 -4.25 14.44 -23.33
N GLN F 330 -5.19 15.04 -22.61
CA GLN F 330 -6.21 15.87 -23.24
C GLN F 330 -5.50 17.01 -23.97
N TYR F 331 -4.71 17.77 -23.23
CA TYR F 331 -3.98 18.90 -23.79
C TYR F 331 -3.02 18.47 -24.90
N MET F 332 -2.51 17.26 -24.81
CA MET F 332 -1.61 16.78 -25.86
C MET F 332 -2.41 16.75 -27.16
N GLU F 333 -3.70 16.43 -27.03
CA GLU F 333 -4.60 16.35 -28.18
C GLU F 333 -5.00 17.73 -28.67
N GLU F 334 -5.34 18.62 -27.73
CA GLU F 334 -5.73 19.98 -28.08
C GLU F 334 -4.68 20.61 -28.99
N ILE F 335 -3.42 20.20 -28.83
CA ILE F 335 -2.33 20.72 -29.64
C ILE F 335 -2.26 19.97 -30.98
N TYR F 336 -2.10 18.65 -30.91
CA TYR F 336 -2.02 17.83 -32.12
C TYR F 336 -3.08 18.31 -33.11
N HIS F 337 -4.30 18.41 -32.61
CA HIS F 337 -5.46 18.85 -33.39
C HIS F 337 -5.20 20.05 -34.28
N ARG F 338 -4.32 20.94 -33.82
CA ARG F 338 -4.03 22.17 -34.54
C ARG F 338 -2.63 22.33 -35.14
N ILE F 339 -1.89 21.25 -35.30
CA ILE F 339 -0.55 21.35 -35.88
C ILE F 339 -0.65 21.53 -37.40
N PRO F 340 -0.54 22.78 -37.88
CA PRO F 340 -0.64 23.06 -39.32
C PRO F 340 0.41 22.34 -40.15
N ASP F 341 -0.04 21.69 -41.22
CA ASP F 341 0.86 20.97 -42.13
C ASP F 341 2.00 21.92 -42.47
N SER F 342 1.64 23.20 -42.56
CA SER F 342 2.59 24.26 -42.91
C SER F 342 3.75 24.42 -41.94
N ASN F 343 3.46 24.46 -40.64
CA ASN F 343 4.51 24.66 -39.65
C ASN F 343 5.69 23.75 -39.93
N PRO F 344 6.91 24.30 -39.90
CA PRO F 344 8.12 23.50 -40.16
C PRO F 344 8.46 22.52 -39.06
N SER F 345 7.77 22.64 -37.94
CA SER F 345 8.01 21.77 -36.81
C SER F 345 6.97 20.64 -36.76
N SER F 346 5.85 20.83 -37.44
CA SER F 346 4.78 19.85 -37.48
C SER F 346 5.23 18.39 -37.32
N SER F 347 6.20 17.99 -38.12
CA SER F 347 6.71 16.63 -38.08
C SER F 347 7.22 16.29 -36.67
N LYS F 348 8.05 17.16 -36.12
CA LYS F 348 8.61 16.94 -34.79
C LYS F 348 7.56 17.09 -33.67
N THR F 349 6.60 17.99 -33.86
CA THR F 349 5.56 18.18 -32.86
C THR F 349 4.67 16.93 -32.78
N ARG F 350 4.46 16.29 -33.91
CA ARG F 350 3.64 15.08 -33.95
C ARG F 350 4.40 13.87 -33.41
N GLN F 351 5.71 13.87 -33.59
CA GLN F 351 6.54 12.77 -33.11
C GLN F 351 6.52 12.66 -31.59
N ILE F 352 6.83 13.75 -30.92
CA ILE F 352 6.86 13.75 -29.46
C ILE F 352 5.50 13.44 -28.83
N ILE F 353 4.42 13.95 -29.44
CA ILE F 353 3.09 13.69 -28.91
C ILE F 353 2.70 12.23 -29.12
N SER F 354 3.04 11.69 -30.28
CA SER F 354 2.73 10.30 -30.56
C SER F 354 3.44 9.41 -29.53
N THR F 355 4.68 9.79 -29.20
CA THR F 355 5.50 9.05 -28.25
C THR F 355 4.94 9.15 -26.82
N ILE F 356 4.46 10.33 -26.46
CA ILE F 356 3.90 10.54 -25.13
C ILE F 356 2.62 9.72 -24.97
N ARG F 357 1.85 9.60 -26.05
CA ARG F 357 0.61 8.83 -26.03
C ARG F 357 0.88 7.33 -25.93
N THR F 358 2.00 6.91 -26.50
CA THR F 358 2.35 5.50 -26.53
C THR F 358 3.14 4.89 -25.38
N GLN F 359 3.69 5.70 -24.49
CA GLN F 359 4.45 5.14 -23.37
C GLN F 359 3.49 4.63 -22.29
OAE 8PH G . -10.01 -35.16 12.24
PAY 8PH G . -10.67 -33.71 11.99
OAF 8PH G . -12.24 -33.97 11.84
OAB 8PH G . -10.09 -33.01 10.82
CAX 8PH G . -10.46 -32.76 13.58
PAZ 8PH G . -10.63 -33.97 15.00
OAG 8PH G . -10.80 -33.09 16.34
OAH 8PH G . -12.03 -34.72 14.77
OAC 8PH G . -9.49 -34.91 15.09
OAD 8PH G . -9.24 -32.01 13.63
CAU 8PH G . -11.61 -31.76 13.67
NAW 8PH G . -11.72 -30.93 12.45
CAK 8PH G . -10.83 -30.04 12.00
CAJ 8PH G . -12.79 -30.86 11.67
CAI 8PH G . -12.57 -29.95 10.74
NAV 8PH G . -11.36 -29.45 10.93
CAT 8PH G . -10.68 -28.42 10.09
CAS 8PH G . -11.04 -27.01 10.54
CAR 8PH G . -10.26 -25.94 9.77
CAQ 8PH G . -10.39 -26.15 8.26
CAP 8PH G . -10.64 -24.84 7.51
CAO 8PH G . -9.54 -23.80 7.73
CAN 8PH G . -9.80 -22.64 6.77
CAM 8PH G . -8.81 -21.48 6.97
CAL 8PH G . -9.07 -20.43 5.89
CAA 8PH G . -8.38 -19.10 6.23
CAR 8PH H . -4.73 -25.74 11.95
CAQ 8PH H . -5.50 -24.57 11.34
CAP 8PH H . -6.97 -24.65 11.75
CAO 8PH H . -7.47 -23.23 12.02
CAN 8PH H . -8.94 -23.28 12.45
CAM 8PH H . -9.38 -21.89 12.92
CAL 8PH H . -10.82 -21.95 13.43
CAA 8PH H . -11.28 -20.56 13.85
OAE 8PH I . -3.16 -33.01 17.74
PAY 8PH I . -4.35 -32.63 16.71
OAF 8PH I . -5.70 -32.66 17.57
OAB 8PH I . -4.40 -33.56 15.56
CAX 8PH I . -4.06 -30.86 16.22
PAZ 8PH I . -4.09 -29.78 17.75
OAG 8PH I . -3.83 -28.27 17.22
OAH 8PH I . -5.60 -29.81 18.28
OAC 8PH I . -3.11 -30.20 18.76
OAD 8PH I . -2.89 -30.67 15.42
CAU 8PH I . -5.25 -30.43 15.36
NAW 8PH I . -4.79 -30.05 14.01
CAK 8PH I . -4.75 -30.84 12.95
CAJ 8PH I . -4.26 -28.88 13.67
CAI 8PH I . -3.85 -28.95 12.41
NAV 8PH I . -4.17 -30.16 11.96
CAT 8PH I . -3.89 -30.69 10.61
CAS 8PH I . -4.31 -29.69 9.53
OAE 8PH J . 28.46 -23.04 -14.21
PAY 8PH J . 28.04 -21.67 -14.95
OAF 8PH J . 29.28 -21.32 -15.92
OAB 8PH J . 27.73 -20.59 -14.00
CAX 8PH J . 26.61 -22.11 -16.07
PAZ 8PH J . 26.99 -23.71 -16.93
OAG 8PH J . 25.56 -24.35 -17.33
OAH 8PH J . 27.71 -23.32 -18.31
OAC 8PH J . 27.80 -24.64 -16.10
OAD 8PH J . 25.35 -22.10 -15.41
CAU 8PH J . 26.54 -21.05 -17.17
NAW 8PH J . 26.33 -19.68 -16.63
CAK 8PH J . 25.38 -19.32 -15.76
CAJ 8PH J . 26.82 -18.60 -17.20
CAI 8PH J . 26.15 -17.55 -16.73
NAV 8PH J . 25.27 -17.99 -15.84
CAT 8PH J . 24.35 -17.13 -15.06
CAS 8PH J . 24.80 -15.67 -15.17
CAR 8PH J . 23.79 -14.71 -14.53
CAQ 8PH J . 23.68 -14.97 -13.03
CAP 8PH J . 23.48 -13.63 -12.33
CAO 8PH J . 22.25 -12.92 -12.90
CAN 8PH J . 22.27 -11.46 -12.41
CAM 8PH J . 20.97 -11.16 -11.68
CAL 8PH J . 21.02 -9.71 -11.15
CAA 8PH J . 19.71 -9.41 -10.40
CAS 8PH K . 20.72 -19.96 -9.33
CAR 8PH K . 20.77 -18.43 -9.38
CAQ 8PH K . 20.04 -17.94 -10.63
CAP 8PH K . 20.21 -16.43 -10.74
CAO 8PH K . 20.16 -16.00 -12.21
CAN 8PH K . 18.78 -16.24 -12.82
CAM 8PH K . 18.81 -15.64 -14.23
CAL 8PH K . 17.41 -15.62 -14.84
CAA 8PH K . 17.48 -14.98 -16.23
OAE 8PH L . 28.86 -11.78 32.24
PAY 8PH L . 28.42 -10.32 31.75
OAF 8PH L . 29.52 -9.31 32.33
OAB 8PH L . 27.04 -9.98 32.18
CAX 8PH L . 28.63 -10.32 29.90
PAZ 8PH L . 30.27 -11.10 29.48
OAG 8PH L . 30.57 -10.69 27.95
OAH 8PH L . 31.35 -10.34 30.38
OAC 8PH L . 30.27 -12.57 29.69
OAD 8PH L . 27.52 -10.89 29.19
CAU 8PH L . 28.71 -8.86 29.44
NAW 8PH L . 27.48 -8.13 29.79
CAK 8PH L . 26.37 -8.07 29.06
CAJ 8PH L . 27.33 -7.28 30.82
CAI 8PH L . 26.14 -6.71 30.71
NAV 8PH L . 25.53 -7.20 29.63
CAT 8PH L . 24.10 -7.05 29.31
CAS 8PH L . 23.83 -7.46 27.86
CAR 8PH L . 22.33 -7.71 27.64
CAQ 8PH L . 21.53 -6.41 27.69
CAP 8PH L . 20.87 -6.20 26.32
CAO 8PH L . 19.78 -5.14 26.40
CAN 8PH L . 19.21 -4.95 24.99
CAM 8PH L . 18.01 -3.98 25.01
CAL 8PH L . 17.35 -4.01 23.63
CAA 8PH L . 16.17 -3.03 23.61
OAE 8PH M . -23.46 6.79 -31.15
PAY 8PH M . -23.40 5.60 -30.07
OAF 8PH M . -24.93 5.19 -29.79
OAB 8PH M . -22.68 5.99 -28.83
CAX 8PH M . -22.62 4.13 -30.94
PAZ 8PH M . -22.96 4.26 -32.77
OAG 8PH M . -23.22 2.76 -33.29
OAH 8PH M . -24.37 5.03 -32.92
OAC 8PH M . -21.87 4.94 -33.51
OAD 8PH M . -21.23 3.98 -30.65
CAU 8PH M . -23.33 2.87 -30.46
NAW 8PH M . -22.60 2.22 -29.34
CAK 8PH M . -22.13 2.78 -28.23
CAJ 8PH M . -22.24 0.94 -29.33
CAI 8PH M . -21.54 0.71 -28.23
NAV 8PH M . -21.46 1.85 -27.54
CAT 8PH M . -20.61 2.07 -26.35
CAS 8PH M . -21.17 1.36 -25.11
CAR 8PH M . -20.29 1.62 -23.89
CAQ 8PH M . -21.04 1.18 -22.63
CAP 8PH M . -20.40 -0.02 -21.92
CAO 8PH M . -19.25 0.41 -21.01
CAN 8PH M . -19.03 -0.69 -19.96
CAM 8PH M . -17.85 -0.35 -19.05
CAL 8PH M . -17.93 -1.22 -17.79
CAA 8PH M . -16.67 -1.06 -16.95
OAE 8PH N . -30.58 25.18 5.85
PAY 8PH N . -29.48 24.56 6.85
OAF 8PH N . -30.10 24.66 8.33
OAB 8PH N . -28.17 25.24 6.74
CAX 8PH N . -29.38 22.73 6.44
PAZ 8PH N . -30.54 22.37 5.01
OAG 8PH N . -30.12 20.93 4.45
OAH 8PH N . -32.02 22.20 5.65
OAC 8PH N . -30.48 23.41 3.97
OAD 8PH N . -28.06 22.29 6.19
CAU 8PH N . -29.88 21.97 7.67
NAW 8PH N . -28.82 21.93 8.70
CAK 8PH N . -28.77 22.60 9.85
CAJ 8PH N . -27.74 21.17 8.62
CAI 8PH N . -27.00 21.39 9.72
NAV 8PH N . -27.63 22.29 10.46
CAT 8PH N . -27.02 23.04 11.57
CAS 8PH N . -25.77 22.31 12.09
CAR 8PH N . -26.20 20.95 12.63
CAQ 8PH N . -25.19 19.88 12.21
CAP 8PH N . -23.87 19.98 12.97
CAO 8PH N . -23.02 18.82 12.44
CAN 8PH N . -21.66 18.73 13.14
CAM 8PH N . -20.98 17.47 12.60
CAL 8PH N . -19.66 17.23 13.34
CAA 8PH N . -18.94 16.04 12.68
OAE 8PH O . 9.54 35.25 -14.61
PAY 8PH O . 10.23 34.29 -13.52
OAF 8PH O . 11.73 34.84 -13.33
OAB 8PH O . 10.20 32.87 -13.93
CAX 8PH O . 9.36 34.61 -11.90
PAZ 8PH O . 9.14 36.46 -11.70
OAG 8PH O . 8.25 36.67 -10.37
OAH 8PH O . 10.60 37.05 -11.37
OAC 8PH O . 8.52 37.09 -12.89
OAD 8PH O . 8.13 33.88 -11.75
CAU 8PH O . 10.30 34.13 -10.81
NAW 8PH O . 10.71 32.73 -11.07
CAK 8PH O . 9.89 31.68 -11.12
CAJ 8PH O . 11.95 32.27 -11.13
CAI 8PH O . 11.90 30.95 -11.20
NAV 8PH O . 10.63 30.58 -11.17
CAT 8PH O . 10.12 29.22 -10.86
CAS 8PH O . 11.19 28.39 -10.14
CAR 8PH O . 10.65 27.01 -9.74
CAQ 8PH O . 10.16 26.26 -10.97
CAP 8PH O . 10.30 24.75 -10.79
CAO 8PH O . 9.49 24.21 -9.61
CAN 8PH O . 9.77 22.72 -9.49
CAM 8PH O . 8.97 22.06 -8.37
CAL 8PH O . 9.28 20.57 -8.37
CAA 8PH O . 8.31 19.81 -7.46
OAE 8PH P . 0.40 35.96 -8.39
PAY 8PH P . 1.17 34.59 -8.76
OAF 8PH P . 0.41 33.43 -7.94
OAB 8PH P . 2.62 34.66 -8.45
CAX 8PH P . 0.83 34.28 -10.57
PAZ 8PH P . -1.02 34.12 -10.82
OAG 8PH P . -1.33 32.54 -10.89
OAH 8PH P . -1.70 34.65 -9.46
OAC 8PH P . -1.50 34.85 -12.02
OAD 8PH P . 1.45 35.21 -11.44
CAU 8PH P . 1.38 32.89 -10.93
NAW 8PH P . 2.70 32.65 -10.30
CAK 8PH P . 2.87 31.71 -9.39
CAJ 8PH P . 3.87 32.83 -10.90
CAI 8PH P . 4.72 31.91 -10.44
NAV 8PH P . 4.09 31.17 -9.55
CAT 8PH P . 4.41 29.77 -9.23
CAS 8PH P . 3.14 28.92 -9.11
CAR 8PH P . 3.50 27.45 -8.87
CAQ 8PH P . 4.52 27.33 -7.73
CAP 8PH P . 5.76 26.64 -8.29
CAO 8PH P . 7.04 27.06 -7.57
CAN 8PH P . 7.22 26.32 -6.24
CAM 8PH P . 8.53 26.81 -5.61
CAL 8PH P . 8.80 26.09 -4.29
CAA 8PH P . 10.00 26.74 -3.61
#